data_9F6R
#
_entry.id   9F6R
#
_cell.length_a   210.738
_cell.length_b   210.738
_cell.length_c   114.799
_cell.angle_alpha   90.000
_cell.angle_beta   90.000
_cell.angle_gamma   120.000
#
_symmetry.space_group_name_H-M   'P 61'
#
loop_
_entity.id
_entity.type
_entity.pdbx_description
1 polymer Acetylcholinesterase
2 branched 2-acetamido-2-deoxy-beta-D-glucopyranose-(1-4)-[alpha-L-fucopyranose-(1-6)]2-acetamido-2-deoxy-beta-D-glucopyranose
3 branched beta-D-mannopyranose-(1-4)-2-acetamido-2-deoxy-beta-D-glucopyranose-(1-4)-[alpha-L-fucopyranose-(1-6)]2-acetamido-2-deoxy-beta-D-glucopyranose
4 branched 'N-acetyl-alpha-neuraminic acid-(2-3)-beta-L-galactopyranose'
5 non-polymer 'SULFATE ION'
6 non-polymer GLYCEROL
7 non-polymer '4-(2-HYDROXYETHYL)-1-PIPERAZINE ETHANESULFONIC ACID'
8 non-polymer 2-[(~{Z})-hydroxyiminomethyl]-6-[4-(quinolin-4-ylamino)butyl]pyridin-3-ol
9 non-polymer 'CHLORIDE ION'
10 non-polymer 'SODIUM ION'
11 non-polymer 'MAGNESIUM ION'
12 non-polymer N-Acetyl-D-Talosamine
13 non-polymer 'ACETATE ION'
14 water water
#
_entity_poly.entity_id   1
_entity_poly.type   'polypeptide(L)'
_entity_poly.pdbx_seq_one_letter_code
;EGREDAELLVTVRGGRLRGIRLKTPGGPVSAFLGIPFAEPPMGPRRFLPPEPKQPWSGVVDATTFQSVCYQYVDTLYPGF
EGTEMWNPNRELSEDCLYLNVWTPYPRPTSPTPVLVWIYGGGFYSGASSLDVYDGRFLVQAERTVLVSMNYRVGAFGFLA
LPGSREAPGNVGLLDQRLALQWVQENVAAFGGDPTSVTLFGE(OAS)AGAASVGMHLLSPPSRGLFHRAVLQSGAPNGPW
ATVGMGEARRRATQLAHLVGCPPGGTGGNDTELVACLRTRPAQVLVNHEWHVLPQESVFRFSFVPVVDGDFLSDTPEALI
NAGDFHGLQVLVGVVKDEGSYFLVYGAPGFSKDNESLISRAEFLAGVRVGVPQVSDLAAEAVVLHYTDWLHPEDPARLRE
ALSDVVGDHNVVCPVAQLAGRLAAQGARVYAYVFEHRASTLSWPLWMGVPHGYEIEFIFGIPLDPSRNYTAEEKIFAQRL
MRYWANFARTGDPNEPRDPKAPQWPPYTAGAQQYVSLDLRPLEVRRGLRAQACAFWNRFLPKLLSAT
;
_entity_poly.pdbx_strand_id   A,B
#
loop_
_chem_comp.id
_chem_comp.type
_chem_comp.name
_chem_comp.formula
A1AAJ non-polymer N-Acetyl-D-Talosamine 'C8 H15 N O6'
A1IAS non-polymer 2-[(~{Z})-hydroxyiminomethyl]-6-[4-(quinolin-4-ylamino)butyl]pyridin-3-ol 'C19 H20 N4 O2'
ACT non-polymer 'ACETATE ION' 'C2 H3 O2 -1'
BMA D-saccharide, beta linking beta-D-mannopyranose 'C6 H12 O6'
CL non-polymer 'CHLORIDE ION' 'Cl -1'
EPE non-polymer '4-(2-HYDROXYETHYL)-1-PIPERAZINE ETHANESULFONIC ACID' 'C8 H18 N2 O4 S'
FUC L-saccharide, alpha linking alpha-L-fucopyranose 'C6 H12 O5'
GIV L-saccharide, beta linking beta-L-galactopyranose 'C6 H12 O6'
GOL non-polymer GLYCEROL 'C3 H8 O3'
MG non-polymer 'MAGNESIUM ION' 'Mg 2'
NA non-polymer 'SODIUM ION' 'Na 1'
NAG D-saccharide, beta linking 2-acetamido-2-deoxy-beta-D-glucopyranose 'C8 H15 N O6'
SIA D-saccharide, alpha linking 'N-acetyl-alpha-neuraminic acid' 'C11 H19 N O9'
SO4 non-polymer 'SULFATE ION' 'O4 S -2'
#
# COMPACT_ATOMS: atom_id res chain seq x y z
N ASP A 5 20.18 22.41 -57.49
CA ASP A 5 19.73 22.92 -56.21
C ASP A 5 20.85 23.67 -55.51
N ALA A 6 20.51 24.81 -54.89
CA ALA A 6 21.45 25.58 -54.10
C ALA A 6 21.12 25.62 -52.61
N GLU A 7 19.86 25.37 -52.23
CA GLU A 7 19.48 25.25 -50.83
C GLU A 7 20.07 23.99 -50.19
N LEU A 8 20.47 23.01 -50.99
CA LEU A 8 21.10 21.80 -50.49
C LEU A 8 22.60 21.97 -50.28
N LEU A 9 23.12 23.19 -50.33
CA LEU A 9 24.53 23.46 -50.09
C LEU A 9 24.63 24.53 -49.02
N VAL A 10 25.11 24.14 -47.84
CA VAL A 10 25.24 25.03 -46.69
C VAL A 10 26.67 24.97 -46.21
N THR A 11 27.18 26.11 -45.75
CA THR A 11 28.55 26.24 -45.26
C THR A 11 28.50 26.50 -43.76
N VAL A 12 28.81 25.46 -42.97
CA VAL A 12 28.93 25.62 -41.52
C VAL A 12 30.35 26.10 -41.22
N ARG A 13 30.62 26.37 -39.94
CA ARG A 13 31.90 26.95 -39.55
C ARG A 13 33.07 26.08 -39.98
N GLY A 14 32.88 24.75 -39.95
CA GLY A 14 33.94 23.84 -40.30
C GLY A 14 34.17 23.67 -41.79
N GLY A 15 33.12 23.79 -42.59
CA GLY A 15 33.26 23.62 -44.03
C GLY A 15 31.91 23.66 -44.72
N ARG A 16 31.85 23.05 -45.89
CA ARG A 16 30.66 23.06 -46.72
C ARG A 16 30.01 21.68 -46.75
N LEU A 17 28.68 21.66 -46.79
CA LEU A 17 27.91 20.42 -46.85
C LEU A 17 27.12 20.34 -48.15
N ARG A 18 26.91 19.13 -48.63
CA ARG A 18 26.04 18.84 -49.77
C ARG A 18 24.86 18.03 -49.24
N GLY A 19 23.72 18.70 -49.06
CA GLY A 19 22.55 18.06 -48.50
C GLY A 19 21.77 17.26 -49.53
N ILE A 20 20.62 16.76 -49.08
CA ILE A 20 19.72 15.99 -49.91
C ILE A 20 18.28 16.40 -49.59
N ARG A 21 17.45 16.48 -50.61
CA ARG A 21 16.05 16.86 -50.46
C ARG A 21 15.20 15.61 -50.30
N LEU A 22 14.50 15.52 -49.17
CA LEU A 22 13.63 14.38 -48.89
C LEU A 22 12.19 14.70 -49.27
N LYS A 23 11.47 13.70 -49.75
CA LYS A 23 10.12 13.88 -50.27
C LYS A 23 9.11 13.41 -49.24
N THR A 24 8.33 14.35 -48.71
CA THR A 24 7.18 14.16 -47.84
C THR A 24 5.90 14.41 -48.62
N PRO A 25 4.85 13.59 -48.43
CA PRO A 25 3.61 13.78 -49.18
C PRO A 25 3.03 15.19 -49.08
N GLY A 26 3.43 15.93 -48.05
CA GLY A 26 3.01 17.31 -47.92
C GLY A 26 3.94 18.34 -48.54
N GLY A 27 5.16 17.93 -48.92
CA GLY A 27 6.11 18.83 -49.50
C GLY A 27 7.54 18.34 -49.38
N PRO A 28 8.50 19.12 -49.88
CA PRO A 28 9.90 18.72 -49.77
C PRO A 28 10.54 19.20 -48.48
N VAL A 29 11.58 18.48 -48.07
CA VAL A 29 12.36 18.83 -46.88
C VAL A 29 13.83 18.76 -47.24
N SER A 30 14.61 19.73 -46.76
CA SER A 30 16.05 19.73 -46.95
C SER A 30 16.72 19.06 -45.77
N ALA A 31 17.52 18.02 -46.04
CA ALA A 31 18.16 17.21 -45.01
C ALA A 31 19.67 17.23 -45.19
N PHE A 32 20.39 17.22 -44.06
CA PHE A 32 21.85 17.16 -44.04
C PHE A 32 22.23 16.05 -43.07
N LEU A 33 22.51 14.87 -43.60
CA LEU A 33 22.70 13.67 -42.80
C LEU A 33 24.18 13.30 -42.74
N GLY A 34 24.67 13.04 -41.53
CA GLY A 34 26.04 12.59 -41.36
C GLY A 34 27.05 13.72 -41.29
N ILE A 35 26.73 14.76 -40.52
CA ILE A 35 27.62 15.90 -40.35
C ILE A 35 28.57 15.59 -39.19
N PRO A 36 29.88 15.56 -39.42
CA PRO A 36 30.81 15.32 -38.31
C PRO A 36 30.86 16.51 -37.36
N PHE A 37 30.60 16.26 -36.08
CA PHE A 37 30.72 17.28 -35.05
C PHE A 37 31.87 17.00 -34.09
N ALA A 38 32.64 15.94 -34.32
CA ALA A 38 33.77 15.61 -33.48
C ALA A 38 34.77 14.79 -34.28
N GLU A 39 36.04 14.88 -33.88
CA GLU A 39 37.06 14.03 -34.46
C GLU A 39 36.79 12.57 -34.08
N PRO A 40 37.09 11.63 -34.97
CA PRO A 40 36.81 10.21 -34.68
C PRO A 40 37.45 9.76 -33.38
N PRO A 41 36.63 9.34 -32.41
CA PRO A 41 37.16 8.95 -31.09
C PRO A 41 37.74 7.54 -31.09
N MET A 42 38.84 7.38 -31.82
CA MET A 42 39.49 6.09 -32.00
C MET A 42 40.91 6.14 -31.46
N GLY A 43 41.46 4.95 -31.20
CA GLY A 43 42.81 4.83 -30.69
C GLY A 43 42.94 5.40 -29.30
N PRO A 44 43.89 6.33 -29.12
CA PRO A 44 44.06 6.95 -27.80
C PRO A 44 42.86 7.78 -27.36
N ARG A 45 41.96 8.12 -28.28
CA ARG A 45 40.77 8.90 -27.94
C ARG A 45 39.63 8.06 -27.40
N ARG A 46 39.72 6.73 -27.50
CA ARG A 46 38.68 5.87 -26.94
C ARG A 46 38.59 6.10 -25.43
N PHE A 47 37.36 6.16 -24.92
CA PHE A 47 37.00 6.42 -23.53
C PHE A 47 37.26 7.87 -23.11
N LEU A 48 37.76 8.72 -24.00
CA LEU A 48 38.05 10.11 -23.68
C LEU A 48 36.94 11.02 -24.18
N PRO A 49 36.80 12.21 -23.59
CA PRO A 49 35.79 13.15 -24.07
C PRO A 49 36.05 13.52 -25.51
N PRO A 50 35.01 13.89 -26.26
CA PRO A 50 35.20 14.24 -27.66
C PRO A 50 35.75 15.64 -27.81
N GLU A 51 36.46 15.86 -28.92
CA GLU A 51 36.90 17.20 -29.24
C GLU A 51 36.39 17.61 -30.61
N PRO A 52 36.14 18.91 -30.83
CA PRO A 52 35.40 19.33 -32.03
C PRO A 52 36.09 18.92 -33.32
N LYS A 53 35.27 18.62 -34.32
CA LYS A 53 35.77 18.30 -35.66
C LYS A 53 36.48 19.51 -36.24
N GLN A 54 37.73 19.33 -36.62
CA GLN A 54 38.51 20.43 -37.17
C GLN A 54 38.01 20.77 -38.58
N PRO A 55 38.21 22.03 -39.01
CA PRO A 55 37.72 22.43 -40.34
C PRO A 55 38.30 21.56 -41.44
N TRP A 56 37.41 21.14 -42.34
CA TRP A 56 37.78 20.27 -43.45
C TRP A 56 37.83 21.06 -44.75
N SER A 57 38.23 20.38 -45.82
CA SER A 57 38.27 20.95 -47.15
C SER A 57 37.33 20.17 -48.06
N GLY A 58 36.88 20.84 -49.12
CA GLY A 58 35.91 20.24 -50.00
C GLY A 58 34.50 20.38 -49.46
N VAL A 59 33.62 19.50 -49.94
CA VAL A 59 32.22 19.49 -49.55
C VAL A 59 31.91 18.11 -48.98
N VAL A 60 31.45 18.08 -47.72
CA VAL A 60 31.11 16.82 -47.08
C VAL A 60 29.81 16.28 -47.65
N ASP A 61 29.84 15.02 -48.09
CA ASP A 61 28.65 14.33 -48.58
C ASP A 61 27.68 14.13 -47.43
N ALA A 62 26.71 15.02 -47.30
CA ALA A 62 25.70 14.94 -46.24
C ALA A 62 24.39 14.39 -46.76
N THR A 63 24.43 13.33 -47.57
CA THR A 63 23.24 12.80 -48.22
C THR A 63 22.78 11.47 -47.64
N THR A 64 23.45 10.94 -46.62
CA THR A 64 23.05 9.67 -46.02
C THR A 64 23.58 9.61 -44.60
N PHE A 65 22.94 8.75 -43.80
CA PHE A 65 23.34 8.59 -42.41
C PHE A 65 24.72 7.94 -42.32
N GLN A 66 25.50 8.38 -41.34
CA GLN A 66 26.82 7.83 -41.11
C GLN A 66 26.72 6.59 -40.22
N SER A 67 27.85 6.07 -39.80
CA SER A 67 27.90 4.79 -39.11
C SER A 67 27.23 4.87 -37.75
N VAL A 68 26.78 3.71 -37.28
CA VAL A 68 26.20 3.55 -35.95
C VAL A 68 27.33 3.22 -34.98
N CYS A 69 27.30 3.86 -33.80
CA CYS A 69 28.31 3.57 -32.79
C CYS A 69 28.24 2.10 -32.37
N TYR A 70 29.41 1.54 -32.07
CA TYR A 70 29.49 0.13 -31.70
C TYR A 70 28.60 -0.18 -30.52
N GLN A 71 27.80 -1.22 -30.65
CA GLN A 71 26.81 -1.55 -29.63
C GLN A 71 26.45 -3.02 -29.74
N TYR A 72 25.79 -3.53 -28.70
CA TYR A 72 25.28 -4.89 -28.70
C TYR A 72 24.00 -4.94 -29.53
N VAL A 73 23.96 -5.81 -30.52
CA VAL A 73 22.76 -6.03 -31.33
C VAL A 73 21.96 -7.15 -30.68
N ASP A 74 20.73 -6.85 -30.29
CA ASP A 74 19.90 -7.82 -29.59
C ASP A 74 19.39 -8.87 -30.57
N THR A 75 19.70 -10.13 -30.27
CA THR A 75 19.31 -11.27 -31.10
C THR A 75 18.17 -12.06 -30.47
N LEU A 76 17.34 -11.38 -29.67
CA LEU A 76 16.26 -12.06 -28.94
C LEU A 76 15.26 -12.69 -29.91
N TYR A 77 14.51 -11.90 -30.65
CA TYR A 77 13.54 -12.42 -31.63
C TYR A 77 13.95 -12.00 -33.03
N PRO A 78 14.71 -12.82 -33.75
CA PRO A 78 15.17 -12.44 -35.08
C PRO A 78 14.01 -12.31 -36.05
N GLY A 79 14.13 -11.34 -36.95
CA GLY A 79 13.11 -11.12 -37.96
C GLY A 79 11.80 -10.57 -37.45
N PHE A 80 11.74 -10.16 -36.18
CA PHE A 80 10.52 -9.63 -35.59
C PHE A 80 10.61 -8.11 -35.55
N GLU A 81 9.69 -7.44 -36.25
CA GLU A 81 9.76 -5.99 -36.40
C GLU A 81 9.80 -5.28 -35.05
N GLY A 82 9.12 -5.83 -34.04
CA GLY A 82 9.08 -5.16 -32.74
C GLY A 82 10.45 -5.01 -32.10
N THR A 83 11.38 -5.89 -32.42
CA THR A 83 12.74 -5.80 -31.92
C THR A 83 13.76 -5.38 -32.97
N GLU A 84 13.55 -5.75 -34.24
CA GLU A 84 14.50 -5.38 -35.28
C GLU A 84 14.49 -3.89 -35.57
N MET A 85 13.41 -3.18 -35.25
CA MET A 85 13.33 -1.76 -35.55
C MET A 85 14.33 -0.94 -34.73
N TRP A 86 14.82 -1.49 -33.63
CA TRP A 86 15.78 -0.78 -32.78
C TRP A 86 17.22 -1.18 -33.06
N ASN A 87 17.46 -2.19 -33.90
CA ASN A 87 18.81 -2.61 -34.23
C ASN A 87 19.45 -1.63 -35.20
N PRO A 88 20.79 -1.60 -35.25
CA PRO A 88 21.46 -0.65 -36.16
C PRO A 88 21.10 -0.92 -37.61
N ASN A 89 20.78 0.14 -38.33
CA ASN A 89 20.52 0.07 -39.76
C ASN A 89 21.69 0.54 -40.61
N ARG A 90 22.81 0.91 -39.96
CA ARG A 90 24.06 1.20 -40.63
C ARG A 90 25.15 0.30 -40.05
N GLU A 91 26.33 0.35 -40.63
CA GLU A 91 27.43 -0.46 -40.11
C GLU A 91 27.95 0.11 -38.80
N LEU A 92 28.46 -0.77 -37.95
CA LEU A 92 29.04 -0.36 -36.68
C LEU A 92 30.43 0.21 -36.89
N SER A 93 30.76 1.26 -36.14
CA SER A 93 32.07 1.89 -36.24
C SER A 93 32.28 2.78 -35.03
N GLU A 94 33.54 2.87 -34.59
CA GLU A 94 33.88 3.86 -33.57
C GLU A 94 33.94 5.27 -34.15
N ASP A 95 34.08 5.39 -35.46
CA ASP A 95 33.94 6.67 -36.15
C ASP A 95 32.45 6.88 -36.42
N CYS A 96 31.77 7.40 -35.40
CA CYS A 96 30.32 7.51 -35.46
C CYS A 96 29.77 8.84 -34.97
N LEU A 97 30.60 9.76 -34.48
CA LEU A 97 30.10 11.02 -33.93
C LEU A 97 29.70 11.94 -35.08
N TYR A 98 28.48 11.73 -35.58
CA TYR A 98 27.88 12.55 -36.62
C TYR A 98 26.48 12.96 -36.19
N LEU A 99 26.02 14.09 -36.70
CA LEU A 99 24.67 14.58 -36.42
C LEU A 99 23.92 14.82 -37.73
N ASN A 100 22.61 14.96 -37.61
CA ASN A 100 21.73 15.16 -38.75
C ASN A 100 20.86 16.38 -38.51
N VAL A 101 20.55 17.10 -39.59
CA VAL A 101 19.75 18.32 -39.51
C VAL A 101 18.70 18.28 -40.60
N TRP A 102 17.43 18.37 -40.20
CA TRP A 102 16.31 18.56 -41.12
C TRP A 102 15.83 20.00 -41.06
N THR A 103 15.52 20.58 -42.21
CA THR A 103 15.05 21.95 -42.29
C THR A 103 14.06 22.06 -43.44
N PRO A 104 13.08 22.97 -43.35
CA PRO A 104 12.09 23.09 -44.43
C PRO A 104 12.74 23.46 -45.76
N TYR A 105 12.14 22.97 -46.84
CA TYR A 105 12.74 23.16 -48.16
C TYR A 105 12.84 24.64 -48.54
N PRO A 106 11.79 25.46 -48.38
CA PRO A 106 12.03 26.91 -48.37
C PRO A 106 12.68 27.28 -47.04
N ARG A 107 14.01 27.43 -47.05
CA ARG A 107 14.74 27.66 -45.82
C ARG A 107 14.13 28.85 -45.07
N PRO A 108 13.82 28.69 -43.78
CA PRO A 108 13.04 29.73 -43.07
C PRO A 108 13.75 31.07 -43.06
N THR A 109 13.07 32.09 -43.59
CA THR A 109 13.61 33.45 -43.56
C THR A 109 13.65 34.00 -42.14
N SER A 110 12.76 33.54 -41.27
CA SER A 110 12.80 33.89 -39.86
C SER A 110 13.23 32.69 -39.04
N PRO A 111 14.08 32.88 -38.03
CA PRO A 111 14.55 31.75 -37.23
C PRO A 111 13.40 31.06 -36.49
N THR A 112 13.30 29.75 -36.69
CA THR A 112 12.31 28.90 -36.07
C THR A 112 12.90 28.18 -34.88
N PRO A 113 12.07 27.68 -33.96
CA PRO A 113 12.59 26.87 -32.87
C PRO A 113 13.25 25.60 -33.39
N VAL A 114 14.20 25.08 -32.61
CA VAL A 114 14.96 23.89 -32.97
C VAL A 114 14.61 22.78 -32.00
N LEU A 115 14.29 21.61 -32.54
CA LEU A 115 14.08 20.40 -31.75
C LEU A 115 15.29 19.48 -31.91
N VAL A 116 15.91 19.13 -30.80
CA VAL A 116 17.10 18.28 -30.80
C VAL A 116 16.72 16.95 -30.18
N TRP A 117 16.84 15.88 -30.95
CA TRP A 117 16.45 14.55 -30.53
C TRP A 117 17.65 13.78 -30.00
N ILE A 118 17.48 13.16 -28.84
CA ILE A 118 18.51 12.32 -28.22
C ILE A 118 17.92 10.92 -28.09
N TYR A 119 18.45 9.98 -28.89
CA TYR A 119 17.89 8.63 -28.89
C TYR A 119 18.21 7.91 -27.59
N GLY A 120 17.33 6.98 -27.22
CA GLY A 120 17.58 6.14 -26.07
C GLY A 120 17.76 4.69 -26.46
N GLY A 121 18.74 4.02 -25.86
CA GLY A 121 18.91 2.60 -26.11
C GLY A 121 19.39 1.90 -24.86
N GLY A 122 18.94 2.39 -23.70
CA GLY A 122 19.46 1.91 -22.43
C GLY A 122 20.91 2.26 -22.17
N PHE A 123 21.43 3.28 -22.84
CA PHE A 123 22.84 3.68 -22.81
C PHE A 123 23.78 2.59 -23.32
N TYR A 124 23.24 1.56 -23.97
CA TYR A 124 24.05 0.52 -24.60
C TYR A 124 23.78 0.34 -26.09
N SER A 125 22.77 1.00 -26.64
CA SER A 125 22.39 0.84 -28.04
C SER A 125 21.75 2.12 -28.54
N GLY A 126 21.26 2.07 -29.77
CA GLY A 126 20.54 3.17 -30.37
C GLY A 126 21.38 3.88 -31.42
N ALA A 127 20.69 4.62 -32.28
CA ALA A 127 21.33 5.39 -33.33
C ALA A 127 20.33 6.40 -33.88
N SER A 128 20.85 7.53 -34.36
CA SER A 128 20.03 8.57 -34.96
C SER A 128 19.54 8.20 -36.37
N SER A 129 19.98 7.06 -36.91
CA SER A 129 19.64 6.66 -38.26
C SER A 129 18.43 5.74 -38.33
N LEU A 130 17.84 5.38 -37.20
CA LEU A 130 16.68 4.49 -37.22
C LEU A 130 15.51 5.16 -37.93
N ASP A 131 14.68 4.32 -38.58
CA ASP A 131 13.59 4.85 -39.39
C ASP A 131 12.54 5.54 -38.55
N VAL A 132 12.30 5.09 -37.32
CA VAL A 132 11.32 5.73 -36.46
C VAL A 132 11.78 7.10 -35.98
N TYR A 133 13.02 7.48 -36.26
CA TYR A 133 13.55 8.79 -35.89
C TYR A 133 13.61 9.75 -37.08
N ASP A 134 13.03 9.39 -38.21
CA ASP A 134 13.09 10.24 -39.39
C ASP A 134 12.30 11.53 -39.14
N GLY A 135 12.99 12.66 -39.26
CA GLY A 135 12.39 13.94 -38.94
C GLY A 135 11.85 14.72 -40.11
N ARG A 136 11.63 14.04 -41.25
CA ARG A 136 11.14 14.75 -42.42
C ARG A 136 9.69 15.17 -42.27
N PHE A 137 8.88 14.38 -41.57
CA PHE A 137 7.47 14.71 -41.41
C PHE A 137 7.26 15.76 -40.33
N LEU A 138 7.98 15.64 -39.21
CA LEU A 138 7.88 16.63 -38.13
C LEU A 138 8.32 18.00 -38.59
N VAL A 139 9.25 18.08 -39.54
CA VAL A 139 9.72 19.35 -40.05
C VAL A 139 8.78 19.92 -41.09
N GLN A 140 8.36 19.07 -42.05
CA GLN A 140 7.50 19.55 -43.12
C GLN A 140 6.14 20.00 -42.60
N ALA A 141 5.62 19.31 -41.58
CA ALA A 141 4.28 19.61 -41.09
C ALA A 141 4.24 20.84 -40.20
N GLU A 142 5.31 21.12 -39.46
CA GLU A 142 5.32 22.22 -38.50
C GLU A 142 6.40 23.25 -38.75
N ARG A 143 7.17 23.13 -39.84
CA ARG A 143 8.13 24.16 -40.24
C ARG A 143 9.13 24.46 -39.13
N THR A 144 9.64 23.41 -38.49
CA THR A 144 10.65 23.52 -37.45
C THR A 144 11.96 22.90 -37.92
N VAL A 145 12.99 23.06 -37.10
CA VAL A 145 14.31 22.50 -37.39
C VAL A 145 14.54 21.33 -36.45
N LEU A 146 14.83 20.16 -37.03
CA LEU A 146 15.03 18.93 -36.27
C LEU A 146 16.49 18.52 -36.37
N VAL A 147 17.15 18.34 -35.23
CA VAL A 147 18.53 17.88 -35.17
C VAL A 147 18.58 16.61 -34.33
N SER A 148 19.32 15.61 -34.81
CA SER A 148 19.55 14.39 -34.06
C SER A 148 21.03 14.04 -34.16
N MET A 149 21.61 13.59 -33.05
CA MET A 149 23.03 13.28 -33.01
C MET A 149 23.24 11.84 -32.57
N ASN A 150 24.37 11.27 -33.01
CA ASN A 150 24.86 10.02 -32.45
C ASN A 150 25.74 10.32 -31.25
N TYR A 151 25.70 9.43 -30.26
CA TYR A 151 26.59 9.53 -29.11
C TYR A 151 27.05 8.14 -28.74
N ARG A 152 28.26 8.05 -28.21
CA ARG A 152 28.85 6.75 -27.88
C ARG A 152 28.06 6.06 -26.78
N VAL A 153 27.66 4.82 -27.05
CA VAL A 153 26.91 4.03 -26.09
C VAL A 153 27.82 2.90 -25.58
N GLY A 154 27.31 2.14 -24.62
CA GLY A 154 28.08 1.06 -24.05
C GLY A 154 29.33 1.55 -23.34
N ALA A 155 30.33 0.67 -23.28
CA ALA A 155 31.58 1.02 -22.62
C ALA A 155 32.31 2.13 -23.37
N PHE A 156 32.04 2.26 -24.67
CA PHE A 156 32.70 3.29 -25.45
C PHE A 156 32.25 4.69 -25.06
N GLY A 157 31.14 4.81 -24.34
CA GLY A 157 30.63 6.11 -23.98
C GLY A 157 30.44 6.30 -22.50
N PHE A 158 30.45 5.21 -21.72
CA PHE A 158 30.16 5.31 -20.31
C PHE A 158 31.00 4.41 -19.41
N LEU A 159 32.04 3.77 -19.94
CA LEU A 159 33.00 3.11 -19.06
C LEU A 159 33.74 4.17 -18.26
N ALA A 160 33.75 4.02 -16.94
CA ALA A 160 34.28 5.05 -16.06
C ALA A 160 35.21 4.42 -15.03
N LEU A 161 36.45 4.91 -14.99
CA LEU A 161 37.36 4.70 -13.87
C LEU A 161 37.43 6.04 -13.13
N PRO A 162 36.56 6.27 -12.16
CA PRO A 162 36.42 7.63 -11.60
C PRO A 162 37.72 8.15 -11.02
N GLY A 163 38.12 9.33 -11.49
CA GLY A 163 39.35 9.95 -11.03
C GLY A 163 40.43 9.99 -12.09
N SER A 164 40.56 8.90 -12.84
CA SER A 164 41.61 8.82 -13.85
C SER A 164 41.31 9.74 -15.02
N ARG A 165 42.37 10.26 -15.64
CA ARG A 165 42.23 11.13 -16.80
C ARG A 165 41.94 10.36 -18.07
N GLU A 166 42.26 9.06 -18.11
CA GLU A 166 42.14 8.27 -19.33
C GLU A 166 40.74 7.67 -19.51
N ALA A 167 39.95 7.56 -18.45
CA ALA A 167 38.59 7.06 -18.52
C ALA A 167 37.74 7.81 -17.49
N PRO A 168 37.41 9.07 -17.78
CA PRO A 168 36.64 9.86 -16.80
C PRO A 168 35.18 9.47 -16.71
N GLY A 169 34.62 8.84 -17.74
CA GLY A 169 33.22 8.50 -17.77
C GLY A 169 32.37 9.64 -18.32
N ASN A 170 31.10 9.31 -18.58
CA ASN A 170 30.10 10.24 -19.08
C ASN A 170 30.50 10.87 -20.41
N VAL A 171 31.46 10.27 -21.14
CA VAL A 171 31.87 10.87 -22.40
C VAL A 171 30.75 10.75 -23.43
N GLY A 172 29.84 9.79 -23.26
CA GLY A 172 28.67 9.73 -24.13
C GLY A 172 27.78 10.95 -23.95
N LEU A 173 27.62 11.40 -22.71
CA LEU A 173 26.88 12.64 -22.48
C LEU A 173 27.64 13.85 -23.03
N LEU A 174 28.97 13.81 -23.00
CA LEU A 174 29.75 14.90 -23.57
C LEU A 174 29.68 14.89 -25.10
N ASP A 175 29.43 13.74 -25.70
CA ASP A 175 29.10 13.69 -27.12
C ASP A 175 27.85 14.51 -27.41
N GLN A 176 26.81 14.33 -26.57
CA GLN A 176 25.58 15.10 -26.74
C GLN A 176 25.82 16.58 -26.52
N ARG A 177 26.54 16.92 -25.44
CA ARG A 177 26.81 18.32 -25.14
C ARG A 177 27.60 18.99 -26.25
N LEU A 178 28.57 18.28 -26.83
CA LEU A 178 29.32 18.84 -27.95
C LEU A 178 28.43 19.04 -29.17
N ALA A 179 27.49 18.11 -29.39
CA ALA A 179 26.55 18.29 -30.49
C ALA A 179 25.63 19.47 -30.23
N LEU A 180 25.25 19.70 -28.96
CA LEU A 180 24.44 20.86 -28.62
C LEU A 180 25.22 22.15 -28.86
N GLN A 181 26.50 22.17 -28.48
CA GLN A 181 27.34 23.32 -28.79
C GLN A 181 27.46 23.53 -30.29
N TRP A 182 27.47 22.45 -31.08
CA TRP A 182 27.48 22.58 -32.53
C TRP A 182 26.20 23.25 -33.02
N VAL A 183 25.08 22.96 -32.36
CA VAL A 183 23.81 23.58 -32.75
C VAL A 183 23.84 25.08 -32.47
N GLN A 184 24.36 25.47 -31.30
CA GLN A 184 24.42 26.89 -30.96
C GLN A 184 25.24 27.69 -31.96
N GLU A 185 26.23 27.05 -32.61
CA GLU A 185 27.12 27.76 -33.51
C GLU A 185 26.75 27.62 -34.98
N ASN A 186 25.92 26.64 -35.35
CA ASN A 186 25.70 26.35 -36.76
C ASN A 186 24.24 26.15 -37.16
N VAL A 187 23.31 26.07 -36.21
CA VAL A 187 21.91 25.84 -36.60
C VAL A 187 21.33 27.04 -37.32
N ALA A 188 21.91 28.23 -37.11
CA ALA A 188 21.42 29.42 -37.82
C ALA A 188 21.62 29.30 -39.31
N ALA A 189 22.63 28.55 -39.75
CA ALA A 189 22.86 28.33 -41.18
C ALA A 189 21.77 27.51 -41.85
N PHE A 190 20.83 26.97 -41.06
CA PHE A 190 19.73 26.17 -41.59
C PHE A 190 18.37 26.79 -41.34
N GLY A 191 18.33 27.98 -40.75
CA GLY A 191 17.07 28.63 -40.44
C GLY A 191 16.54 28.41 -39.03
N GLY A 192 17.38 27.99 -38.10
CA GLY A 192 16.95 27.72 -36.74
C GLY A 192 17.35 28.81 -35.77
N ASP A 193 16.61 28.88 -34.66
CA ASP A 193 16.86 29.88 -33.63
C ASP A 193 17.68 29.25 -32.52
N PRO A 194 18.96 29.61 -32.36
CA PRO A 194 19.75 29.02 -31.27
C PRO A 194 19.18 29.32 -29.89
N THR A 195 18.45 30.41 -29.73
CA THR A 195 17.85 30.75 -28.45
C THR A 195 16.53 30.05 -28.21
N SER A 196 16.10 29.18 -29.13
CA SER A 196 14.86 28.42 -28.98
C SER A 196 15.13 26.95 -29.33
N VAL A 197 16.04 26.33 -28.59
CA VAL A 197 16.38 24.92 -28.75
C VAL A 197 15.65 24.13 -27.68
N THR A 198 14.90 23.11 -28.12
CA THR A 198 14.14 22.24 -27.22
C THR A 198 14.68 20.82 -27.34
N LEU A 199 15.16 20.28 -26.22
CA LEU A 199 15.62 18.89 -26.18
C LEU A 199 14.42 17.95 -26.02
N PHE A 200 14.46 16.84 -26.74
CA PHE A 200 13.48 15.79 -26.49
C PHE A 200 14.14 14.45 -26.79
N GLY A 201 13.84 13.47 -25.93
CA GLY A 201 14.41 12.15 -26.06
C GLY A 201 13.56 11.13 -25.35
N GLU A 202 13.81 9.86 -25.66
CA GLU A 202 13.02 8.78 -25.10
C GLU A 202 13.91 7.81 -24.33
N OAS A 203 13.39 7.31 -23.21
CA OAS A 203 14.11 6.36 -22.35
CB OAS A 203 14.31 5.03 -23.08
OG OAS A 203 15.24 4.21 -22.34
C OAS A 203 15.45 6.92 -21.89
O OAS A 203 15.49 7.89 -21.14
C2A OAS A 203 15.76 2.93 -24.24
C1A OAS A 203 15.44 2.97 -22.78
OAC OAS A 203 15.39 1.99 -22.06
N ALA A 204 16.55 6.31 -22.34
CA ALA A 204 17.88 6.78 -21.99
C ALA A 204 18.12 8.17 -22.57
N GLY A 205 17.50 8.44 -23.72
CA GLY A 205 17.52 9.78 -24.27
C GLY A 205 16.80 10.79 -23.38
N ALA A 206 15.70 10.37 -22.76
CA ALA A 206 15.02 11.24 -21.80
C ALA A 206 15.85 11.41 -20.54
N ALA A 207 16.51 10.33 -20.09
CA ALA A 207 17.41 10.46 -18.96
C ALA A 207 18.59 11.37 -19.30
N SER A 208 19.09 11.28 -20.53
CA SER A 208 20.14 12.20 -20.97
C SER A 208 19.66 13.64 -20.94
N VAL A 209 18.47 13.88 -21.50
CA VAL A 209 17.88 15.22 -21.46
C VAL A 209 17.78 15.71 -20.02
N GLY A 210 17.35 14.84 -19.11
CA GLY A 210 17.24 15.22 -17.73
C GLY A 210 18.57 15.56 -17.08
N MET A 211 19.65 14.96 -17.57
CA MET A 211 20.95 15.24 -16.98
C MET A 211 21.56 16.53 -17.51
N HIS A 212 21.19 16.95 -18.72
CA HIS A 212 21.60 18.28 -19.19
C HIS A 212 20.88 19.37 -18.42
N LEU A 213 19.68 19.10 -17.92
CA LEU A 213 19.00 20.04 -17.03
C LEU A 213 19.79 20.22 -15.74
N LEU A 214 20.26 19.13 -15.15
CA LEU A 214 20.97 19.16 -13.88
C LEU A 214 22.46 19.41 -14.04
N SER A 215 22.94 19.65 -15.26
CA SER A 215 24.36 19.94 -15.48
C SER A 215 24.51 21.39 -15.91
N PRO A 216 25.09 22.25 -15.08
CA PRO A 216 25.18 23.69 -15.40
C PRO A 216 25.83 23.96 -16.75
N PRO A 217 26.94 23.30 -17.11
CA PRO A 217 27.57 23.62 -18.41
C PRO A 217 26.67 23.37 -19.61
N SER A 218 25.68 22.48 -19.50
CA SER A 218 24.79 22.20 -20.62
C SER A 218 23.53 23.06 -20.60
N ARG A 219 23.19 23.64 -19.45
CA ARG A 219 21.91 24.36 -19.32
C ARG A 219 21.85 25.57 -20.24
N GLY A 220 22.99 26.16 -20.58
CA GLY A 220 23.01 27.28 -21.50
C GLY A 220 22.90 26.92 -22.97
N LEU A 221 22.71 25.63 -23.28
CA LEU A 221 22.66 25.17 -24.67
C LEU A 221 21.25 24.91 -25.16
N PHE A 222 20.23 25.00 -24.30
CA PHE A 222 18.87 24.71 -24.71
C PHE A 222 17.90 25.47 -23.83
N HIS A 223 16.68 25.62 -24.32
CA HIS A 223 15.64 26.42 -23.66
C HIS A 223 14.60 25.56 -22.95
N ARG A 224 14.07 24.54 -23.62
CA ARG A 224 13.04 23.67 -23.07
C ARG A 224 13.47 22.22 -23.20
N ALA A 225 12.77 21.35 -22.49
CA ALA A 225 13.13 19.94 -22.43
C ALA A 225 11.88 19.07 -22.46
N VAL A 226 11.98 17.93 -23.13
CA VAL A 226 10.90 16.94 -23.16
C VAL A 226 11.49 15.59 -22.78
N LEU A 227 10.88 14.94 -21.78
CA LEU A 227 11.32 13.64 -21.30
C LEU A 227 10.21 12.63 -21.57
N GLN A 228 10.46 11.67 -22.46
CA GLN A 228 9.48 10.66 -22.84
C GLN A 228 9.92 9.32 -22.27
N SER A 229 9.17 8.83 -21.28
CA SER A 229 9.37 7.49 -20.71
C SER A 229 10.78 7.31 -20.16
N GLY A 230 11.31 8.36 -19.53
CA GLY A 230 12.65 8.30 -18.97
C GLY A 230 12.96 9.49 -18.08
N ALA A 231 13.79 9.28 -17.07
CA ALA A 231 14.13 10.33 -16.13
C ALA A 231 15.53 10.08 -15.61
N PRO A 232 16.32 11.13 -15.36
CA PRO A 232 17.70 10.91 -14.90
C PRO A 232 17.78 10.32 -13.50
N ASN A 233 16.71 10.38 -12.72
CA ASN A 233 16.70 9.87 -11.35
C ASN A 233 16.21 8.43 -11.27
N GLY A 234 16.04 7.76 -12.41
CA GLY A 234 15.63 6.37 -12.41
C GLY A 234 16.68 5.46 -11.79
N PRO A 235 16.25 4.29 -11.30
CA PRO A 235 17.20 3.36 -10.67
C PRO A 235 18.22 2.76 -11.64
N TRP A 236 18.08 3.02 -12.94
CA TRP A 236 18.94 2.44 -13.96
C TRP A 236 19.84 3.46 -14.66
N ALA A 237 19.58 4.76 -14.48
CA ALA A 237 20.24 5.79 -15.28
C ALA A 237 21.61 6.20 -14.75
N THR A 238 21.93 5.89 -13.49
CA THR A 238 23.22 6.27 -12.94
C THR A 238 23.77 5.13 -12.09
N VAL A 239 25.09 5.17 -11.89
CA VAL A 239 25.79 4.31 -10.94
C VAL A 239 26.74 5.18 -10.14
N GLY A 240 27.12 4.67 -8.96
CA GLY A 240 28.10 5.35 -8.15
C GLY A 240 29.52 5.15 -8.67
N MET A 241 30.43 5.96 -8.14
CA MET A 241 31.84 5.84 -8.55
C MET A 241 32.40 4.47 -8.20
N GLY A 242 31.95 3.88 -7.09
CA GLY A 242 32.42 2.56 -6.73
C GLY A 242 31.96 1.49 -7.70
N GLU A 243 30.67 1.51 -8.04
CA GLU A 243 30.14 0.49 -8.93
C GLU A 243 30.68 0.67 -10.35
N ALA A 244 30.86 1.93 -10.78
CA ALA A 244 31.42 2.17 -12.10
C ALA A 244 32.82 1.58 -12.23
N ARG A 245 33.63 1.73 -11.18
CA ARG A 245 34.97 1.15 -11.20
C ARG A 245 34.92 -0.36 -11.14
N ARG A 246 34.07 -0.92 -10.28
CA ARG A 246 33.94 -2.37 -10.19
C ARG A 246 33.48 -2.96 -11.52
N ARG A 247 32.70 -2.20 -12.29
CA ARG A 247 32.21 -2.70 -13.58
C ARG A 247 33.26 -2.54 -14.67
N ALA A 248 33.99 -1.42 -14.66
CA ALA A 248 35.04 -1.24 -15.66
C ALA A 248 36.20 -2.19 -15.43
N THR A 249 36.61 -2.34 -14.16
CA THR A 249 37.71 -3.25 -13.86
C THR A 249 37.36 -4.69 -14.19
N GLN A 250 36.08 -5.05 -14.05
CA GLN A 250 35.65 -6.40 -14.40
C GLN A 250 35.76 -6.65 -15.90
N LEU A 251 35.24 -5.70 -16.71
CA LEU A 251 35.30 -5.85 -18.16
C LEU A 251 36.72 -6.05 -18.64
N ALA A 252 37.68 -5.36 -18.02
CA ALA A 252 39.08 -5.55 -18.39
C ALA A 252 39.55 -6.97 -18.12
N HIS A 253 39.03 -7.60 -17.06
CA HIS A 253 39.41 -8.98 -16.78
C HIS A 253 38.76 -9.93 -17.77
N LEU A 254 37.51 -9.66 -18.17
CA LEU A 254 36.85 -10.51 -19.16
C LEU A 254 37.60 -10.51 -20.48
N VAL A 255 38.25 -9.40 -20.84
CA VAL A 255 39.02 -9.31 -22.07
C VAL A 255 40.50 -9.60 -21.83
N GLY A 256 40.87 -9.98 -20.62
CA GLY A 256 42.24 -10.34 -20.32
C GLY A 256 43.17 -9.15 -20.24
N CYS A 257 42.93 -8.26 -19.28
CA CYS A 257 43.77 -7.08 -19.10
C CYS A 257 44.34 -7.05 -17.68
N PRO A 258 45.62 -7.36 -17.49
CA PRO A 258 46.29 -7.31 -16.17
C PRO A 258 46.56 -5.88 -15.71
N THR A 262 54.86 6.85 -17.59
CA THR A 262 54.60 6.81 -16.15
C THR A 262 53.18 6.35 -15.87
N GLY A 263 52.84 5.15 -16.34
CA GLY A 263 51.47 4.67 -16.24
C GLY A 263 51.16 4.06 -14.89
N GLY A 264 50.09 4.55 -14.26
CA GLY A 264 49.55 3.91 -13.08
C GLY A 264 48.71 2.71 -13.45
N ASN A 265 48.09 2.11 -12.43
CA ASN A 265 47.31 0.89 -12.67
C ASN A 265 46.03 1.20 -13.45
N ASP A 266 45.41 2.35 -13.18
CA ASP A 266 44.27 2.77 -13.99
C ASP A 266 44.70 3.14 -15.41
N THR A 267 45.80 3.87 -15.53
CA THR A 267 46.29 4.25 -16.85
C THR A 267 46.65 3.02 -17.67
N GLU A 268 47.25 2.01 -17.02
CA GLU A 268 47.58 0.78 -17.73
C GLU A 268 46.34 -0.06 -18.02
N LEU A 269 45.30 0.06 -17.19
CA LEU A 269 44.06 -0.66 -17.44
C LEU A 269 43.39 -0.15 -18.71
N VAL A 270 43.29 1.18 -18.85
CA VAL A 270 42.69 1.77 -20.03
C VAL A 270 43.54 1.49 -21.26
N ALA A 271 44.86 1.59 -21.13
CA ALA A 271 45.75 1.35 -22.26
C ALA A 271 45.58 -0.06 -22.80
N CYS A 272 45.33 -1.04 -21.93
CA CYS A 272 45.08 -2.40 -22.39
C CYS A 272 43.71 -2.51 -23.04
N LEU A 273 42.70 -1.85 -22.46
CA LEU A 273 41.37 -1.87 -23.05
C LEU A 273 41.36 -1.25 -24.44
N ARG A 274 42.27 -0.30 -24.70
CA ARG A 274 42.32 0.35 -26.01
C ARG A 274 42.99 -0.51 -27.07
N THR A 275 43.66 -1.60 -26.68
CA THR A 275 44.20 -2.52 -27.67
C THR A 275 43.14 -3.48 -28.20
N ARG A 276 42.10 -3.75 -27.42
CA ARG A 276 41.10 -4.72 -27.82
C ARG A 276 40.23 -4.16 -28.94
N PRO A 277 39.93 -4.95 -29.96
CA PRO A 277 38.97 -4.49 -30.98
C PRO A 277 37.63 -4.16 -30.35
N ALA A 278 36.91 -3.25 -30.99
CA ALA A 278 35.64 -2.76 -30.44
C ALA A 278 34.65 -3.89 -30.26
N GLN A 279 34.60 -4.83 -31.21
CA GLN A 279 33.65 -5.93 -31.12
C GLN A 279 33.94 -6.84 -29.94
N VAL A 280 35.19 -6.88 -29.49
CA VAL A 280 35.54 -7.71 -28.34
C VAL A 280 34.89 -7.17 -27.08
N LEU A 281 35.03 -5.86 -26.83
CA LEU A 281 34.44 -5.26 -25.64
C LEU A 281 32.93 -5.41 -25.61
N VAL A 282 32.29 -5.42 -26.79
CA VAL A 282 30.84 -5.54 -26.85
C VAL A 282 30.40 -6.92 -26.40
N ASN A 283 31.13 -7.96 -26.81
CA ASN A 283 30.73 -9.33 -26.53
C ASN A 283 30.77 -9.67 -25.05
N HIS A 284 31.50 -8.90 -24.24
CA HIS A 284 31.60 -9.15 -22.82
C HIS A 284 30.91 -8.08 -21.98
N GLU A 285 30.02 -7.30 -22.58
CA GLU A 285 29.40 -6.20 -21.86
C GLU A 285 28.42 -6.70 -20.81
N TRP A 286 27.45 -7.52 -21.21
CA TRP A 286 26.40 -7.97 -20.29
C TRP A 286 26.92 -8.89 -19.20
N HIS A 287 28.13 -9.41 -19.33
CA HIS A 287 28.74 -10.25 -18.31
C HIS A 287 29.31 -9.45 -17.15
N VAL A 288 29.02 -8.15 -17.10
CA VAL A 288 29.62 -7.23 -16.15
C VAL A 288 28.61 -6.92 -15.04
N LEU A 289 27.32 -6.97 -15.37
CA LEU A 289 26.28 -6.67 -14.41
C LEU A 289 26.41 -7.55 -13.17
N PRO A 290 26.09 -7.01 -11.97
CA PRO A 290 26.27 -7.78 -10.73
C PRO A 290 25.48 -9.09 -10.71
N GLN A 291 24.15 -9.00 -10.73
CA GLN A 291 23.29 -10.17 -10.67
C GLN A 291 22.36 -10.19 -11.87
N GLU A 292 21.61 -11.29 -11.98
CA GLU A 292 20.55 -11.37 -13.00
C GLU A 292 19.50 -10.32 -12.72
N SER A 293 19.18 -9.51 -13.73
CA SER A 293 18.28 -8.39 -13.54
C SER A 293 17.56 -8.09 -14.84
N VAL A 294 16.56 -7.21 -14.74
CA VAL A 294 15.80 -6.70 -15.86
C VAL A 294 15.79 -5.19 -15.78
N PHE A 295 15.94 -4.53 -16.93
CA PHE A 295 16.00 -3.06 -17.01
C PHE A 295 17.20 -2.54 -16.22
N ARG A 296 18.33 -3.23 -16.36
CA ARG A 296 19.61 -2.77 -15.83
C ARG A 296 20.65 -2.87 -16.94
N PHE A 297 21.58 -1.92 -16.94
CA PHE A 297 22.56 -1.81 -18.02
C PHE A 297 23.94 -1.61 -17.43
N SER A 298 24.95 -2.14 -18.14
CA SER A 298 26.30 -2.22 -17.57
C SER A 298 26.93 -0.84 -17.43
N PHE A 299 27.02 -0.08 -18.51
CA PHE A 299 27.74 1.18 -18.52
C PHE A 299 26.74 2.32 -18.74
N VAL A 300 26.43 3.04 -17.67
CA VAL A 300 25.48 4.15 -17.68
C VAL A 300 26.21 5.37 -17.12
N PRO A 301 25.61 6.57 -17.17
CA PRO A 301 26.25 7.74 -16.56
C PRO A 301 26.61 7.49 -15.10
N VAL A 302 27.70 8.12 -14.67
CA VAL A 302 28.24 7.92 -13.32
C VAL A 302 28.22 9.24 -12.58
N VAL A 303 27.95 9.18 -11.27
CA VAL A 303 27.97 10.36 -10.43
C VAL A 303 29.40 10.61 -9.98
N ASP A 304 30.25 11.08 -10.89
CA ASP A 304 31.65 11.32 -10.59
C ASP A 304 31.91 12.68 -9.98
N GLY A 305 30.98 13.63 -10.13
CA GLY A 305 31.16 14.96 -9.60
C GLY A 305 31.32 16.01 -10.67
N ASP A 306 31.99 15.65 -11.77
CA ASP A 306 32.24 16.61 -12.85
C ASP A 306 30.94 16.98 -13.54
N PHE A 307 30.31 16.01 -14.21
CA PHE A 307 29.10 16.31 -14.98
C PHE A 307 27.91 16.59 -14.06
N LEU A 308 27.84 15.89 -12.93
CA LEU A 308 26.75 16.04 -11.98
C LEU A 308 27.34 16.34 -10.61
N SER A 309 27.02 17.51 -10.06
CA SER A 309 27.53 17.88 -8.74
C SER A 309 27.16 16.85 -7.69
N ASP A 310 26.01 16.21 -7.83
CA ASP A 310 25.54 15.21 -6.88
C ASP A 310 24.73 14.18 -7.66
N THR A 311 24.02 13.32 -6.95
CA THR A 311 23.12 12.38 -7.60
C THR A 311 22.00 13.16 -8.29
N PRO A 312 21.39 12.57 -9.32
CA PRO A 312 20.25 13.25 -9.96
C PRO A 312 19.13 13.60 -8.98
N GLU A 313 18.88 12.75 -7.99
CA GLU A 313 17.86 13.07 -7.00
C GLU A 313 18.24 14.30 -6.17
N ALA A 314 19.51 14.39 -5.76
CA ALA A 314 19.94 15.53 -4.95
C ALA A 314 19.88 16.82 -5.75
N LEU A 315 20.27 16.78 -7.03
CA LEU A 315 20.20 17.98 -7.87
C LEU A 315 18.76 18.36 -8.18
N ILE A 316 17.84 17.39 -8.20
CA ILE A 316 16.44 17.68 -8.45
C ILE A 316 15.83 18.42 -7.28
N ASN A 317 16.03 17.91 -6.06
CA ASN A 317 15.42 18.51 -4.88
C ASN A 317 15.95 19.92 -4.65
N ALA A 318 17.26 20.07 -4.51
CA ALA A 318 17.88 21.36 -4.22
C ALA A 318 18.21 22.10 -5.51
N GLY A 319 17.16 22.35 -6.30
CA GLY A 319 17.33 23.05 -7.55
C GLY A 319 16.22 24.04 -7.86
N ASP A 320 16.56 25.17 -8.45
CA ASP A 320 15.59 26.17 -8.85
C ASP A 320 15.38 26.08 -10.36
N PHE A 321 14.14 25.90 -10.77
CA PHE A 321 13.81 25.64 -12.17
C PHE A 321 12.85 26.68 -12.74
N HIS A 322 12.91 27.90 -12.23
CA HIS A 322 12.09 28.98 -12.78
C HIS A 322 12.54 29.32 -14.20
N GLY A 323 11.58 29.68 -15.03
CA GLY A 323 11.88 29.97 -16.43
C GLY A 323 12.15 28.75 -17.27
N LEU A 324 11.62 27.60 -16.88
CA LEU A 324 11.84 26.34 -17.60
C LEU A 324 10.50 25.67 -17.84
N GLN A 325 10.31 25.19 -19.06
CA GLN A 325 9.11 24.43 -19.43
C GLN A 325 9.52 23.00 -19.78
N VAL A 326 8.87 22.03 -19.13
CA VAL A 326 9.22 20.62 -19.27
C VAL A 326 7.97 19.85 -19.66
N LEU A 327 8.12 18.96 -20.64
CA LEU A 327 7.04 18.07 -21.07
C LEU A 327 7.46 16.64 -20.78
N VAL A 328 6.72 15.97 -19.91
CA VAL A 328 7.02 14.60 -19.51
C VAL A 328 5.84 13.70 -19.84
N GLY A 329 6.10 12.40 -19.87
CA GLY A 329 5.05 11.44 -20.17
C GLY A 329 5.61 10.04 -20.23
N VAL A 330 4.68 9.07 -20.19
CA VAL A 330 5.02 7.66 -20.24
C VAL A 330 4.00 6.96 -21.13
N VAL A 331 4.30 5.72 -21.50
CA VAL A 331 3.33 4.87 -22.19
C VAL A 331 2.50 4.16 -21.13
N LYS A 332 1.37 3.57 -21.54
CA LYS A 332 0.45 3.02 -20.56
C LYS A 332 1.03 1.77 -19.90
N ASP A 333 1.78 0.96 -20.64
CA ASP A 333 2.34 -0.29 -20.14
C ASP A 333 3.86 -0.24 -20.32
N GLU A 334 4.55 0.25 -19.29
CA GLU A 334 5.98 0.51 -19.39
C GLU A 334 6.80 -0.78 -19.31
N GLY A 335 6.56 -1.59 -18.29
CA GLY A 335 7.40 -2.73 -18.02
C GLY A 335 7.07 -4.01 -18.74
N SER A 336 6.03 -4.03 -19.56
CA SER A 336 5.59 -5.28 -20.18
C SER A 336 6.65 -5.85 -21.11
N TYR A 337 7.34 -4.98 -21.86
CA TYR A 337 8.39 -5.45 -22.77
C TYR A 337 9.53 -6.09 -22.00
N PHE A 338 10.02 -5.41 -20.96
CA PHE A 338 11.22 -5.86 -20.25
C PHE A 338 11.02 -7.19 -19.55
N LEU A 339 9.76 -7.62 -19.36
CA LEU A 339 9.51 -8.92 -18.75
C LEU A 339 9.87 -10.06 -19.68
N VAL A 340 9.49 -9.97 -20.96
CA VAL A 340 9.75 -11.06 -21.88
C VAL A 340 11.24 -11.26 -22.07
N TYR A 341 12.05 -10.22 -21.82
CA TYR A 341 13.48 -10.34 -22.06
C TYR A 341 14.17 -11.19 -21.00
N GLY A 342 13.81 -11.00 -19.73
CA GLY A 342 14.53 -11.67 -18.67
C GLY A 342 13.69 -12.30 -17.58
N ALA A 343 12.40 -11.96 -17.53
CA ALA A 343 11.61 -12.45 -16.40
C ALA A 343 11.22 -13.91 -16.58
N PRO A 344 11.13 -14.68 -15.49
CA PRO A 344 10.79 -16.10 -15.62
C PRO A 344 9.33 -16.29 -16.04
N GLY A 345 9.12 -17.19 -16.99
CA GLY A 345 7.80 -17.54 -17.47
C GLY A 345 7.18 -16.57 -18.45
N PHE A 346 7.93 -15.55 -18.90
CA PHE A 346 7.40 -14.55 -19.81
C PHE A 346 7.91 -14.80 -21.22
N SER A 347 7.04 -14.59 -22.20
CA SER A 347 7.36 -14.80 -23.60
C SER A 347 6.39 -14.01 -24.45
N LYS A 348 6.83 -13.63 -25.65
CA LYS A 348 5.95 -12.94 -26.59
C LYS A 348 4.84 -13.84 -27.11
N ASP A 349 5.06 -15.14 -27.11
CA ASP A 349 4.23 -16.05 -27.89
C ASP A 349 3.29 -16.91 -27.06
N ASN A 350 3.44 -16.99 -25.74
CA ASN A 350 2.62 -17.91 -24.96
C ASN A 350 1.82 -17.22 -23.86
N GLU A 351 1.43 -15.96 -24.03
CA GLU A 351 0.51 -15.26 -23.14
C GLU A 351 1.11 -14.96 -21.75
N SER A 352 2.18 -15.67 -21.40
CA SER A 352 2.99 -15.36 -20.22
C SER A 352 2.17 -15.40 -18.93
N LEU A 353 1.24 -16.34 -18.83
CA LEU A 353 0.58 -16.60 -17.56
C LEU A 353 1.58 -17.23 -16.60
N ILE A 354 1.73 -16.62 -15.42
CA ILE A 354 2.80 -16.98 -14.50
C ILE A 354 2.21 -17.43 -13.18
N SER A 355 2.95 -18.29 -12.49
CA SER A 355 2.59 -18.73 -11.15
C SER A 355 3.10 -17.72 -10.13
N ARG A 356 2.67 -17.91 -8.88
CA ARG A 356 3.14 -17.03 -7.82
C ARG A 356 4.63 -17.23 -7.56
N ALA A 357 5.13 -18.46 -7.75
CA ALA A 357 6.57 -18.70 -7.60
C ALA A 357 7.36 -17.93 -8.65
N GLU A 358 6.86 -17.90 -9.89
CA GLU A 358 7.50 -17.09 -10.93
C GLU A 358 7.34 -15.61 -10.65
N PHE A 359 6.20 -15.21 -10.09
CA PHE A 359 6.00 -13.81 -9.71
C PHE A 359 6.98 -13.40 -8.62
N LEU A 360 7.06 -14.19 -7.54
CA LEU A 360 7.97 -13.86 -6.45
C LEU A 360 9.42 -13.85 -6.92
N ALA A 361 9.76 -14.73 -7.87
CA ALA A 361 11.12 -14.72 -8.43
C ALA A 361 11.33 -13.50 -9.32
N GLY A 362 10.30 -13.13 -10.10
CA GLY A 362 10.41 -11.96 -10.97
C GLY A 362 10.55 -10.65 -10.22
N VAL A 363 10.09 -10.59 -8.98
CA VAL A 363 10.25 -9.37 -8.20
C VAL A 363 11.72 -9.12 -7.90
N ARG A 364 12.47 -10.18 -7.59
CA ARG A 364 13.89 -10.03 -7.29
C ARG A 364 14.69 -9.67 -8.54
N VAL A 365 14.22 -10.09 -9.72
CA VAL A 365 14.90 -9.74 -10.96
C VAL A 365 14.53 -8.33 -11.39
N GLY A 366 13.27 -7.94 -11.22
CA GLY A 366 12.86 -6.60 -11.59
C GLY A 366 13.33 -5.55 -10.61
N VAL A 367 13.47 -5.93 -9.34
CA VAL A 367 13.98 -5.01 -8.31
C VAL A 367 15.25 -5.60 -7.72
N PRO A 368 16.39 -5.47 -8.39
CA PRO A 368 17.62 -6.07 -7.88
C PRO A 368 18.31 -5.20 -6.83
N GLN A 369 19.15 -5.86 -6.03
CA GLN A 369 19.95 -5.21 -5.00
C GLN A 369 19.08 -4.49 -3.97
N VAL A 370 18.12 -5.22 -3.41
CA VAL A 370 17.29 -4.73 -2.32
C VAL A 370 17.19 -5.82 -1.27
N SER A 371 16.94 -5.40 -0.04
CA SER A 371 16.81 -6.36 1.06
C SER A 371 15.56 -7.21 0.88
N ASP A 372 15.57 -8.38 1.53
CA ASP A 372 14.40 -9.25 1.50
C ASP A 372 13.19 -8.56 2.09
N LEU A 373 13.39 -7.71 3.10
CA LEU A 373 12.28 -6.93 3.66
C LEU A 373 11.72 -5.97 2.63
N ALA A 374 12.60 -5.35 1.83
CA ALA A 374 12.14 -4.46 0.76
C ALA A 374 11.36 -5.24 -0.30
N ALA A 375 11.84 -6.44 -0.64
CA ALA A 375 11.12 -7.25 -1.61
C ALA A 375 9.77 -7.70 -1.08
N GLU A 376 9.67 -7.95 0.23
CA GLU A 376 8.37 -8.26 0.81
C GLU A 376 7.44 -7.06 0.77
N ALA A 377 7.97 -5.86 0.87
CA ALA A 377 7.15 -4.66 0.71
C ALA A 377 6.61 -4.54 -0.71
N VAL A 378 7.44 -4.87 -1.70
CA VAL A 378 6.98 -4.85 -3.08
C VAL A 378 5.89 -5.89 -3.30
N VAL A 379 6.08 -7.10 -2.77
CA VAL A 379 5.08 -8.15 -2.88
C VAL A 379 3.79 -7.72 -2.18
N LEU A 380 3.91 -6.98 -1.08
CA LEU A 380 2.72 -6.57 -0.33
C LEU A 380 1.83 -5.65 -1.16
N HIS A 381 2.43 -4.67 -1.83
CA HIS A 381 1.63 -3.67 -2.55
CA HIS A 381 1.63 -3.67 -2.55
C HIS A 381 1.07 -4.22 -3.85
N TYR A 382 1.84 -5.06 -4.55
CA TYR A 382 1.45 -5.52 -5.88
C TYR A 382 0.81 -6.89 -5.87
N THR A 383 0.30 -7.35 -4.73
CA THR A 383 -0.45 -8.60 -4.65
C THR A 383 -1.90 -8.30 -4.33
N ASP A 384 -2.81 -8.89 -5.10
CA ASP A 384 -4.23 -8.91 -4.75
C ASP A 384 -4.44 -10.07 -3.80
N TRP A 385 -4.47 -9.78 -2.50
CA TRP A 385 -4.53 -10.84 -1.50
C TRP A 385 -5.87 -11.55 -1.44
N LEU A 386 -6.84 -11.16 -2.28
CA LEU A 386 -8.05 -11.97 -2.46
C LEU A 386 -7.87 -13.03 -3.53
N HIS A 387 -7.05 -12.75 -4.54
CA HIS A 387 -6.71 -13.71 -5.59
C HIS A 387 -5.19 -13.70 -5.76
N PRO A 388 -4.44 -14.14 -4.74
CA PRO A 388 -2.98 -13.98 -4.78
C PRO A 388 -2.28 -14.92 -5.74
N GLU A 389 -2.99 -15.80 -6.43
CA GLU A 389 -2.36 -16.74 -7.35
C GLU A 389 -2.97 -16.70 -8.75
N ASP A 390 -3.86 -15.76 -9.02
CA ASP A 390 -4.41 -15.61 -10.35
C ASP A 390 -3.30 -15.25 -11.34
N PRO A 391 -3.03 -16.08 -12.35
CA PRO A 391 -1.91 -15.79 -13.25
C PRO A 391 -2.07 -14.51 -14.05
N ALA A 392 -3.30 -14.14 -14.42
CA ALA A 392 -3.51 -12.91 -15.17
C ALA A 392 -3.18 -11.69 -14.31
N ARG A 393 -3.61 -11.69 -13.05
CA ARG A 393 -3.29 -10.57 -12.17
C ARG A 393 -1.81 -10.52 -11.85
N LEU A 394 -1.19 -11.69 -11.65
CA LEU A 394 0.25 -11.72 -11.35
C LEU A 394 1.07 -11.22 -12.54
N ARG A 395 0.62 -11.52 -13.76
CA ARG A 395 1.35 -11.07 -14.94
C ARG A 395 1.30 -9.55 -15.06
N GLU A 396 0.12 -8.97 -14.87
CA GLU A 396 -0.02 -7.52 -14.95
C GLU A 396 0.54 -6.81 -13.73
N ALA A 397 0.60 -7.48 -12.58
CA ALA A 397 1.22 -6.86 -11.40
C ALA A 397 2.72 -6.71 -11.58
N LEU A 398 3.38 -7.76 -12.06
CA LEU A 398 4.83 -7.67 -12.28
C LEU A 398 5.15 -6.69 -13.40
N SER A 399 4.25 -6.54 -14.38
CA SER A 399 4.43 -5.50 -15.39
C SER A 399 4.36 -4.12 -14.77
N ASP A 400 3.54 -3.95 -13.73
CA ASP A 400 3.49 -2.67 -13.03
C ASP A 400 4.71 -2.48 -12.14
N VAL A 401 5.21 -3.57 -11.54
CA VAL A 401 6.39 -3.48 -10.69
C VAL A 401 7.57 -2.89 -11.47
N VAL A 402 7.82 -3.43 -12.67
CA VAL A 402 8.94 -2.94 -13.47
C VAL A 402 8.63 -1.58 -14.06
N GLY A 403 7.37 -1.36 -14.46
CA GLY A 403 7.00 -0.08 -15.03
C GLY A 403 7.08 1.05 -14.03
N ASP A 404 6.50 0.85 -12.84
CA ASP A 404 6.50 1.92 -11.84
C ASP A 404 7.90 2.17 -11.30
N HIS A 405 8.63 1.10 -10.98
CA HIS A 405 9.93 1.26 -10.34
C HIS A 405 10.95 1.95 -11.24
N ASN A 406 10.88 1.70 -12.54
CA ASN A 406 11.94 2.16 -13.46
C ASN A 406 11.59 3.43 -14.21
N VAL A 407 10.31 3.64 -14.56
CA VAL A 407 9.97 4.75 -15.44
C VAL A 407 8.95 5.69 -14.79
N VAL A 408 7.76 5.18 -14.49
CA VAL A 408 6.64 6.04 -14.13
C VAL A 408 6.95 6.87 -12.89
N CYS A 409 7.41 6.21 -11.84
CA CYS A 409 7.63 6.91 -10.58
C CYS A 409 8.83 7.84 -10.63
N PRO A 410 9.94 7.48 -11.29
CA PRO A 410 10.98 8.49 -11.53
C PRO A 410 10.47 9.71 -12.28
N VAL A 411 9.60 9.50 -13.28
CA VAL A 411 9.04 10.62 -14.03
C VAL A 411 8.12 11.44 -13.14
N ALA A 412 7.25 10.77 -12.39
CA ALA A 412 6.34 11.49 -11.49
C ALA A 412 7.11 12.23 -10.41
N GLN A 413 8.20 11.64 -9.90
CA GLN A 413 9.01 12.32 -8.91
C GLN A 413 9.69 13.55 -9.51
N LEU A 414 10.21 13.42 -10.73
CA LEU A 414 10.83 14.57 -11.40
C LEU A 414 9.81 15.66 -11.67
N ALA A 415 8.65 15.29 -12.22
CA ALA A 415 7.65 16.27 -12.61
C ALA A 415 7.14 17.04 -11.39
N GLY A 416 6.77 16.32 -10.33
CA GLY A 416 6.29 16.99 -9.12
C GLY A 416 7.32 17.91 -8.52
N ARG A 417 8.61 17.57 -8.65
CA ARG A 417 9.65 18.43 -8.10
C ARG A 417 9.89 19.65 -8.97
N LEU A 418 9.95 19.46 -10.29
CA LEU A 418 10.15 20.60 -11.19
C LEU A 418 8.96 21.55 -11.12
N ALA A 419 7.74 21.02 -11.09
CA ALA A 419 6.56 21.87 -11.05
C ALA A 419 6.47 22.67 -9.75
N ALA A 420 6.99 22.12 -8.65
CA ALA A 420 6.95 22.78 -7.36
C ALA A 420 8.17 23.66 -7.10
N GLN A 421 9.10 23.76 -8.06
CA GLN A 421 10.33 24.50 -7.84
C GLN A 421 10.63 25.45 -9.00
N GLY A 422 9.59 25.94 -9.67
CA GLY A 422 9.72 27.00 -10.66
C GLY A 422 9.32 26.63 -12.07
N ALA A 423 9.34 25.36 -12.42
CA ALA A 423 9.09 24.97 -13.80
C ALA A 423 7.60 24.81 -14.08
N ARG A 424 7.22 25.07 -15.32
CA ARG A 424 5.89 24.73 -15.81
C ARG A 424 5.96 23.37 -16.49
N VAL A 425 5.25 22.39 -15.95
CA VAL A 425 5.36 21.00 -16.36
C VAL A 425 4.03 20.55 -16.96
N TYR A 426 4.10 19.92 -18.13
CA TYR A 426 2.96 19.27 -18.76
C TYR A 426 3.22 17.78 -18.83
N ALA A 427 2.22 16.98 -18.49
CA ALA A 427 2.37 15.52 -18.42
C ALA A 427 1.33 14.84 -19.30
N TYR A 428 1.71 13.68 -19.84
CA TYR A 428 0.82 12.89 -20.68
C TYR A 428 0.99 11.42 -20.33
N VAL A 429 0.10 10.60 -20.88
CA VAL A 429 0.21 9.15 -20.87
C VAL A 429 -0.24 8.66 -22.23
N PHE A 430 0.68 8.09 -23.01
CA PHE A 430 0.35 7.57 -24.34
C PHE A 430 -0.39 6.26 -24.18
N GLU A 431 -1.67 6.24 -24.57
CA GLU A 431 -2.53 5.10 -24.36
C GLU A 431 -2.98 4.43 -25.66
N HIS A 432 -2.42 4.83 -26.80
CA HIS A 432 -2.86 4.31 -28.09
C HIS A 432 -2.13 3.03 -28.45
N ARG A 433 -2.89 2.05 -28.93
N ARG A 433 -2.87 2.05 -28.95
CA ARG A 433 -2.35 0.78 -29.42
CA ARG A 433 -2.32 0.82 -29.49
C ARG A 433 -3.14 0.36 -30.65
C ARG A 433 -2.38 0.89 -31.01
N ALA A 434 -2.44 -0.07 -31.69
N ALA A 434 -1.23 0.75 -31.66
CA ALA A 434 -3.09 -0.49 -32.92
CA ALA A 434 -1.13 0.98 -33.10
C ALA A 434 -4.02 -1.68 -32.65
C ALA A 434 -1.86 -0.12 -33.87
N SER A 435 -5.00 -1.84 -33.55
N SER A 435 -2.25 0.23 -35.11
CA SER A 435 -5.94 -2.94 -33.41
CA SER A 435 -2.84 -0.75 -36.01
C SER A 435 -5.23 -4.29 -33.41
C SER A 435 -1.79 -1.72 -36.52
N THR A 436 -4.33 -4.49 -34.36
N THR A 436 -0.70 -1.18 -37.08
CA THR A 436 -3.51 -5.70 -34.44
CA THR A 436 0.45 -1.99 -37.50
C THR A 436 -2.05 -5.25 -34.54
C THR A 436 1.11 -2.56 -36.25
N LEU A 437 -1.32 -5.37 -33.44
N LEU A 437 0.55 -3.66 -35.77
CA LEU A 437 0.10 -5.02 -33.39
CA LEU A 437 0.95 -4.28 -34.52
C LEU A 437 0.95 -6.28 -33.39
C LEU A 437 1.89 -5.45 -34.77
N SER A 438 2.22 -6.10 -33.76
N SER A 438 2.56 -5.89 -33.70
CA SER A 438 3.15 -7.23 -33.79
CA SER A 438 3.45 -7.03 -33.78
C SER A 438 3.30 -7.87 -32.42
C SER A 438 3.46 -7.79 -32.45
N TRP A 439 3.18 -7.07 -31.36
CA TRP A 439 3.28 -7.60 -30.01
CA TRP A 439 3.27 -7.61 -30.00
C TRP A 439 1.93 -8.15 -29.54
N PRO A 440 1.93 -9.04 -28.55
CA PRO A 440 0.67 -9.56 -28.01
C PRO A 440 -0.10 -8.49 -27.25
N LEU A 441 -1.34 -8.84 -26.88
CA LEU A 441 -2.26 -7.87 -26.33
C LEU A 441 -1.96 -7.59 -24.86
N TRP A 442 -1.57 -8.60 -24.09
CA TRP A 442 -1.39 -8.43 -22.65
C TRP A 442 -0.33 -7.39 -22.33
N MET A 443 0.54 -7.06 -23.28
CA MET A 443 1.57 -6.06 -23.05
C MET A 443 1.09 -4.65 -23.34
N GLY A 444 -0.09 -4.49 -23.95
CA GLY A 444 -0.69 -3.17 -24.06
C GLY A 444 0.14 -2.24 -24.92
N VAL A 445 0.33 -1.01 -24.42
CA VAL A 445 1.15 -0.02 -25.10
C VAL A 445 2.57 -0.13 -24.55
N PRO A 446 3.48 -0.80 -25.24
CA PRO A 446 4.79 -1.11 -24.68
C PRO A 446 5.75 0.07 -24.81
N HIS A 447 6.94 -0.12 -24.25
CA HIS A 447 7.95 0.94 -24.17
C HIS A 447 8.32 1.46 -25.56
N GLY A 448 8.31 2.78 -25.71
CA GLY A 448 8.79 3.38 -26.95
C GLY A 448 7.86 3.31 -28.13
N TYR A 449 6.56 3.08 -27.90
N TYR A 449 6.56 3.10 -27.90
CA TYR A 449 5.58 3.00 -28.97
CA TYR A 449 5.60 3.02 -28.99
C TYR A 449 5.08 4.38 -29.41
C TYR A 449 4.89 4.33 -29.25
N GLU A 450 5.34 5.43 -28.64
CA GLU A 450 4.87 6.77 -28.98
C GLU A 450 5.79 7.48 -29.95
N ILE A 451 7.00 6.97 -30.15
CA ILE A 451 8.00 7.69 -30.93
C ILE A 451 7.57 7.85 -32.38
N GLU A 452 7.07 6.76 -32.98
CA GLU A 452 6.71 6.81 -34.40
C GLU A 452 5.54 7.77 -34.64
N PHE A 453 4.63 7.88 -33.68
CA PHE A 453 3.54 8.85 -33.83
C PHE A 453 4.01 10.27 -33.60
N ILE A 454 4.93 10.47 -32.65
CA ILE A 454 5.48 11.80 -32.45
C ILE A 454 6.23 12.26 -33.71
N PHE A 455 7.00 11.37 -34.33
CA PHE A 455 7.76 11.74 -35.52
C PHE A 455 6.92 11.74 -36.79
N GLY A 456 5.61 11.54 -36.70
CA GLY A 456 4.77 11.56 -37.88
C GLY A 456 4.98 10.42 -38.85
N ILE A 457 5.52 9.29 -38.38
CA ILE A 457 5.73 8.14 -39.26
C ILE A 457 4.43 7.67 -39.92
N PRO A 458 3.25 7.69 -39.25
CA PRO A 458 2.01 7.33 -39.96
C PRO A 458 1.78 8.09 -41.26
N LEU A 459 2.41 9.26 -41.44
CA LEU A 459 2.27 9.99 -42.68
C LEU A 459 3.08 9.40 -43.82
N ASP A 460 3.92 8.40 -43.56
CA ASP A 460 4.68 7.75 -44.61
C ASP A 460 3.72 6.98 -45.52
N PRO A 461 3.68 7.27 -46.82
CA PRO A 461 2.76 6.53 -47.70
C PRO A 461 3.10 5.06 -47.82
N SER A 462 4.36 4.68 -47.61
CA SER A 462 4.74 3.28 -47.75
C SER A 462 4.30 2.43 -46.57
N ARG A 463 4.06 3.04 -45.41
CA ARG A 463 3.56 2.30 -44.27
C ARG A 463 2.04 2.15 -44.34
N ASN A 464 1.51 1.22 -43.55
CA ASN A 464 0.09 0.90 -43.62
C ASN A 464 -0.65 1.32 -42.36
N TYR A 465 -0.67 2.63 -42.09
CA TYR A 465 -1.35 3.15 -40.91
C TYR A 465 -2.79 3.54 -41.24
N THR A 466 -3.64 3.48 -40.21
CA THR A 466 -5.02 3.92 -40.33
C THR A 466 -5.07 5.42 -40.60
N ALA A 467 -6.02 5.83 -41.44
CA ALA A 467 -6.20 7.26 -41.72
C ALA A 467 -6.48 8.05 -40.46
N GLU A 468 -7.11 7.44 -39.46
CA GLU A 468 -7.28 8.10 -38.17
C GLU A 468 -5.96 8.22 -37.43
N GLU A 469 -5.07 7.23 -37.59
CA GLU A 469 -3.75 7.31 -36.96
C GLU A 469 -2.91 8.44 -37.54
N LYS A 470 -3.07 8.71 -38.85
CA LYS A 470 -2.36 9.84 -39.43
C LYS A 470 -2.84 11.16 -38.85
N ILE A 471 -4.15 11.30 -38.64
CA ILE A 471 -4.67 12.48 -37.98
C ILE A 471 -4.18 12.54 -36.54
N PHE A 472 -4.12 11.39 -35.88
CA PHE A 472 -3.62 11.33 -34.51
C PHE A 472 -2.15 11.74 -34.45
N ALA A 473 -1.35 11.33 -35.43
CA ALA A 473 0.06 11.72 -35.46
C ALA A 473 0.22 13.22 -35.68
N GLN A 474 -0.58 13.78 -36.59
CA GLN A 474 -0.48 15.22 -36.87
C GLN A 474 -0.85 16.03 -35.64
N ARG A 475 -1.81 15.55 -34.85
CA ARG A 475 -2.18 16.24 -33.63
C ARG A 475 -1.03 16.18 -32.61
N LEU A 476 -0.36 15.03 -32.53
CA LEU A 476 0.78 14.91 -31.62
C LEU A 476 1.94 15.80 -32.07
N MET A 477 2.21 15.84 -33.37
CA MET A 477 3.25 16.74 -33.87
C MET A 477 2.91 18.20 -33.55
N ARG A 478 1.62 18.55 -33.55
CA ARG A 478 1.24 19.90 -33.17
C ARG A 478 1.54 20.17 -31.71
N TYR A 479 1.23 19.21 -30.84
CA TYR A 479 1.50 19.38 -29.41
C TYR A 479 2.99 19.59 -29.15
N TRP A 480 3.83 18.76 -29.76
CA TRP A 480 5.28 18.88 -29.56
C TRP A 480 5.82 20.17 -30.18
N ALA A 481 5.34 20.53 -31.38
CA ALA A 481 5.79 21.77 -31.99
C ALA A 481 5.34 23.00 -31.20
N ASN A 482 4.09 22.98 -30.73
CA ASN A 482 3.60 24.09 -29.91
C ASN A 482 4.41 24.24 -28.63
N PHE A 483 4.78 23.11 -28.00
CA PHE A 483 5.63 23.19 -26.82
C PHE A 483 7.01 23.74 -27.18
N ALA A 484 7.58 23.28 -28.30
CA ALA A 484 8.89 23.78 -28.70
C ALA A 484 8.84 25.26 -29.05
N ARG A 485 7.70 25.74 -29.56
CA ARG A 485 7.60 27.13 -29.99
C ARG A 485 7.31 28.06 -28.82
N THR A 486 6.40 27.67 -27.92
CA THR A 486 5.93 28.57 -26.89
C THR A 486 6.10 28.05 -25.47
N GLY A 487 6.46 26.77 -25.29
CA GLY A 487 6.49 26.19 -23.96
C GLY A 487 5.14 25.71 -23.46
N ASP A 488 4.14 25.66 -24.34
CA ASP A 488 2.79 25.23 -23.99
C ASP A 488 2.26 24.38 -25.13
N PRO A 489 1.87 23.13 -24.87
CA PRO A 489 1.39 22.27 -25.96
C PRO A 489 0.06 22.73 -26.55
N ASN A 490 -0.70 23.56 -25.84
CA ASN A 490 -2.01 23.99 -26.32
C ASN A 490 -1.87 25.04 -27.42
N GLU A 491 -2.89 25.12 -28.26
CA GLU A 491 -2.96 26.17 -29.26
C GLU A 491 -3.31 27.49 -28.57
N PRO A 492 -2.52 28.55 -28.76
CA PRO A 492 -2.82 29.81 -28.06
C PRO A 492 -4.10 30.46 -28.53
N ARG A 493 -4.29 30.54 -29.85
CA ARG A 493 -5.49 31.16 -30.42
C ARG A 493 -6.59 30.13 -30.65
N ASP A 494 -6.85 29.32 -29.63
CA ASP A 494 -7.89 28.30 -29.71
C ASP A 494 -8.36 27.93 -28.30
N PRO A 495 -9.14 28.78 -27.65
CA PRO A 495 -9.67 28.44 -26.32
C PRO A 495 -10.78 27.40 -26.35
N LYS A 496 -11.19 26.93 -27.52
CA LYS A 496 -12.22 25.91 -27.64
C LYS A 496 -11.67 24.49 -27.62
N ALA A 497 -10.39 24.32 -27.94
CA ALA A 497 -9.78 23.00 -27.98
C ALA A 497 -9.64 22.43 -26.57
N PRO A 498 -9.57 21.10 -26.45
CA PRO A 498 -9.42 20.48 -25.12
C PRO A 498 -8.14 20.95 -24.43
N GLN A 499 -8.31 21.62 -23.30
CA GLN A 499 -7.19 22.23 -22.60
C GLN A 499 -6.29 21.17 -21.97
N TRP A 500 -4.99 21.33 -22.14
CA TRP A 500 -3.99 20.49 -21.47
C TRP A 500 -3.43 21.29 -20.30
N PRO A 501 -3.88 21.03 -19.08
CA PRO A 501 -3.43 21.83 -17.94
C PRO A 501 -2.02 21.45 -17.52
N PRO A 502 -1.28 22.36 -16.90
CA PRO A 502 0.05 22.01 -16.40
C PRO A 502 -0.03 21.01 -15.25
N TYR A 503 0.96 20.13 -15.19
CA TYR A 503 1.06 19.18 -14.09
C TYR A 503 1.60 19.89 -12.85
N THR A 504 0.94 19.66 -11.71
CA THR A 504 1.34 20.24 -10.44
C THR A 504 1.41 19.14 -9.39
N ALA A 505 2.23 19.38 -8.36
CA ALA A 505 2.45 18.37 -7.33
C ALA A 505 1.19 18.05 -6.56
N GLY A 506 0.22 18.95 -6.53
CA GLY A 506 -1.01 18.72 -5.80
C GLY A 506 -2.13 18.18 -6.67
N ALA A 507 -2.45 18.88 -7.76
CA ALA A 507 -3.52 18.43 -8.64
C ALA A 507 -3.11 17.19 -9.41
N GLN A 508 -1.83 17.11 -9.82
CA GLN A 508 -1.28 15.96 -10.53
C GLN A 508 -2.07 15.66 -11.80
N GLN A 509 -2.31 16.70 -12.59
CA GLN A 509 -3.11 16.59 -13.80
C GLN A 509 -2.26 16.18 -14.98
N TYR A 510 -2.82 15.31 -15.82
CA TYR A 510 -2.18 14.92 -17.07
C TYR A 510 -3.28 14.56 -18.06
N VAL A 511 -2.92 14.51 -19.33
CA VAL A 511 -3.87 14.17 -20.39
C VAL A 511 -3.53 12.80 -20.93
N SER A 512 -4.53 12.17 -21.54
CA SER A 512 -4.36 10.88 -22.20
C SER A 512 -4.28 11.11 -23.70
N LEU A 513 -3.28 10.51 -24.34
CA LEU A 513 -3.04 10.67 -25.76
C LEU A 513 -3.49 9.40 -26.49
N ASP A 514 -4.57 9.51 -27.24
CA ASP A 514 -5.09 8.41 -28.05
C ASP A 514 -5.99 9.01 -29.14
N LEU A 515 -6.82 8.17 -29.77
CA LEU A 515 -7.70 8.67 -30.83
C LEU A 515 -8.72 9.66 -30.27
N ARG A 516 -9.25 9.39 -29.08
CA ARG A 516 -10.23 10.27 -28.47
C ARG A 516 -9.59 11.61 -28.13
N PRO A 517 -10.38 12.67 -28.03
CA PRO A 517 -9.84 13.97 -27.63
C PRO A 517 -9.21 13.92 -26.25
N LEU A 518 -8.42 14.94 -25.94
CA LEU A 518 -7.67 14.99 -24.69
C LEU A 518 -8.60 14.83 -23.50
N GLU A 519 -8.26 13.90 -22.61
CA GLU A 519 -8.99 13.66 -21.38
C GLU A 519 -8.05 13.92 -20.20
N VAL A 520 -8.40 14.90 -19.38
CA VAL A 520 -7.57 15.24 -18.23
C VAL A 520 -7.79 14.21 -17.13
N ARG A 521 -6.70 13.55 -16.72
CA ARG A 521 -6.74 12.61 -15.61
C ARG A 521 -5.89 13.16 -14.47
N ARG A 522 -6.09 12.57 -13.29
CA ARG A 522 -5.39 13.00 -12.09
C ARG A 522 -4.65 11.83 -11.46
N GLY A 523 -3.41 12.08 -11.06
CA GLY A 523 -2.61 11.08 -10.40
C GLY A 523 -1.85 10.16 -11.34
N LEU A 524 -0.52 10.28 -11.35
CA LEU A 524 0.33 9.40 -12.15
C LEU A 524 0.83 8.28 -11.25
N ARG A 525 0.00 7.25 -11.10
CA ARG A 525 0.26 6.13 -10.19
C ARG A 525 0.61 6.65 -8.80
N ALA A 526 -0.25 7.54 -8.29
CA ALA A 526 0.05 8.26 -7.06
C ALA A 526 0.26 7.31 -5.89
N GLN A 527 -0.64 6.32 -5.74
CA GLN A 527 -0.51 5.38 -4.63
C GLN A 527 0.75 4.53 -4.77
N ALA A 528 1.05 4.09 -5.99
CA ALA A 528 2.23 3.26 -6.21
C ALA A 528 3.52 4.06 -6.06
N CYS A 529 3.55 5.27 -6.60
CA CYS A 529 4.79 6.05 -6.58
C CYS A 529 5.06 6.66 -5.22
N ALA A 530 4.06 6.75 -4.35
CA ALA A 530 4.35 7.11 -2.97
C ALA A 530 5.20 6.03 -2.30
N PHE A 531 4.97 4.77 -2.67
CA PHE A 531 5.80 3.69 -2.15
C PHE A 531 7.23 3.77 -2.68
N TRP A 532 7.39 3.87 -4.00
CA TRP A 532 8.72 3.82 -4.59
C TRP A 532 9.54 5.06 -4.23
N ASN A 533 8.92 6.24 -4.27
CA ASN A 533 9.68 7.49 -4.15
C ASN A 533 9.83 7.96 -2.70
N ARG A 534 8.90 7.60 -1.82
CA ARG A 534 8.93 8.08 -0.44
C ARG A 534 9.21 6.98 0.57
N PHE A 535 8.36 5.96 0.66
CA PHE A 535 8.51 4.97 1.71
C PHE A 535 9.69 4.04 1.43
N LEU A 536 9.77 3.50 0.21
CA LEU A 536 10.85 2.58 -0.15
C LEU A 536 12.23 3.10 0.22
N PRO A 537 12.65 4.31 -0.19
CA PRO A 537 14.03 4.74 0.13
C PRO A 537 14.33 4.75 1.62
N LYS A 538 13.34 5.06 2.45
CA LYS A 538 13.56 5.04 3.89
C LYS A 538 13.63 3.63 4.46
N LEU A 539 13.25 2.61 3.68
CA LEU A 539 13.43 1.24 4.12
C LEU A 539 14.88 0.80 4.03
N LEU A 540 15.57 1.14 2.93
CA LEU A 540 16.96 0.73 2.78
C LEU A 540 17.84 1.38 3.84
N SER A 541 17.58 2.63 4.19
CA SER A 541 18.40 3.30 5.19
C SER A 541 18.19 2.69 6.57
N ALA A 542 16.94 2.45 6.95
CA ALA A 542 16.66 1.89 8.27
C ALA A 542 17.10 0.44 8.39
N THR A 543 17.03 -0.31 7.29
CA THR A 543 17.43 -1.72 7.30
C THR A 543 18.60 -1.96 6.36
N ASP B 5 -45.27 -17.73 42.17
CA ASP B 5 -45.23 -18.73 41.11
C ASP B 5 -44.25 -19.83 41.48
N ALA B 6 -44.61 -21.09 41.16
CA ALA B 6 -43.76 -22.24 41.45
C ALA B 6 -42.56 -22.34 40.53
N GLU B 7 -42.55 -21.62 39.40
CA GLU B 7 -41.43 -21.64 38.47
C GLU B 7 -40.31 -20.66 38.87
N LEU B 8 -40.44 -20.00 40.01
CA LEU B 8 -39.48 -18.99 40.44
C LEU B 8 -38.66 -19.43 41.65
N LEU B 9 -38.75 -20.69 42.06
CA LEU B 9 -37.99 -21.22 43.18
C LEU B 9 -37.14 -22.38 42.68
N VAL B 10 -35.84 -22.14 42.53
CA VAL B 10 -34.90 -23.15 42.07
C VAL B 10 -33.82 -23.33 43.13
N THR B 11 -33.31 -24.55 43.25
CA THR B 11 -32.29 -24.89 44.22
C THR B 11 -31.02 -25.31 43.48
N VAL B 12 -29.92 -24.60 43.76
CA VAL B 12 -28.61 -24.98 43.25
C VAL B 12 -27.83 -25.63 44.39
N ARG B 13 -26.57 -26.04 44.13
CA ARG B 13 -25.79 -26.68 45.19
C ARG B 13 -25.53 -25.72 46.34
N GLY B 14 -25.41 -24.41 46.06
CA GLY B 14 -25.19 -23.45 47.13
C GLY B 14 -26.42 -23.26 48.02
N GLY B 15 -27.61 -23.35 47.46
CA GLY B 15 -28.83 -23.20 48.24
C GLY B 15 -30.01 -22.86 47.34
N ARG B 16 -31.05 -22.33 47.97
CA ARG B 16 -32.28 -22.00 47.28
C ARG B 16 -32.24 -20.59 46.72
N LEU B 17 -32.99 -20.36 45.63
CA LEU B 17 -33.06 -19.08 44.97
C LEU B 17 -34.51 -18.68 44.79
N ARG B 18 -34.73 -17.38 44.58
CA ARG B 18 -36.06 -16.81 44.38
C ARG B 18 -35.98 -15.81 43.24
N GLY B 19 -36.62 -16.14 42.11
CA GLY B 19 -36.52 -15.33 40.92
C GLY B 19 -37.70 -14.38 40.74
N ILE B 20 -37.67 -13.68 39.61
CA ILE B 20 -38.71 -12.73 39.24
C ILE B 20 -39.20 -13.07 37.84
N ARG B 21 -40.51 -12.99 37.64
CA ARG B 21 -41.14 -13.28 36.35
C ARG B 21 -41.13 -11.99 35.52
N LEU B 22 -40.17 -11.89 34.61
CA LEU B 22 -40.07 -10.74 33.73
C LEU B 22 -41.07 -10.85 32.59
N LYS B 23 -41.55 -9.70 32.12
CA LYS B 23 -42.60 -9.63 31.12
C LYS B 23 -42.05 -9.08 29.80
N THR B 24 -42.28 -9.83 28.72
CA THR B 24 -41.95 -9.44 27.37
C THR B 24 -43.22 -9.37 26.54
N PRO B 25 -43.23 -8.61 25.45
CA PRO B 25 -44.44 -8.57 24.60
C PRO B 25 -44.87 -9.91 24.06
N GLY B 26 -43.98 -10.89 23.98
CA GLY B 26 -44.34 -12.19 23.46
C GLY B 26 -44.75 -13.18 24.54
N GLY B 27 -44.32 -12.96 25.76
CA GLY B 27 -44.62 -13.84 26.86
C GLY B 27 -43.75 -13.59 28.07
N PRO B 28 -43.98 -14.34 29.14
CA PRO B 28 -43.17 -14.18 30.35
C PRO B 28 -41.85 -14.93 30.26
N VAL B 29 -40.92 -14.52 31.12
CA VAL B 29 -39.60 -15.12 31.22
C VAL B 29 -39.19 -15.15 32.69
N SER B 30 -38.70 -16.31 33.14
CA SER B 30 -38.19 -16.45 34.50
C SER B 30 -36.73 -16.01 34.54
N ALA B 31 -36.41 -15.13 35.48
CA ALA B 31 -35.08 -14.59 35.63
C ALA B 31 -34.59 -14.77 37.07
N PHE B 32 -33.29 -14.99 37.21
CA PHE B 32 -32.64 -15.14 38.51
C PHE B 32 -31.40 -14.26 38.49
N LEU B 33 -31.51 -13.06 39.05
CA LEU B 33 -30.49 -12.04 38.94
C LEU B 33 -29.70 -11.91 40.23
N GLY B 34 -28.39 -11.71 40.10
CA GLY B 34 -27.55 -11.54 41.27
C GLY B 34 -27.28 -12.81 42.04
N ILE B 35 -27.03 -13.91 41.35
CA ILE B 35 -26.70 -15.18 42.00
C ILE B 35 -25.22 -15.16 42.35
N PRO B 36 -24.86 -15.33 43.63
CA PRO B 36 -23.44 -15.32 44.01
C PRO B 36 -22.76 -16.62 43.61
N PHE B 37 -21.72 -16.52 42.79
CA PHE B 37 -20.94 -17.69 42.39
C PHE B 37 -19.54 -17.70 42.96
N ALA B 38 -19.19 -16.72 43.79
CA ALA B 38 -17.87 -16.66 44.39
C ALA B 38 -17.94 -15.83 45.66
N GLU B 39 -16.98 -16.06 46.55
CA GLU B 39 -16.85 -15.24 47.74
C GLU B 39 -16.41 -13.83 47.36
N PRO B 40 -16.85 -12.81 48.09
CA PRO B 40 -16.52 -11.43 47.74
C PRO B 40 -15.02 -11.20 47.78
N PRO B 41 -14.41 -10.83 46.66
CA PRO B 41 -12.94 -10.61 46.61
C PRO B 41 -12.54 -9.27 47.20
N MET B 42 -12.67 -9.15 48.52
CA MET B 42 -12.37 -7.91 49.21
C MET B 42 -11.24 -8.12 50.21
N GLY B 43 -10.63 -7.01 50.61
CA GLY B 43 -9.57 -7.02 51.60
C GLY B 43 -8.35 -7.81 51.15
N PRO B 44 -8.07 -8.91 51.85
CA PRO B 44 -6.93 -9.76 51.46
C PRO B 44 -7.15 -10.48 50.15
N ARG B 45 -8.41 -10.72 49.75
CA ARG B 45 -8.69 -11.42 48.52
C ARG B 45 -8.59 -10.53 47.28
N ARG B 46 -8.35 -9.24 47.45
CA ARG B 46 -8.14 -8.37 46.30
C ARG B 46 -6.89 -8.80 45.53
N PHE B 47 -7.01 -8.81 44.20
CA PHE B 47 -5.99 -9.27 43.25
C PHE B 47 -5.78 -10.78 43.28
N LEU B 48 -6.58 -11.52 44.05
CA LEU B 48 -6.39 -12.96 44.16
C LEU B 48 -7.40 -13.71 43.30
N PRO B 49 -7.08 -14.95 42.93
CA PRO B 49 -8.04 -15.75 42.18
C PRO B 49 -9.32 -15.94 42.97
N PRO B 50 -10.46 -16.06 42.29
CA PRO B 50 -11.73 -16.14 43.01
C PRO B 50 -11.88 -17.45 43.76
N GLU B 51 -12.53 -17.38 44.91
CA GLU B 51 -12.85 -18.55 45.70
C GLU B 51 -14.32 -18.91 45.52
N PRO B 52 -14.63 -20.19 45.37
CA PRO B 52 -16.02 -20.60 45.14
C PRO B 52 -16.92 -20.19 46.28
N LYS B 53 -18.14 -19.76 45.94
CA LYS B 53 -19.13 -19.37 46.93
C LYS B 53 -19.51 -20.57 47.80
N GLN B 54 -19.28 -20.45 49.10
CA GLN B 54 -19.69 -21.49 50.02
C GLN B 54 -21.22 -21.49 50.15
N PRO B 55 -21.82 -22.64 50.44
CA PRO B 55 -23.29 -22.72 50.49
C PRO B 55 -23.87 -21.76 51.53
N TRP B 56 -25.16 -21.45 51.34
CA TRP B 56 -25.86 -20.49 52.19
C TRP B 56 -27.11 -21.13 52.76
N SER B 57 -27.59 -20.55 53.86
CA SER B 57 -28.82 -20.97 54.50
C SER B 57 -29.94 -20.02 54.12
N GLY B 58 -31.11 -20.58 53.85
CA GLY B 58 -32.26 -19.78 53.48
C GLY B 58 -32.45 -19.66 51.99
N VAL B 59 -33.09 -18.57 51.54
CA VAL B 59 -33.37 -18.34 50.13
C VAL B 59 -32.72 -17.03 49.72
N VAL B 60 -31.86 -17.08 48.72
CA VAL B 60 -31.18 -15.88 48.22
C VAL B 60 -32.15 -15.10 47.32
N ASP B 61 -32.26 -13.81 47.58
CA ASP B 61 -33.08 -12.93 46.73
C ASP B 61 -32.41 -12.77 45.38
N ALA B 62 -33.04 -13.29 44.33
CA ALA B 62 -32.51 -13.24 42.97
C ALA B 62 -33.45 -12.47 42.05
N THR B 63 -33.99 -11.35 42.55
CA THR B 63 -34.96 -10.56 41.80
C THR B 63 -34.38 -9.27 41.25
N THR B 64 -33.19 -8.86 41.69
CA THR B 64 -32.57 -7.63 41.22
C THR B 64 -31.10 -7.87 40.92
N PHE B 65 -30.56 -7.08 40.01
CA PHE B 65 -29.14 -7.15 39.69
C PHE B 65 -28.32 -6.74 40.91
N GLN B 66 -27.09 -7.25 40.95
CA GLN B 66 -26.19 -6.99 42.06
C GLN B 66 -25.23 -5.85 41.69
N SER B 67 -24.25 -5.60 42.55
CA SER B 67 -23.36 -4.47 42.37
C SER B 67 -22.45 -4.65 41.17
N VAL B 68 -22.01 -3.53 40.60
CA VAL B 68 -21.06 -3.51 39.51
C VAL B 68 -19.65 -3.47 40.10
N CYS B 69 -18.72 -4.17 39.46
CA CYS B 69 -17.33 -4.13 39.90
C CYS B 69 -16.76 -2.74 39.73
N TYR B 70 -15.89 -2.35 40.67
CA TYR B 70 -15.31 -1.01 40.66
C TYR B 70 -14.59 -0.76 39.33
N GLN B 71 -14.93 0.36 38.70
CA GLN B 71 -14.44 0.64 37.36
C GLN B 71 -14.51 2.13 37.10
N TYR B 72 -13.78 2.57 36.07
CA TYR B 72 -13.83 3.96 35.65
C TYR B 72 -15.21 4.27 35.07
N VAL B 73 -15.73 5.45 35.41
CA VAL B 73 -17.02 5.91 34.92
C VAL B 73 -16.76 7.03 33.91
N ASP B 74 -17.30 6.86 32.70
CA ASP B 74 -17.08 7.82 31.63
C ASP B 74 -17.79 9.13 31.95
N THR B 75 -17.03 10.21 32.08
CA THR B 75 -17.58 11.52 32.44
C THR B 75 -17.23 12.60 31.43
N LEU B 76 -16.70 12.25 30.26
CA LEU B 76 -16.32 13.25 29.28
C LEU B 76 -17.51 13.79 28.49
N TYR B 77 -18.58 13.01 28.38
CA TYR B 77 -19.83 13.47 27.76
C TYR B 77 -20.96 13.22 28.74
N PRO B 78 -21.10 14.06 29.77
CA PRO B 78 -22.11 13.81 30.80
C PRO B 78 -23.51 13.87 30.22
N GLY B 79 -24.34 12.89 30.58
CA GLY B 79 -25.71 12.83 30.15
C GLY B 79 -25.93 12.32 28.74
N PHE B 80 -24.88 12.16 27.94
CA PHE B 80 -25.04 11.70 26.58
C PHE B 80 -25.41 10.22 26.54
N GLU B 81 -26.52 9.91 25.86
CA GLU B 81 -27.01 8.53 25.84
C GLU B 81 -25.97 7.57 25.29
N GLY B 82 -25.18 8.01 24.31
CA GLY B 82 -24.23 7.12 23.68
C GLY B 82 -23.16 6.58 24.61
N THR B 83 -22.76 7.38 25.61
CA THR B 83 -21.74 6.96 26.55
C THR B 83 -22.31 6.46 27.88
N GLU B 84 -23.42 7.05 28.34
CA GLU B 84 -23.98 6.63 29.62
C GLU B 84 -24.52 5.20 29.56
N MET B 85 -24.93 4.74 28.38
CA MET B 85 -25.46 3.39 28.24
C MET B 85 -24.45 2.33 28.61
N TRP B 86 -23.15 2.65 28.58
CA TRP B 86 -22.10 1.72 28.99
C TRP B 86 -21.63 1.97 30.42
N ASN B 87 -22.00 3.10 31.02
CA ASN B 87 -21.61 3.38 32.39
C ASN B 87 -22.35 2.47 33.35
N PRO B 88 -21.76 2.17 34.50
CA PRO B 88 -22.40 1.24 35.44
C PRO B 88 -23.71 1.79 35.97
N ASN B 89 -24.76 0.97 35.88
CA ASN B 89 -26.10 1.37 36.28
C ASN B 89 -26.49 0.85 37.66
N ARG B 90 -25.53 0.35 38.44
CA ARG B 90 -25.77 -0.08 39.80
C ARG B 90 -24.65 0.44 40.69
N GLU B 91 -24.72 0.12 41.98
CA GLU B 91 -23.71 0.56 42.93
C GLU B 91 -22.37 -0.10 42.63
N LEU B 92 -21.30 0.69 42.72
CA LEU B 92 -19.95 0.16 42.57
C LEU B 92 -19.52 -0.53 43.87
N SER B 93 -18.95 -1.72 43.74
CA SER B 93 -18.49 -2.46 44.91
C SER B 93 -17.51 -3.53 44.46
N GLU B 94 -16.51 -3.80 45.30
CA GLU B 94 -15.64 -4.95 45.07
C GLU B 94 -16.38 -6.27 45.28
N ASP B 95 -17.50 -6.25 45.99
CA ASP B 95 -18.39 -7.40 46.10
C ASP B 95 -19.31 -7.38 44.88
N CYS B 96 -18.85 -8.02 43.80
CA CYS B 96 -19.57 -7.98 42.54
C CYS B 96 -19.60 -9.32 41.81
N LEU B 97 -18.96 -10.36 42.33
CA LEU B 97 -18.90 -11.65 41.64
C LEU B 97 -20.27 -12.33 41.75
N TYR B 98 -21.16 -11.93 40.84
CA TYR B 98 -22.50 -12.47 40.76
C TYR B 98 -22.83 -12.73 39.30
N LEU B 99 -23.78 -13.64 39.07
CA LEU B 99 -24.22 -13.96 37.71
C LEU B 99 -25.74 -13.98 37.66
N ASN B 100 -26.28 -13.88 36.45
CA ASN B 100 -27.71 -13.83 36.20
C ASN B 100 -28.10 -14.94 35.23
N VAL B 101 -29.24 -15.58 35.52
CA VAL B 101 -29.74 -16.68 34.71
C VAL B 101 -31.15 -16.34 34.24
N TRP B 102 -31.34 -16.28 32.93
CA TRP B 102 -32.66 -16.17 32.32
C TRP B 102 -33.06 -17.50 31.71
N THR B 103 -34.32 -17.87 31.86
CA THR B 103 -34.83 -19.14 31.35
C THR B 103 -36.27 -18.93 30.92
N PRO B 104 -36.74 -19.68 29.92
CA PRO B 104 -38.14 -19.56 29.51
C PRO B 104 -39.08 -19.86 30.67
N TYR B 105 -40.22 -19.15 30.68
CA TYR B 105 -41.13 -19.26 31.82
C TYR B 105 -41.63 -20.69 32.03
N PRO B 106 -42.21 -21.37 31.04
CA PRO B 106 -42.41 -22.82 31.21
C PRO B 106 -41.08 -23.52 31.02
N ARG B 107 -40.42 -23.87 32.13
CA ARG B 107 -39.08 -24.44 32.05
C ARG B 107 -39.06 -25.61 31.07
N PRO B 108 -38.11 -25.65 30.14
CA PRO B 108 -38.16 -26.65 29.08
C PRO B 108 -38.07 -28.06 29.63
N THR B 109 -38.80 -28.97 28.99
CA THR B 109 -38.80 -30.37 29.42
C THR B 109 -37.47 -31.04 29.11
N SER B 110 -36.96 -30.83 27.90
CA SER B 110 -35.69 -31.39 27.45
C SER B 110 -34.57 -30.40 27.71
N PRO B 111 -33.32 -30.89 27.77
CA PRO B 111 -32.18 -29.98 27.91
C PRO B 111 -32.14 -28.96 26.79
N THR B 112 -31.76 -27.73 27.15
CA THR B 112 -31.81 -26.60 26.24
C THR B 112 -30.43 -25.98 26.09
N PRO B 113 -30.04 -25.58 24.88
CA PRO B 113 -28.75 -24.89 24.70
C PRO B 113 -28.66 -23.64 25.55
N VAL B 114 -27.47 -23.40 26.10
CA VAL B 114 -27.22 -22.31 27.04
C VAL B 114 -26.32 -21.30 26.35
N LEU B 115 -26.75 -20.03 26.34
CA LEU B 115 -25.94 -18.93 25.86
C LEU B 115 -25.33 -18.21 27.05
N VAL B 116 -24.02 -17.99 27.02
CA VAL B 116 -23.28 -17.38 28.11
C VAL B 116 -22.65 -16.10 27.58
N TRP B 117 -23.10 -14.96 28.07
CA TRP B 117 -22.66 -13.65 27.60
C TRP B 117 -21.54 -13.11 28.49
N ILE B 118 -20.47 -12.65 27.86
CA ILE B 118 -19.34 -12.03 28.55
C ILE B 118 -19.25 -10.60 28.04
N TYR B 119 -19.55 -9.63 28.91
CA TYR B 119 -19.54 -8.25 28.49
C TYR B 119 -18.13 -7.77 28.22
N GLY B 120 -18.01 -6.75 27.36
CA GLY B 120 -16.71 -6.22 27.01
C GLY B 120 -16.61 -4.72 27.14
N GLY B 121 -15.77 -4.26 28.06
CA GLY B 121 -15.49 -2.85 28.20
C GLY B 121 -14.02 -2.57 28.28
N GLY B 122 -13.25 -3.10 27.32
CA GLY B 122 -11.81 -2.92 27.31
C GLY B 122 -11.09 -3.45 28.53
N PHE B 123 -11.69 -4.40 29.24
CA PHE B 123 -11.16 -4.99 30.47
C PHE B 123 -11.06 -3.98 31.62
N TYR B 124 -11.57 -2.77 31.44
CA TYR B 124 -11.57 -1.77 32.51
C TYR B 124 -12.97 -1.40 32.99
N SER B 125 -14.02 -1.87 32.32
CA SER B 125 -15.38 -1.48 32.67
C SER B 125 -16.34 -2.57 32.18
N GLY B 126 -17.62 -2.32 32.38
CA GLY B 126 -18.67 -3.22 31.95
C GLY B 126 -19.40 -3.84 33.13
N ALA B 127 -20.60 -4.33 32.83
CA ALA B 127 -21.45 -4.97 33.83
C ALA B 127 -22.54 -5.75 33.11
N SER B 128 -22.92 -6.89 33.70
CA SER B 128 -24.01 -7.70 33.15
C SER B 128 -25.38 -7.10 33.43
N SER B 129 -25.45 -5.97 34.12
CA SER B 129 -26.71 -5.35 34.49
C SER B 129 -27.14 -4.25 33.52
N LEU B 130 -26.37 -3.99 32.47
CA LEU B 130 -26.73 -2.94 31.53
C LEU B 130 -28.03 -3.27 30.81
N ASP B 131 -28.66 -2.23 30.26
CA ASP B 131 -29.96 -2.42 29.63
C ASP B 131 -29.84 -3.15 28.30
N VAL B 132 -28.76 -2.90 27.55
CA VAL B 132 -28.59 -3.55 26.27
C VAL B 132 -28.26 -5.03 26.42
N TYR B 133 -27.81 -5.46 27.60
CA TYR B 133 -27.53 -6.86 27.86
C TYR B 133 -28.73 -7.57 28.47
N ASP B 134 -29.89 -6.92 28.53
CA ASP B 134 -31.10 -7.51 29.08
C ASP B 134 -31.49 -8.73 28.26
N GLY B 135 -31.28 -9.92 28.81
CA GLY B 135 -31.64 -11.13 28.11
C GLY B 135 -33.04 -11.61 28.45
N ARG B 136 -34.05 -10.97 27.88
CA ARG B 136 -35.42 -11.44 28.02
C ARG B 136 -36.09 -11.70 26.70
N PHE B 137 -35.77 -10.94 25.65
CA PHE B 137 -36.37 -11.16 24.35
C PHE B 137 -35.69 -12.31 23.61
N LEU B 138 -34.37 -12.44 23.79
CA LEU B 138 -33.66 -13.58 23.22
C LEU B 138 -34.12 -14.88 23.87
N VAL B 139 -34.32 -14.86 25.19
CA VAL B 139 -34.73 -16.07 25.91
C VAL B 139 -36.20 -16.41 25.66
N GLN B 140 -37.00 -15.44 25.23
CA GLN B 140 -38.41 -15.69 24.98
C GLN B 140 -38.67 -16.06 23.52
N ALA B 141 -38.02 -15.38 22.58
CA ALA B 141 -38.27 -15.64 21.17
C ALA B 141 -37.57 -16.88 20.65
N GLU B 142 -36.55 -17.37 21.35
CA GLU B 142 -35.81 -18.55 20.93
C GLU B 142 -35.76 -19.64 21.98
N ARG B 143 -36.22 -19.37 23.20
CA ARG B 143 -36.29 -20.34 24.30
C ARG B 143 -34.96 -21.08 24.46
N THR B 144 -33.94 -20.31 24.84
CA THR B 144 -32.63 -20.82 25.20
C THR B 144 -32.19 -20.15 26.49
N VAL B 145 -31.63 -20.94 27.40
CA VAL B 145 -31.15 -20.39 28.66
C VAL B 145 -30.02 -19.41 28.40
N LEU B 146 -30.11 -18.22 28.99
CA LEU B 146 -29.07 -17.20 28.91
C LEU B 146 -28.47 -16.97 30.28
N VAL B 147 -27.14 -17.03 30.37
CA VAL B 147 -26.42 -16.74 31.60
C VAL B 147 -25.44 -15.61 31.30
N SER B 148 -25.41 -14.61 32.18
CA SER B 148 -24.44 -13.53 32.10
C SER B 148 -23.74 -13.43 33.45
N MET B 149 -22.51 -12.91 33.42
CA MET B 149 -21.68 -12.88 34.61
C MET B 149 -21.10 -11.49 34.81
N ASN B 150 -20.61 -11.25 36.02
CA ASN B 150 -19.79 -10.08 36.33
C ASN B 150 -18.39 -10.57 36.66
N TYR B 151 -17.39 -9.99 36.01
CA TYR B 151 -16.00 -10.31 36.28
C TYR B 151 -15.24 -9.03 36.61
N ARG B 152 -14.23 -9.17 37.48
CA ARG B 152 -13.44 -8.03 37.90
C ARG B 152 -12.71 -7.40 36.72
N VAL B 153 -12.77 -6.08 36.62
CA VAL B 153 -12.10 -5.35 35.55
C VAL B 153 -11.08 -4.39 36.17
N GLY B 154 -10.35 -3.68 35.31
CA GLY B 154 -9.33 -2.76 35.80
C GLY B 154 -8.23 -3.49 36.56
N ALA B 155 -7.63 -2.77 37.51
CA ALA B 155 -6.56 -3.36 38.31
C ALA B 155 -7.07 -4.48 39.20
N PHE B 156 -8.32 -4.40 39.63
CA PHE B 156 -8.86 -5.43 40.52
C PHE B 156 -8.93 -6.79 39.85
N GLY B 157 -8.94 -6.82 38.52
CA GLY B 157 -9.07 -8.07 37.82
C GLY B 157 -7.87 -8.46 36.98
N PHE B 158 -6.97 -7.51 36.71
CA PHE B 158 -5.88 -7.79 35.79
C PHE B 158 -4.54 -7.18 36.20
N LEU B 159 -4.43 -6.61 37.40
CA LEU B 159 -3.11 -6.21 37.89
C LEU B 159 -2.28 -7.46 38.15
N ALA B 160 -1.09 -7.52 37.55
CA ALA B 160 -0.27 -8.72 37.59
C ALA B 160 1.15 -8.36 38.00
N LEU B 161 1.60 -8.93 39.11
CA LEU B 161 3.02 -8.97 39.44
C LEU B 161 3.50 -10.38 39.13
N PRO B 162 4.10 -10.62 37.96
CA PRO B 162 4.37 -12.00 37.52
C PRO B 162 5.29 -12.73 38.49
N GLY B 163 4.91 -13.97 38.80
CA GLY B 163 5.61 -14.78 39.77
C GLY B 163 5.07 -14.67 41.18
N SER B 164 4.53 -13.51 41.53
CA SER B 164 4.00 -13.31 42.87
C SER B 164 2.71 -14.11 43.07
N ARG B 165 2.62 -14.75 44.23
CA ARG B 165 1.40 -15.46 44.61
C ARG B 165 0.35 -14.52 45.19
N GLU B 166 0.64 -13.22 45.26
CA GLU B 166 -0.30 -12.22 45.77
C GLU B 166 -1.00 -11.45 44.67
N ALA B 167 -0.48 -11.50 43.44
CA ALA B 167 -1.12 -10.87 42.30
C ALA B 167 -0.70 -11.59 41.02
N PRO B 168 -1.18 -12.81 40.77
CA PRO B 168 -0.72 -13.57 39.60
C PRO B 168 -1.32 -13.11 38.28
N GLY B 169 -2.31 -12.22 38.31
CA GLY B 169 -2.92 -11.73 37.09
C GLY B 169 -4.01 -12.65 36.59
N ASN B 170 -4.77 -12.14 35.61
CA ASN B 170 -5.84 -12.87 34.94
C ASN B 170 -6.94 -13.33 35.88
N VAL B 171 -7.02 -12.74 37.08
CA VAL B 171 -8.06 -13.18 38.02
C VAL B 171 -9.45 -12.78 37.53
N GLY B 172 -9.55 -11.79 36.65
CA GLY B 172 -10.83 -11.49 36.03
C GLY B 172 -11.27 -12.56 35.05
N LEU B 173 -10.32 -13.14 34.32
CA LEU B 173 -10.64 -14.30 33.48
C LEU B 173 -10.98 -15.51 34.34
N LEU B 174 -10.29 -15.67 35.47
CA LEU B 174 -10.65 -16.74 36.40
C LEU B 174 -12.03 -16.51 37.00
N ASP B 175 -12.47 -15.26 37.12
CA ASP B 175 -13.85 -15.00 37.49
C ASP B 175 -14.81 -15.56 36.44
N GLN B 176 -14.49 -15.37 35.16
CA GLN B 176 -15.31 -15.93 34.09
C GLN B 176 -15.27 -17.46 34.11
N ARG B 177 -14.08 -18.03 34.32
CA ARG B 177 -13.97 -19.48 34.35
C ARG B 177 -14.76 -20.08 35.50
N LEU B 178 -14.71 -19.46 36.68
CA LEU B 178 -15.49 -19.96 37.81
C LEU B 178 -16.98 -19.87 37.54
N ALA B 179 -17.42 -18.86 36.79
CA ALA B 179 -18.82 -18.77 36.41
C ALA B 179 -19.20 -19.88 35.44
N LEU B 180 -18.29 -20.24 34.53
CA LEU B 180 -18.57 -21.34 33.60
C LEU B 180 -18.65 -22.67 34.34
N GLN B 181 -17.82 -22.86 35.36
CA GLN B 181 -17.95 -24.05 36.20
C GLN B 181 -19.28 -24.05 36.93
N TRP B 182 -19.74 -22.88 37.38
CA TRP B 182 -21.06 -22.77 38.00
C TRP B 182 -22.14 -23.18 37.02
N VAL B 183 -21.99 -22.82 35.75
CA VAL B 183 -22.97 -23.21 34.74
C VAL B 183 -22.96 -24.71 34.54
N GLN B 184 -21.78 -25.33 34.57
CA GLN B 184 -21.68 -26.75 34.29
C GLN B 184 -22.40 -27.60 35.34
N GLU B 185 -22.52 -27.09 36.57
CA GLU B 185 -23.11 -27.86 37.65
C GLU B 185 -24.51 -27.41 38.04
N ASN B 186 -24.97 -26.25 37.56
CA ASN B 186 -26.25 -25.70 38.01
C ASN B 186 -27.20 -25.31 36.88
N VAL B 187 -26.75 -25.21 35.63
CA VAL B 187 -27.65 -24.75 34.57
C VAL B 187 -28.71 -25.78 34.26
N ALA B 188 -28.49 -27.05 34.62
CA ALA B 188 -29.53 -28.06 34.43
C ALA B 188 -30.74 -27.79 35.31
N ALA B 189 -30.53 -27.16 36.47
CA ALA B 189 -31.64 -26.82 37.36
C ALA B 189 -32.57 -25.79 36.75
N PHE B 190 -32.13 -25.08 35.71
CA PHE B 190 -32.96 -24.11 35.03
C PHE B 190 -33.44 -24.62 33.67
N GLY B 191 -33.17 -25.89 33.36
CA GLY B 191 -33.51 -26.46 32.08
C GLY B 191 -32.44 -26.37 31.02
N GLY B 192 -31.20 -26.07 31.41
CA GLY B 192 -30.12 -25.90 30.44
C GLY B 192 -29.32 -27.17 30.25
N ASP B 193 -28.70 -27.27 29.07
CA ASP B 193 -27.86 -28.41 28.71
C ASP B 193 -26.41 -28.05 28.96
N PRO B 194 -25.75 -28.61 29.97
CA PRO B 194 -24.34 -28.28 30.20
C PRO B 194 -23.43 -28.69 29.06
N THR B 195 -23.83 -29.67 28.25
CA THR B 195 -23.01 -30.16 27.15
C THR B 195 -23.15 -29.31 25.89
N SER B 196 -24.00 -28.27 25.91
CA SER B 196 -24.21 -27.42 24.74
C SER B 196 -24.19 -25.95 25.20
N VAL B 197 -23.03 -25.49 25.68
CA VAL B 197 -22.84 -24.12 26.11
C VAL B 197 -22.14 -23.35 25.00
N THR B 198 -22.71 -22.21 24.62
CA THR B 198 -22.15 -21.35 23.58
C THR B 198 -21.75 -20.03 24.21
N LEU B 199 -20.46 -19.72 24.18
CA LEU B 199 -19.98 -18.44 24.68
C LEU B 199 -20.14 -17.38 23.59
N PHE B 200 -20.56 -16.18 23.98
CA PHE B 200 -20.59 -15.05 23.07
C PHE B 200 -20.35 -13.77 23.84
N GLY B 201 -19.56 -12.89 23.25
CA GLY B 201 -19.19 -11.63 23.88
C GLY B 201 -18.76 -10.63 22.85
N GLU B 202 -18.68 -9.37 23.28
CA GLU B 202 -18.29 -8.28 22.39
C GLU B 202 -17.06 -7.57 22.96
N OAS B 203 -16.23 -7.05 22.07
CA OAS B 203 -15.01 -6.32 22.45
CB OAS B 203 -15.37 -5.00 23.13
OG OAS B 203 -14.18 -4.21 23.27
C OAS B 203 -14.12 -7.17 23.36
O OAS B 203 -13.66 -8.23 22.98
C2A OAS B 203 -12.97 -2.29 23.86
C1A OAS B 203 -14.20 -3.13 24.02
OAC OAS B 203 -15.13 -2.86 24.76
N ALA B 204 -13.88 -6.68 24.57
CA ALA B 204 -13.07 -7.40 25.55
C ALA B 204 -13.73 -8.71 25.92
N GLY B 205 -15.06 -8.76 25.82
CA GLY B 205 -15.77 -10.01 26.04
C GLY B 205 -15.51 -11.01 24.93
N ALA B 206 -15.45 -10.53 23.68
CA ALA B 206 -15.07 -11.40 22.58
C ALA B 206 -13.63 -11.88 22.73
N ALA B 207 -12.73 -10.97 23.12
CA ALA B 207 -11.36 -11.38 23.41
C ALA B 207 -11.31 -12.40 24.54
N SER B 208 -12.17 -12.22 25.55
CA SER B 208 -12.23 -13.19 26.64
C SER B 208 -12.69 -14.56 26.13
N VAL B 209 -13.68 -14.58 25.24
CA VAL B 209 -14.12 -15.83 24.64
C VAL B 209 -12.98 -16.49 23.89
N GLY B 210 -12.22 -15.70 23.12
CA GLY B 210 -11.08 -16.25 22.42
C GLY B 210 -10.03 -16.82 23.34
N MET B 211 -9.84 -16.22 24.52
CA MET B 211 -8.84 -16.72 25.44
C MET B 211 -9.28 -18.01 26.12
N HIS B 212 -10.59 -18.20 26.30
CA HIS B 212 -11.08 -19.48 26.77
C HIS B 212 -10.86 -20.57 25.73
N LEU B 213 -10.83 -20.19 24.45
CA LEU B 213 -10.46 -21.14 23.41
C LEU B 213 -9.00 -21.55 23.53
N LEU B 214 -8.14 -20.60 23.87
CA LEU B 214 -6.70 -20.84 23.93
C LEU B 214 -6.22 -21.31 25.30
N SER B 215 -7.12 -21.43 26.26
CA SER B 215 -6.76 -21.93 27.58
C SER B 215 -7.38 -23.31 27.79
N PRO B 216 -6.59 -24.38 27.83
CA PRO B 216 -7.14 -25.74 27.88
C PRO B 216 -8.11 -25.97 29.03
N PRO B 217 -7.85 -25.44 30.24
CA PRO B 217 -8.80 -25.69 31.33
C PRO B 217 -10.22 -25.22 31.06
N SER B 218 -10.41 -24.23 30.17
CA SER B 218 -11.75 -23.74 29.88
C SER B 218 -12.44 -24.52 28.77
N ARG B 219 -11.70 -25.30 27.98
CA ARG B 219 -12.28 -25.99 26.84
C ARG B 219 -13.34 -27.00 27.25
N GLY B 220 -13.29 -27.49 28.49
CA GLY B 220 -14.33 -28.39 28.96
C GLY B 220 -15.56 -27.72 29.52
N LEU B 221 -15.61 -26.39 29.49
CA LEU B 221 -16.69 -25.64 30.09
C LEU B 221 -17.64 -25.02 29.06
N PHE B 222 -17.40 -25.26 27.77
CA PHE B 222 -18.29 -24.77 26.72
C PHE B 222 -18.02 -25.59 25.46
N HIS B 223 -18.91 -25.43 24.49
CA HIS B 223 -18.84 -26.19 23.24
C HIS B 223 -18.62 -25.31 22.02
N ARG B 224 -19.31 -24.18 21.92
CA ARG B 224 -19.22 -23.28 20.78
C ARG B 224 -18.85 -21.88 21.27
N ALA B 225 -18.42 -21.03 20.34
CA ALA B 225 -17.92 -19.71 20.68
C ALA B 225 -18.38 -18.69 19.64
N VAL B 226 -18.66 -17.47 20.11
CA VAL B 226 -18.99 -16.34 19.25
C VAL B 226 -18.13 -15.15 19.68
N LEU B 227 -17.46 -14.51 18.73
CA LEU B 227 -16.58 -13.38 19.01
C LEU B 227 -17.05 -12.19 18.18
N GLN B 228 -17.59 -11.18 18.84
CA GLN B 228 -18.15 -10.00 18.18
C GLN B 228 -17.19 -8.83 18.37
N SER B 229 -16.58 -8.37 17.28
CA SER B 229 -15.73 -7.18 17.28
C SER B 229 -14.61 -7.29 18.31
N GLY B 230 -14.00 -8.46 18.40
CA GLY B 230 -12.90 -8.66 19.33
C GLY B 230 -12.21 -9.97 19.06
N ALA B 231 -10.95 -10.05 19.50
CA ALA B 231 -10.13 -11.22 19.28
C ALA B 231 -9.01 -11.23 20.31
N PRO B 232 -8.59 -12.40 20.79
CA PRO B 232 -7.50 -12.44 21.79
C PRO B 232 -6.15 -12.01 21.24
N ASN B 233 -5.93 -12.11 19.93
CA ASN B 233 -4.66 -11.73 19.33
C ASN B 233 -4.59 -10.25 18.98
N GLY B 234 -5.56 -9.45 19.42
CA GLY B 234 -5.52 -8.03 19.20
C GLY B 234 -4.35 -7.39 19.93
N PRO B 235 -3.85 -6.26 19.40
CA PRO B 235 -2.72 -5.59 20.05
C PRO B 235 -3.05 -4.97 21.39
N TRP B 236 -4.32 -4.94 21.79
CA TRP B 236 -4.75 -4.34 23.04
C TRP B 236 -5.17 -5.36 24.09
N ALA B 237 -5.35 -6.62 23.71
CA ALA B 237 -5.97 -7.60 24.60
C ALA B 237 -4.99 -8.27 25.56
N THR B 238 -3.69 -8.22 25.27
CA THR B 238 -2.72 -8.86 26.15
C THR B 238 -1.50 -7.95 26.33
N VAL B 239 -0.75 -8.21 27.39
CA VAL B 239 0.54 -7.59 27.63
C VAL B 239 1.51 -8.68 28.11
N GLY B 240 2.80 -8.43 27.92
CA GLY B 240 3.80 -9.31 28.45
C GLY B 240 3.98 -9.16 29.94
N MET B 241 4.66 -10.13 30.54
CA MET B 241 4.91 -10.08 31.97
C MET B 241 5.80 -8.90 32.35
N GLY B 242 6.68 -8.47 31.46
CA GLY B 242 7.51 -7.31 31.76
C GLY B 242 6.71 -6.03 31.79
N GLU B 243 5.89 -5.80 30.76
CA GLU B 243 5.03 -4.62 30.75
C GLU B 243 3.98 -4.69 31.84
N ALA B 244 3.49 -5.89 32.17
CA ALA B 244 2.52 -6.01 33.24
C ALA B 244 3.11 -5.63 34.59
N ARG B 245 4.40 -5.88 34.79
CA ARG B 245 5.04 -5.52 36.04
C ARG B 245 5.36 -4.03 36.10
N ARG B 246 5.81 -3.44 34.98
CA ARG B 246 6.07 -2.01 34.96
C ARG B 246 4.79 -1.21 35.18
N ARG B 247 3.67 -1.71 34.66
CA ARG B 247 2.40 -1.03 34.89
C ARG B 247 1.90 -1.25 36.33
N ALA B 248 2.23 -2.40 36.92
CA ALA B 248 1.81 -2.68 38.29
C ALA B 248 2.58 -1.82 39.28
N THR B 249 3.90 -1.74 39.12
CA THR B 249 4.70 -0.92 40.03
C THR B 249 4.43 0.56 39.82
N GLN B 250 4.19 0.98 38.58
CA GLN B 250 3.87 2.37 38.31
C GLN B 250 2.60 2.79 39.03
N LEU B 251 1.59 1.92 39.06
CA LEU B 251 0.36 2.24 39.78
C LEU B 251 0.63 2.35 41.27
N ALA B 252 1.53 1.53 41.80
CA ALA B 252 1.86 1.62 43.23
C ALA B 252 2.52 2.95 43.56
N HIS B 253 3.42 3.42 42.70
CA HIS B 253 4.12 4.67 42.98
C HIS B 253 3.19 5.87 42.86
N LEU B 254 2.16 5.78 42.02
CA LEU B 254 1.21 6.88 41.86
C LEU B 254 0.22 6.97 43.02
N VAL B 255 -0.08 5.86 43.68
CA VAL B 255 -0.90 5.88 44.89
C VAL B 255 -0.06 5.99 46.15
N GLY B 256 1.26 6.16 46.03
CA GLY B 256 2.09 6.27 47.22
C GLY B 256 2.55 4.97 47.83
N CYS B 257 2.54 3.89 47.08
CA CYS B 257 2.96 2.62 47.66
C CYS B 257 4.39 2.30 47.28
N PRO B 258 5.16 1.72 48.22
CA PRO B 258 6.54 1.29 48.01
C PRO B 258 6.72 0.39 46.78
N GLY B 264 9.11 -10.66 50.84
CA GLY B 264 9.74 -10.09 49.65
C GLY B 264 9.27 -8.68 49.35
N ASN B 265 9.90 -8.05 48.35
CA ASN B 265 9.51 -6.70 47.97
C ASN B 265 8.19 -6.67 47.21
N ASP B 266 7.80 -7.79 46.59
CA ASP B 266 6.51 -7.84 45.90
C ASP B 266 5.37 -8.04 46.88
N THR B 267 5.59 -8.80 47.95
CA THR B 267 4.53 -9.06 48.92
C THR B 267 4.11 -7.79 49.64
N GLU B 268 5.09 -6.96 50.04
CA GLU B 268 4.76 -5.70 50.69
C GLU B 268 4.11 -4.73 49.70
N LEU B 269 4.42 -4.85 48.41
CA LEU B 269 3.84 -3.96 47.43
C LEU B 269 2.35 -4.24 47.23
N VAL B 270 1.98 -5.52 47.15
CA VAL B 270 0.57 -5.87 46.99
C VAL B 270 -0.21 -5.52 48.26
N ALA B 271 0.39 -5.77 49.42
CA ALA B 271 -0.29 -5.46 50.68
C ALA B 271 -0.63 -3.98 50.78
N CYS B 272 0.27 -3.11 50.34
CA CYS B 272 0.00 -1.67 50.36
C CYS B 272 -1.14 -1.33 49.40
N LEU B 273 -1.18 -1.98 48.24
CA LEU B 273 -2.26 -1.71 47.28
C LEU B 273 -3.62 -2.11 47.83
N ARG B 274 -3.66 -3.14 48.70
CA ARG B 274 -4.93 -3.54 49.29
C ARG B 274 -5.45 -2.49 50.27
N THR B 275 -4.55 -1.73 50.91
CA THR B 275 -4.98 -0.70 51.84
C THR B 275 -5.61 0.48 51.13
N ARG B 276 -5.15 0.79 49.92
CA ARG B 276 -5.68 1.93 49.18
C ARG B 276 -7.17 1.71 48.90
N PRO B 277 -7.98 2.77 48.96
CA PRO B 277 -9.39 2.63 48.62
C PRO B 277 -9.57 2.24 47.16
N ALA B 278 -10.73 1.66 46.86
CA ALA B 278 -10.99 1.17 45.51
C ALA B 278 -10.95 2.29 44.49
N GLN B 279 -11.54 3.44 44.82
CA GLN B 279 -11.62 4.55 43.88
C GLN B 279 -10.26 5.20 43.63
N VAL B 280 -9.33 5.10 44.58
CA VAL B 280 -8.01 5.69 44.39
C VAL B 280 -7.27 4.99 43.27
N LEU B 281 -7.31 3.64 43.25
CA LEU B 281 -6.69 2.91 42.16
C LEU B 281 -7.33 3.24 40.82
N VAL B 282 -8.66 3.40 40.80
CA VAL B 282 -9.36 3.73 39.57
C VAL B 282 -8.92 5.09 39.03
N ASN B 283 -8.66 6.04 39.94
CA ASN B 283 -8.27 7.38 39.51
C ASN B 283 -6.92 7.41 38.82
N HIS B 284 -6.05 6.44 39.11
CA HIS B 284 -4.69 6.44 38.58
C HIS B 284 -4.44 5.30 37.59
N GLU B 285 -5.50 4.60 37.15
CA GLU B 285 -5.30 3.47 36.26
C GLU B 285 -4.78 3.90 34.90
N TRP B 286 -5.38 4.93 34.29
CA TRP B 286 -4.98 5.35 32.96
C TRP B 286 -3.62 6.01 32.93
N HIS B 287 -3.11 6.47 34.07
CA HIS B 287 -1.84 7.19 34.07
C HIS B 287 -0.64 6.27 33.90
N VAL B 288 -0.80 4.96 34.14
CA VAL B 288 0.32 4.04 34.02
C VAL B 288 0.60 3.63 32.58
N LEU B 289 -0.24 4.04 31.63
CA LEU B 289 0.01 3.74 30.24
C LEU B 289 1.29 4.44 29.78
N PRO B 290 2.13 3.77 28.98
CA PRO B 290 3.42 4.39 28.60
C PRO B 290 3.26 5.67 27.79
N GLN B 291 2.55 5.61 26.67
CA GLN B 291 2.39 6.75 25.78
C GLN B 291 0.92 7.17 25.73
N GLU B 292 0.69 8.40 25.28
CA GLU B 292 -0.67 8.83 24.96
C GLU B 292 -1.19 7.98 23.81
N SER B 293 -2.32 7.33 24.02
CA SER B 293 -2.79 6.33 23.06
C SER B 293 -4.31 6.30 23.05
N VAL B 294 -4.85 5.60 22.06
CA VAL B 294 -6.28 5.32 21.96
C VAL B 294 -6.44 3.83 21.73
N PHE B 295 -7.58 3.29 22.17
CA PHE B 295 -7.83 1.84 22.15
C PHE B 295 -6.69 1.10 22.85
N ARG B 296 -6.25 1.62 23.98
CA ARG B 296 -5.26 0.96 24.83
C ARG B 296 -5.72 1.07 26.27
N PHE B 297 -5.53 -0.01 27.02
CA PHE B 297 -6.04 -0.11 28.38
C PHE B 297 -4.93 -0.62 29.29
N SER B 298 -4.91 -0.10 30.52
CA SER B 298 -3.77 -0.31 31.39
C SER B 298 -3.63 -1.77 31.82
N PHE B 299 -4.70 -2.36 32.33
CA PHE B 299 -4.64 -3.70 32.93
C PHE B 299 -5.51 -4.64 32.11
N VAL B 300 -4.86 -5.47 31.31
CA VAL B 300 -5.50 -6.45 30.43
C VAL B 300 -4.94 -7.82 30.81
N PRO B 301 -5.45 -8.92 30.24
CA PRO B 301 -4.82 -10.22 30.50
C PRO B 301 -3.34 -10.23 30.14
N VAL B 302 -2.57 -11.00 30.89
CA VAL B 302 -1.12 -11.07 30.73
C VAL B 302 -0.73 -12.48 30.29
N VAL B 303 0.26 -12.55 29.40
CA VAL B 303 0.85 -13.83 29.01
C VAL B 303 1.77 -14.30 30.13
N ASP B 304 1.22 -15.05 31.09
CA ASP B 304 1.96 -15.44 32.28
C ASP B 304 2.44 -16.88 32.25
N GLY B 305 1.95 -17.70 31.31
CA GLY B 305 2.25 -19.11 31.29
C GLY B 305 1.27 -19.99 32.04
N ASP B 306 0.37 -19.40 32.83
CA ASP B 306 -0.66 -20.17 33.52
C ASP B 306 -1.94 -20.18 32.70
N PHE B 307 -2.65 -19.05 32.66
CA PHE B 307 -3.86 -18.98 31.86
C PHE B 307 -3.55 -18.99 30.38
N LEU B 308 -2.54 -18.23 29.95
CA LEU B 308 -2.08 -18.19 28.57
C LEU B 308 -0.66 -18.73 28.55
N SER B 309 -0.49 -19.97 28.09
CA SER B 309 0.84 -20.58 28.08
C SER B 309 1.78 -19.84 27.13
N ASP B 310 1.24 -19.19 26.11
CA ASP B 310 2.02 -18.40 25.18
C ASP B 310 1.15 -17.23 24.73
N THR B 311 1.71 -16.39 23.87
CA THR B 311 0.95 -15.29 23.30
C THR B 311 -0.23 -15.84 22.51
N PRO B 312 -1.35 -15.11 22.46
CA PRO B 312 -2.52 -15.63 21.73
C PRO B 312 -2.24 -15.91 20.26
N GLU B 313 -1.40 -15.08 19.62
CA GLU B 313 -1.09 -15.34 18.22
C GLU B 313 -0.34 -16.65 18.05
N ALA B 314 0.47 -17.05 19.03
CA ALA B 314 1.16 -18.33 18.98
C ALA B 314 0.23 -19.49 19.29
N LEU B 315 -0.66 -19.32 20.26
CA LEU B 315 -1.64 -20.36 20.58
C LEU B 315 -2.62 -20.60 19.45
N ILE B 316 -2.79 -19.63 18.55
CA ILE B 316 -3.71 -19.79 17.43
C ILE B 316 -3.07 -20.60 16.30
N ASN B 317 -1.75 -20.47 16.11
CA ASN B 317 -1.10 -21.16 15.00
C ASN B 317 -1.20 -22.68 15.14
N ALA B 318 -0.98 -23.20 16.34
CA ALA B 318 -1.02 -24.63 16.61
C ALA B 318 -1.92 -24.88 17.82
N GLY B 319 -3.20 -25.15 17.58
CA GLY B 319 -4.15 -25.36 18.65
C GLY B 319 -5.12 -26.48 18.33
N ASP B 320 -5.97 -26.77 19.31
CA ASP B 320 -7.00 -27.80 19.18
C ASP B 320 -8.28 -27.12 18.71
N PHE B 321 -8.47 -27.07 17.39
CA PHE B 321 -9.58 -26.33 16.81
C PHE B 321 -10.45 -27.13 15.86
N HIS B 322 -10.10 -28.40 15.58
CA HIS B 322 -10.90 -29.19 14.66
C HIS B 322 -12.27 -29.50 15.25
N GLY B 323 -13.31 -29.33 14.44
CA GLY B 323 -14.67 -29.55 14.87
C GLY B 323 -15.29 -28.42 15.67
N LEU B 324 -14.52 -27.38 15.99
CA LEU B 324 -15.03 -26.27 16.78
C LEU B 324 -15.85 -25.33 15.92
N GLN B 325 -17.07 -25.03 16.35
CA GLN B 325 -17.93 -24.09 15.65
C GLN B 325 -17.73 -22.70 16.25
N VAL B 326 -17.33 -21.74 15.41
CA VAL B 326 -17.05 -20.38 15.84
C VAL B 326 -17.81 -19.41 14.95
N LEU B 327 -18.36 -18.36 15.56
CA LEU B 327 -19.06 -17.31 14.84
C LEU B 327 -18.36 -15.99 15.16
N VAL B 328 -17.75 -15.38 14.15
CA VAL B 328 -17.03 -14.12 14.33
C VAL B 328 -17.65 -13.06 13.43
N GLY B 329 -17.33 -11.81 13.72
CA GLY B 329 -17.85 -10.71 12.93
C GLY B 329 -17.42 -9.38 13.50
N VAL B 330 -17.64 -8.34 12.70
CA VAL B 330 -17.26 -6.97 13.05
C VAL B 330 -18.39 -6.03 12.62
N VAL B 331 -18.28 -4.78 13.04
CA VAL B 331 -19.17 -3.74 12.58
C VAL B 331 -18.49 -2.96 11.45
N LYS B 332 -19.24 -2.08 10.81
CA LYS B 332 -18.73 -1.41 9.62
C LYS B 332 -17.67 -0.37 9.97
N ASP B 333 -17.77 0.26 11.14
CA ASP B 333 -16.86 1.32 11.56
C ASP B 333 -16.37 1.00 12.98
N GLU B 334 -15.32 0.20 13.07
CA GLU B 334 -14.84 -0.27 14.37
C GLU B 334 -14.07 0.80 15.12
N GLY B 335 -13.39 1.71 14.42
CA GLY B 335 -12.47 2.63 15.06
C GLY B 335 -12.98 4.04 15.25
N SER B 336 -14.17 4.35 14.73
CA SER B 336 -14.67 5.72 14.79
C SER B 336 -14.96 6.16 16.21
N TYR B 337 -15.59 5.28 17.00
CA TYR B 337 -16.00 5.65 18.35
C TYR B 337 -14.79 6.03 19.22
N PHE B 338 -13.68 5.32 19.05
CA PHE B 338 -12.55 5.50 19.96
C PHE B 338 -11.84 6.84 19.76
N LEU B 339 -11.95 7.44 18.58
CA LEU B 339 -11.16 8.63 18.27
C LEU B 339 -11.53 9.84 19.12
N VAL B 340 -12.73 9.88 19.69
CA VAL B 340 -13.08 10.97 20.59
C VAL B 340 -12.41 10.84 21.95
N TYR B 341 -11.62 9.78 22.17
CA TYR B 341 -10.88 9.61 23.42
C TYR B 341 -9.37 9.66 23.19
N GLY B 342 -8.88 10.79 22.70
CA GLY B 342 -7.44 10.96 22.55
C GLY B 342 -6.93 11.45 21.21
N ALA B 343 -7.65 11.14 20.14
CA ALA B 343 -7.19 11.53 18.81
C ALA B 343 -7.31 13.04 18.64
N PRO B 344 -6.27 13.71 18.14
CA PRO B 344 -6.32 15.17 18.03
C PRO B 344 -7.32 15.64 16.99
N GLY B 345 -8.09 16.67 17.35
CA GLY B 345 -9.06 17.24 16.43
C GLY B 345 -10.35 16.48 16.29
N PHE B 346 -10.65 15.57 17.22
CA PHE B 346 -11.83 14.73 17.13
C PHE B 346 -12.81 15.05 18.25
N SER B 347 -14.09 15.13 17.89
CA SER B 347 -15.18 15.30 18.85
C SER B 347 -16.46 14.90 18.16
N LYS B 348 -17.41 14.39 18.95
CA LYS B 348 -18.71 14.03 18.41
C LYS B 348 -19.55 15.25 18.04
N ASP B 349 -19.17 16.44 18.50
CA ASP B 349 -20.00 17.61 18.25
C ASP B 349 -19.72 18.21 16.87
N ASN B 350 -18.45 18.37 16.51
CA ASN B 350 -18.10 18.81 15.17
C ASN B 350 -17.81 17.61 14.28
N GLU B 351 -17.81 17.85 12.97
CA GLU B 351 -17.56 16.80 11.99
C GLU B 351 -16.15 16.20 12.08
N SER B 352 -15.27 16.70 12.95
CA SER B 352 -13.92 16.13 13.15
C SER B 352 -13.12 16.08 11.84
N LEU B 353 -13.25 17.14 11.05
CA LEU B 353 -12.50 17.27 9.80
C LEU B 353 -11.09 17.70 10.15
N ILE B 354 -10.23 16.71 10.44
CA ILE B 354 -8.88 16.98 10.91
C ILE B 354 -8.00 17.41 9.73
N SER B 355 -6.93 18.13 10.06
CA SER B 355 -5.89 18.44 9.10
C SER B 355 -4.94 17.26 8.98
N ARG B 356 -3.97 17.37 8.08
CA ARG B 356 -2.98 16.30 7.96
C ARG B 356 -2.06 16.28 9.16
N ALA B 357 -1.74 17.45 9.72
CA ALA B 357 -0.92 17.48 10.92
C ALA B 357 -1.59 16.74 12.07
N GLU B 358 -2.92 16.83 12.16
CA GLU B 358 -3.66 16.09 13.17
C GLU B 358 -3.82 14.62 12.79
N PHE B 359 -3.81 14.31 11.48
CA PHE B 359 -3.85 12.92 11.04
C PHE B 359 -2.57 12.19 11.41
N LEU B 360 -1.42 12.80 11.11
CA LEU B 360 -0.15 12.14 11.42
C LEU B 360 0.04 12.00 12.92
N ALA B 361 -0.40 13.00 13.69
CA ALA B 361 -0.32 12.89 15.15
C ALA B 361 -1.26 11.80 15.66
N GLY B 362 -2.44 11.66 15.04
CA GLY B 362 -3.38 10.63 15.44
C GLY B 362 -2.90 9.23 15.14
N VAL B 363 -2.03 9.08 14.13
CA VAL B 363 -1.47 7.76 13.82
C VAL B 363 -0.56 7.29 14.95
N ARG B 364 0.24 8.21 15.50
CA ARG B 364 1.15 7.84 16.59
C ARG B 364 0.40 7.53 17.88
N VAL B 365 -0.83 8.04 18.03
CA VAL B 365 -1.64 7.70 19.20
C VAL B 365 -2.60 6.53 18.91
N GLY B 366 -2.87 6.24 17.64
CA GLY B 366 -3.68 5.08 17.31
C GLY B 366 -2.84 3.82 17.20
N VAL B 367 -1.61 4.00 16.74
CA VAL B 367 -0.65 2.89 16.67
C VAL B 367 0.53 3.25 17.57
N PRO B 368 0.40 3.10 18.88
CA PRO B 368 1.51 3.44 19.77
C PRO B 368 2.52 2.30 19.87
N GLN B 369 3.65 2.60 20.51
CA GLN B 369 4.68 1.60 20.80
C GLN B 369 5.23 0.96 19.54
N VAL B 370 5.36 1.76 18.47
CA VAL B 370 5.98 1.30 17.23
C VAL B 370 7.03 2.32 16.81
N SER B 371 7.96 1.86 15.97
CA SER B 371 9.07 2.70 15.55
C SER B 371 8.60 3.80 14.62
N ASP B 372 9.51 4.74 14.36
CA ASP B 372 9.21 5.84 13.45
C ASP B 372 8.97 5.32 12.03
N LEU B 373 9.83 4.43 11.56
CA LEU B 373 9.67 3.85 10.23
C LEU B 373 8.35 3.09 10.12
N ALA B 374 7.97 2.38 11.19
CA ALA B 374 6.72 1.62 11.17
C ALA B 374 5.52 2.55 10.98
N ALA B 375 5.49 3.65 11.73
CA ALA B 375 4.39 4.59 11.62
C ALA B 375 4.27 5.18 10.22
N GLU B 376 5.40 5.32 9.51
CA GLU B 376 5.33 5.86 8.16
C GLU B 376 4.73 4.84 7.19
N ALA B 377 4.94 3.55 7.44
CA ALA B 377 4.23 2.54 6.66
C ALA B 377 2.73 2.64 6.87
N VAL B 378 2.30 3.05 8.06
CA VAL B 378 0.87 3.24 8.31
C VAL B 378 0.38 4.51 7.64
N VAL B 379 1.24 5.53 7.55
CA VAL B 379 0.87 6.74 6.80
C VAL B 379 0.69 6.41 5.33
N LEU B 380 1.56 5.57 4.77
CA LEU B 380 1.32 4.96 3.47
C LEU B 380 0.09 4.07 3.57
N HIS B 381 -0.34 3.46 2.46
CA HIS B 381 -1.51 2.58 2.43
CA HIS B 381 -1.51 2.59 2.41
C HIS B 381 -2.79 3.33 2.81
N TYR B 382 -2.79 3.98 3.97
CA TYR B 382 -3.96 4.69 4.48
C TYR B 382 -4.01 6.16 4.07
N THR B 383 -3.17 6.60 3.14
CA THR B 383 -3.20 7.95 2.61
C THR B 383 -3.58 7.91 1.14
N ASP B 384 -4.61 8.66 0.78
CA ASP B 384 -4.97 8.86 -0.62
C ASP B 384 -4.02 9.93 -1.17
N TRP B 385 -3.00 9.51 -1.90
CA TRP B 385 -1.97 10.43 -2.36
C TRP B 385 -2.42 11.29 -3.54
N LEU B 386 -3.68 11.18 -3.95
CA LEU B 386 -4.27 12.19 -4.82
C LEU B 386 -4.93 13.30 -4.04
N HIS B 387 -5.45 13.00 -2.85
CA HIS B 387 -6.03 13.99 -1.95
C HIS B 387 -5.49 13.77 -0.54
N PRO B 388 -4.20 14.03 -0.32
CA PRO B 388 -3.62 13.81 1.01
C PRO B 388 -4.00 14.87 2.03
N GLU B 389 -4.63 15.97 1.61
CA GLU B 389 -5.02 17.04 2.51
C GLU B 389 -6.51 17.06 2.81
N ASP B 390 -7.30 16.27 2.09
CA ASP B 390 -8.75 16.23 2.25
C ASP B 390 -9.11 15.85 3.68
N PRO B 391 -9.70 16.76 4.46
CA PRO B 391 -10.00 16.43 5.87
C PRO B 391 -11.02 15.32 6.01
N ALA B 392 -12.01 15.23 5.13
CA ALA B 392 -13.00 14.17 5.23
C ALA B 392 -12.37 12.80 4.99
N ARG B 393 -11.42 12.72 4.06
CA ARG B 393 -10.72 11.46 3.82
C ARG B 393 -9.79 11.12 4.98
N LEU B 394 -9.03 12.11 5.46
CA LEU B 394 -8.12 11.88 6.58
C LEU B 394 -8.87 11.40 7.81
N ARG B 395 -10.05 11.96 8.07
CA ARG B 395 -10.86 11.51 9.20
C ARG B 395 -11.32 10.08 9.00
N GLU B 396 -11.84 9.77 7.81
CA GLU B 396 -12.33 8.41 7.55
C GLU B 396 -11.18 7.41 7.45
N ALA B 397 -9.99 7.88 7.06
CA ALA B 397 -8.84 6.98 6.97
C ALA B 397 -8.35 6.57 8.35
N LEU B 398 -8.25 7.54 9.28
CA LEU B 398 -7.82 7.22 10.64
C LEU B 398 -8.83 6.31 11.33
N SER B 399 -10.11 6.39 10.95
CA SER B 399 -11.09 5.45 11.47
C SER B 399 -10.76 4.02 11.04
N ASP B 400 -10.26 3.87 9.81
CA ASP B 400 -9.86 2.54 9.34
C ASP B 400 -8.60 2.07 10.05
N VAL B 401 -7.65 2.97 10.30
CA VAL B 401 -6.40 2.58 10.95
C VAL B 401 -6.68 1.96 12.31
N VAL B 402 -7.48 2.64 13.14
CA VAL B 402 -7.77 2.13 14.47
C VAL B 402 -8.66 0.89 14.39
N GLY B 403 -9.59 0.87 13.44
CA GLY B 403 -10.48 -0.27 13.32
C GLY B 403 -9.76 -1.52 12.82
N ASP B 404 -8.92 -1.37 11.79
CA ASP B 404 -8.22 -2.52 11.25
C ASP B 404 -7.18 -3.06 12.22
N HIS B 405 -6.34 -2.18 12.77
CA HIS B 405 -5.24 -2.61 13.61
C HIS B 405 -5.73 -3.31 14.87
N ASN B 406 -6.86 -2.88 15.43
CA ASN B 406 -7.31 -3.38 16.72
C ASN B 406 -8.41 -4.42 16.64
N VAL B 407 -9.28 -4.34 15.63
CA VAL B 407 -10.45 -5.23 15.60
C VAL B 407 -10.46 -6.09 14.33
N VAL B 408 -10.59 -5.45 13.18
CA VAL B 408 -10.90 -6.18 11.94
C VAL B 408 -9.81 -7.20 11.62
N CYS B 409 -8.56 -6.78 11.65
CA CYS B 409 -7.49 -7.67 11.21
C CYS B 409 -7.13 -8.72 12.26
N PRO B 410 -7.12 -8.40 13.55
CA PRO B 410 -7.01 -9.50 14.55
C PRO B 410 -8.11 -10.53 14.40
N VAL B 411 -9.32 -10.11 14.01
CA VAL B 411 -10.42 -11.05 13.82
C VAL B 411 -10.20 -11.88 12.56
N ALA B 412 -9.83 -11.21 11.46
CA ALA B 412 -9.59 -11.92 10.21
C ALA B 412 -8.47 -12.93 10.35
N GLN B 413 -7.41 -12.57 11.07
CA GLN B 413 -6.31 -13.51 11.32
C GLN B 413 -6.80 -14.71 12.12
N LEU B 414 -7.61 -14.46 13.15
CA LEU B 414 -8.13 -15.56 13.96
C LEU B 414 -9.04 -16.47 13.14
N ALA B 415 -9.98 -15.88 12.39
CA ALA B 415 -10.93 -16.68 11.63
C ALA B 415 -10.23 -17.53 10.58
N GLY B 416 -9.26 -16.95 9.87
CA GLY B 416 -8.57 -17.69 8.83
C GLY B 416 -7.78 -18.87 9.38
N ARG B 417 -7.20 -18.70 10.56
CA ARG B 417 -6.35 -19.75 11.11
C ARG B 417 -7.16 -20.85 11.80
N LEU B 418 -8.30 -20.51 12.40
CA LEU B 418 -9.17 -21.56 12.92
C LEU B 418 -9.73 -22.41 11.80
N ALA B 419 -10.15 -21.78 10.71
CA ALA B 419 -10.69 -22.53 9.57
C ALA B 419 -9.63 -23.43 8.96
N ALA B 420 -8.38 -22.96 8.89
CA ALA B 420 -7.29 -23.76 8.34
C ALA B 420 -6.92 -24.94 9.23
N GLN B 421 -7.43 -25.00 10.46
CA GLN B 421 -7.11 -26.09 11.38
C GLN B 421 -8.35 -26.91 11.74
N GLY B 422 -9.41 -26.81 10.95
CA GLY B 422 -10.56 -27.69 11.10
C GLY B 422 -11.75 -27.10 11.82
N ALA B 423 -11.83 -25.80 11.97
CA ALA B 423 -12.96 -25.18 12.64
C ALA B 423 -13.98 -24.71 11.61
N ARG B 424 -15.27 -24.87 11.94
CA ARG B 424 -16.35 -24.34 11.13
C ARG B 424 -16.59 -22.90 11.57
N VAL B 425 -16.11 -21.95 10.76
CA VAL B 425 -16.13 -20.53 11.10
C VAL B 425 -17.16 -19.83 10.22
N TYR B 426 -18.01 -19.02 10.84
CA TYR B 426 -18.97 -18.18 10.13
C TYR B 426 -18.67 -16.73 10.47
N ALA B 427 -18.56 -15.89 9.44
CA ALA B 427 -18.17 -14.50 9.59
C ALA B 427 -19.28 -13.57 9.08
N TYR B 428 -19.43 -12.44 9.75
CA TYR B 428 -20.41 -11.43 9.36
C TYR B 428 -19.78 -10.05 9.43
N VAL B 429 -20.51 -9.08 8.89
CA VAL B 429 -20.17 -7.66 9.06
C VAL B 429 -21.46 -6.91 9.32
N PHE B 430 -21.64 -6.46 10.55
CA PHE B 430 -22.83 -5.70 10.91
C PHE B 430 -22.71 -4.28 10.37
N GLU B 431 -23.66 -3.87 9.53
CA GLU B 431 -23.53 -2.58 8.86
C GLU B 431 -24.86 -1.84 8.81
N HIS B 432 -25.71 -2.00 9.82
CA HIS B 432 -26.95 -1.26 9.93
C HIS B 432 -26.82 -0.24 11.03
N ARG B 433 -26.85 1.04 10.67
CA ARG B 433 -26.84 2.11 11.65
C ARG B 433 -28.23 2.21 12.27
N ALA B 434 -28.29 2.11 13.60
CA ALA B 434 -29.57 2.17 14.29
C ALA B 434 -30.20 3.55 14.12
N SER B 435 -31.53 3.56 13.98
CA SER B 435 -32.24 4.83 13.85
C SER B 435 -32.21 5.62 15.15
N THR B 436 -32.16 4.93 16.29
CA THR B 436 -32.10 5.55 17.61
C THR B 436 -30.68 5.94 18.01
N LEU B 437 -29.72 5.86 17.09
CA LEU B 437 -28.33 6.10 17.42
C LEU B 437 -28.07 7.60 17.60
N SER B 438 -27.49 7.94 18.75
CA SER B 438 -27.23 9.34 19.08
C SER B 438 -25.89 9.84 18.56
N TRP B 439 -24.97 8.94 18.20
CA TRP B 439 -23.67 9.35 17.70
C TRP B 439 -23.81 9.99 16.33
N PRO B 440 -22.82 10.78 15.91
CA PRO B 440 -22.91 11.47 14.61
C PRO B 440 -22.92 10.49 13.45
N LEU B 441 -23.21 11.03 12.27
CA LEU B 441 -23.29 10.21 11.06
C LEU B 441 -21.93 9.86 10.50
N TRP B 442 -20.89 10.64 10.82
CA TRP B 442 -19.56 10.31 10.32
C TRP B 442 -18.96 9.11 11.02
N MET B 443 -19.60 8.61 12.08
CA MET B 443 -19.17 7.40 12.75
C MET B 443 -19.79 6.14 12.16
N GLY B 444 -20.77 6.28 11.26
CA GLY B 444 -21.36 5.12 10.61
C GLY B 444 -22.00 4.18 11.61
N VAL B 445 -21.59 2.92 11.55
CA VAL B 445 -22.03 1.90 12.50
C VAL B 445 -20.91 1.69 13.51
N PRO B 446 -20.92 2.39 14.64
CA PRO B 446 -19.75 2.42 15.52
C PRO B 446 -19.63 1.15 16.36
N HIS B 447 -18.54 1.08 17.12
CA HIS B 447 -18.18 -0.11 17.88
C HIS B 447 -19.21 -0.39 18.96
N GLY B 448 -19.68 -1.63 19.02
CA GLY B 448 -20.53 -2.06 20.11
C GLY B 448 -22.00 -1.73 19.95
N TYR B 449 -22.46 -1.42 18.74
CA TYR B 449 -23.86 -1.07 18.52
C TYR B 449 -24.59 -2.10 17.66
N GLU B 450 -24.19 -3.37 17.79
CA GLU B 450 -24.98 -4.50 17.33
C GLU B 450 -25.57 -5.30 18.48
N ILE B 451 -25.11 -5.05 19.71
CA ILE B 451 -25.60 -5.79 20.87
C ILE B 451 -27.09 -5.54 21.07
N GLU B 452 -27.54 -4.31 20.80
CA GLU B 452 -28.96 -3.99 20.91
C GLU B 452 -29.81 -4.94 20.08
N PHE B 453 -29.37 -5.23 18.86
CA PHE B 453 -30.16 -6.06 17.95
C PHE B 453 -29.98 -7.54 18.24
N ILE B 454 -28.84 -7.94 18.80
CA ILE B 454 -28.64 -9.35 19.14
C ILE B 454 -29.52 -9.74 20.32
N PHE B 455 -29.64 -8.88 21.31
CA PHE B 455 -30.48 -9.14 22.48
C PHE B 455 -31.94 -8.80 22.26
N GLY B 456 -32.32 -8.36 21.06
CA GLY B 456 -33.71 -8.05 20.79
C GLY B 456 -34.23 -6.84 21.53
N ILE B 457 -33.36 -5.89 21.85
CA ILE B 457 -33.75 -4.65 22.51
C ILE B 457 -34.80 -3.89 21.69
N PRO B 458 -34.77 -3.94 20.35
CA PRO B 458 -35.90 -3.36 19.59
C PRO B 458 -37.27 -3.86 20.02
N LEU B 459 -37.39 -5.13 20.43
CA LEU B 459 -38.69 -5.65 20.83
C LEU B 459 -39.25 -4.94 22.06
N ASP B 460 -38.41 -4.25 22.82
CA ASP B 460 -38.86 -3.53 24.01
C ASP B 460 -39.85 -2.44 23.62
N PRO B 461 -41.10 -2.49 24.08
CA PRO B 461 -42.06 -1.44 23.73
C PRO B 461 -41.70 -0.08 24.32
N SER B 462 -40.90 -0.04 25.39
CA SER B 462 -40.49 1.24 25.95
C SER B 462 -39.62 2.02 24.97
N ARG B 463 -38.77 1.32 24.21
CA ARG B 463 -37.93 1.96 23.23
C ARG B 463 -38.71 2.25 21.95
N ASN B 464 -38.30 3.30 21.25
CA ASN B 464 -38.99 3.73 20.03
C ASN B 464 -38.18 3.33 18.79
N TYR B 465 -38.04 2.01 18.61
CA TYR B 465 -37.31 1.49 17.47
C TYR B 465 -38.20 1.44 16.23
N THR B 466 -37.55 1.17 15.10
CA THR B 466 -38.23 1.17 13.81
C THR B 466 -38.94 -0.16 13.58
N ALA B 467 -40.06 -0.09 12.84
CA ALA B 467 -40.85 -1.29 12.55
C ALA B 467 -40.01 -2.37 11.88
N GLU B 468 -39.28 -2.03 10.82
CA GLU B 468 -38.45 -3.03 10.14
C GLU B 468 -37.16 -3.33 10.92
N GLU B 469 -36.76 -2.46 11.84
CA GLU B 469 -35.69 -2.82 12.77
C GLU B 469 -36.13 -3.88 13.75
N LYS B 470 -37.45 -4.06 13.94
CA LYS B 470 -37.94 -5.08 14.86
C LYS B 470 -37.84 -6.47 14.24
N ILE B 471 -38.11 -6.59 12.94
CA ILE B 471 -37.94 -7.88 12.27
C ILE B 471 -36.47 -8.15 12.00
N PHE B 472 -35.67 -7.09 11.83
CA PHE B 472 -34.24 -7.27 11.66
C PHE B 472 -33.61 -7.87 12.93
N ALA B 473 -34.01 -7.37 14.10
CA ALA B 473 -33.53 -7.94 15.35
C ALA B 473 -33.99 -9.39 15.51
N GLN B 474 -35.26 -9.65 15.20
CA GLN B 474 -35.77 -11.02 15.31
C GLN B 474 -35.03 -11.98 14.40
N ARG B 475 -34.48 -11.48 13.29
CA ARG B 475 -33.70 -12.33 12.40
C ARG B 475 -32.32 -12.60 12.97
N LEU B 476 -31.68 -11.59 13.56
CA LEU B 476 -30.37 -11.79 14.17
C LEU B 476 -30.45 -12.71 15.38
N MET B 477 -31.54 -12.61 16.16
CA MET B 477 -31.70 -13.50 17.30
C MET B 477 -31.82 -14.95 16.87
N ARG B 478 -32.45 -15.18 15.71
CA ARG B 478 -32.57 -16.55 15.23
C ARG B 478 -31.24 -17.07 14.70
N TYR B 479 -30.44 -16.20 14.07
CA TYR B 479 -29.10 -16.58 13.63
C TYR B 479 -28.25 -17.01 14.83
N TRP B 480 -28.18 -16.17 15.86
CA TRP B 480 -27.42 -16.53 17.06
C TRP B 480 -27.99 -17.76 17.73
N ALA B 481 -29.31 -17.92 17.73
CA ALA B 481 -29.92 -19.11 18.33
C ALA B 481 -29.65 -20.35 17.51
N ASN B 482 -29.68 -20.22 16.17
CA ASN B 482 -29.35 -21.34 15.30
C ASN B 482 -27.88 -21.73 15.41
N PHE B 483 -27.02 -20.84 15.90
CA PHE B 483 -25.64 -21.22 16.16
C PHE B 483 -25.52 -21.96 17.49
N ALA B 484 -26.26 -21.53 18.50
CA ALA B 484 -26.16 -22.17 19.81
C ALA B 484 -26.72 -23.59 19.77
N ARG B 485 -27.84 -23.78 19.06
CA ARG B 485 -28.45 -25.11 18.98
C ARG B 485 -27.65 -26.05 18.09
N THR B 486 -27.35 -25.62 16.87
CA THR B 486 -26.81 -26.50 15.84
C THR B 486 -25.35 -26.24 15.48
N GLY B 487 -24.83 -25.06 15.78
CA GLY B 487 -23.52 -24.68 15.27
C GLY B 487 -23.53 -24.12 13.88
N ASP B 488 -24.71 -23.82 13.33
CA ASP B 488 -24.88 -23.32 11.98
C ASP B 488 -25.93 -22.22 11.99
N PRO B 489 -25.55 -20.96 11.74
CA PRO B 489 -26.54 -19.88 11.83
C PRO B 489 -27.65 -19.98 10.79
N ASN B 490 -27.32 -20.41 9.57
CA ASN B 490 -28.33 -20.55 8.51
C ASN B 490 -29.04 -21.90 8.59
N GLU B 491 -29.46 -22.26 9.81
CA GLU B 491 -30.19 -23.50 10.00
C GLU B 491 -31.49 -23.59 9.18
N PRO B 492 -32.28 -22.53 9.01
CA PRO B 492 -33.47 -22.64 8.14
C PRO B 492 -33.11 -23.08 6.73
N ARG B 493 -33.71 -24.19 6.31
CA ARG B 493 -33.52 -24.75 4.96
C ARG B 493 -34.37 -23.99 3.95
N ASP B 494 -34.19 -22.67 3.93
CA ASP B 494 -35.00 -21.80 3.10
C ASP B 494 -34.31 -21.57 1.77
N PRO B 495 -34.88 -22.05 0.66
CA PRO B 495 -34.36 -21.65 -0.66
C PRO B 495 -34.70 -20.22 -1.02
N LYS B 496 -35.65 -19.60 -0.32
CA LYS B 496 -36.01 -18.20 -0.55
C LYS B 496 -35.03 -17.23 0.11
N ALA B 497 -34.33 -17.66 1.16
CA ALA B 497 -33.35 -16.88 1.88
C ALA B 497 -31.94 -17.31 1.51
N PRO B 498 -31.03 -16.37 1.29
CA PRO B 498 -29.66 -16.74 0.93
C PRO B 498 -28.98 -17.52 2.04
N GLN B 499 -28.02 -18.34 1.66
CA GLN B 499 -27.28 -19.16 2.61
C GLN B 499 -26.08 -18.40 3.16
N TRP B 500 -25.66 -18.78 4.37
CA TRP B 500 -24.51 -18.19 5.03
C TRP B 500 -23.33 -19.15 4.89
N PRO B 501 -22.41 -18.91 3.97
CA PRO B 501 -21.31 -19.86 3.76
C PRO B 501 -20.27 -19.75 4.85
N PRO B 502 -19.62 -20.86 5.21
CA PRO B 502 -18.55 -20.79 6.21
C PRO B 502 -17.37 -19.99 5.71
N TYR B 503 -16.69 -19.33 6.65
CA TYR B 503 -15.49 -18.59 6.33
C TYR B 503 -14.31 -19.53 6.21
N THR B 504 -13.56 -19.41 5.12
CA THR B 504 -12.38 -20.22 4.88
C THR B 504 -11.19 -19.32 4.60
N ALA B 505 -9.99 -19.90 4.73
CA ALA B 505 -8.77 -19.12 4.54
C ALA B 505 -8.61 -18.64 3.11
N GLY B 506 -9.14 -19.39 2.14
CA GLY B 506 -9.00 -19.02 0.75
C GLY B 506 -10.14 -18.17 0.21
N ALA B 507 -11.36 -18.71 0.27
CA ALA B 507 -12.51 -17.98 -0.23
C ALA B 507 -12.78 -16.73 0.60
N GLN B 508 -12.69 -16.84 1.93
CA GLN B 508 -12.86 -15.72 2.84
C GLN B 508 -14.22 -15.06 2.66
N GLN B 509 -15.27 -15.87 2.76
CA GLN B 509 -16.63 -15.42 2.54
C GLN B 509 -17.31 -15.04 3.86
N TYR B 510 -18.00 -13.91 3.85
CA TYR B 510 -18.81 -13.47 4.98
C TYR B 510 -20.10 -12.89 4.45
N VAL B 511 -21.07 -12.70 5.34
CA VAL B 511 -22.35 -12.10 4.98
C VAL B 511 -22.47 -10.74 5.65
N SER B 512 -23.26 -9.87 5.03
CA SER B 512 -23.54 -8.55 5.58
C SER B 512 -24.88 -8.56 6.29
N LEU B 513 -24.92 -7.94 7.47
CA LEU B 513 -26.11 -7.91 8.31
C LEU B 513 -26.67 -6.49 8.30
N ASP B 514 -27.86 -6.33 7.73
CA ASP B 514 -28.57 -5.06 7.69
C ASP B 514 -30.02 -5.34 7.37
N LEU B 515 -30.78 -4.29 7.02
CA LEU B 515 -32.19 -4.47 6.70
C LEU B 515 -32.36 -5.36 5.48
N ARG B 516 -31.49 -5.21 4.49
CA ARG B 516 -31.53 -6.05 3.30
C ARG B 516 -31.19 -7.49 3.66
N PRO B 517 -31.65 -8.47 2.86
CA PRO B 517 -31.32 -9.87 3.14
C PRO B 517 -29.83 -10.16 3.01
N LEU B 518 -29.46 -11.42 3.23
CA LEU B 518 -28.04 -11.79 3.31
C LEU B 518 -27.33 -11.53 1.99
N GLU B 519 -26.19 -10.84 2.07
CA GLU B 519 -25.32 -10.58 0.93
C GLU B 519 -23.97 -11.19 1.24
N VAL B 520 -23.57 -12.18 0.45
CA VAL B 520 -22.32 -12.90 0.66
C VAL B 520 -21.20 -12.14 -0.04
N ARG B 521 -20.23 -11.66 0.74
CA ARG B 521 -19.08 -10.95 0.22
C ARG B 521 -17.82 -11.79 0.41
N ARG B 522 -16.72 -11.29 -0.15
CA ARG B 522 -15.42 -11.94 -0.03
C ARG B 522 -14.36 -10.92 0.33
N GLY B 523 -13.47 -11.31 1.24
CA GLY B 523 -12.37 -10.44 1.63
C GLY B 523 -12.67 -9.52 2.78
N LEU B 524 -12.36 -9.97 3.99
CA LEU B 524 -12.57 -9.18 5.20
C LEU B 524 -11.38 -8.23 5.36
N ARG B 525 -11.41 -7.15 4.57
CA ARG B 525 -10.33 -6.17 4.53
C ARG B 525 -8.99 -6.84 4.20
N ALA B 526 -8.97 -7.58 3.10
CA ALA B 526 -7.84 -8.44 2.79
C ALA B 526 -6.58 -7.63 2.48
N GLN B 527 -6.70 -6.58 1.67
CA GLN B 527 -5.53 -5.79 1.31
C GLN B 527 -4.93 -5.09 2.51
N ALA B 528 -5.77 -4.67 3.46
CA ALA B 528 -5.25 -3.97 4.64
C ALA B 528 -4.70 -4.94 5.67
N CYS B 529 -5.38 -6.05 5.90
CA CYS B 529 -4.92 -6.99 6.92
C CYS B 529 -3.67 -7.74 6.50
N ALA B 530 -3.38 -7.80 5.19
CA ALA B 530 -2.08 -8.31 4.76
C ALA B 530 -0.96 -7.42 5.24
N PHE B 531 -1.23 -6.13 5.41
CA PHE B 531 -0.22 -5.22 5.95
C PHE B 531 -0.06 -5.41 7.45
N TRP B 532 -1.17 -5.52 8.18
CA TRP B 532 -1.09 -5.58 9.63
C TRP B 532 -0.62 -6.94 10.11
N ASN B 533 -1.12 -8.01 9.49
CA ASN B 533 -0.86 -9.35 9.98
C ASN B 533 0.40 -9.98 9.41
N ARG B 534 0.91 -9.49 8.29
CA ARG B 534 2.05 -10.10 7.61
C ARG B 534 3.24 -9.16 7.52
N PHE B 535 3.10 -8.01 6.85
CA PHE B 535 4.27 -7.18 6.60
C PHE B 535 4.74 -6.46 7.86
N LEU B 536 3.82 -5.78 8.54
CA LEU B 536 4.21 -4.98 9.71
C LEU B 536 4.95 -5.79 10.77
N PRO B 537 4.56 -7.02 11.13
CA PRO B 537 5.40 -7.78 12.07
C PRO B 537 6.81 -8.00 11.55
N LYS B 538 6.97 -8.29 10.26
CA LYS B 538 8.30 -8.42 9.69
C LYS B 538 9.05 -7.10 9.70
N LEU B 539 8.33 -5.98 9.67
CA LEU B 539 8.97 -4.68 9.72
C LEU B 539 9.45 -4.34 11.13
N LEU B 540 8.67 -4.73 12.15
CA LEU B 540 9.05 -4.40 13.52
C LEU B 540 10.26 -5.22 13.97
N SER B 541 10.29 -6.51 13.63
CA SER B 541 11.41 -7.36 14.04
C SER B 541 12.68 -7.08 13.25
N ALA B 542 12.61 -6.25 12.21
CA ALA B 542 13.78 -5.88 11.42
C ALA B 542 14.13 -4.40 11.53
N THR B 543 13.51 -3.69 12.47
CA THR B 543 13.78 -2.27 12.66
C THR B 543 14.26 -2.00 14.09
C1 NAG C . 6.36 -19.29 -21.90
C2 NAG C . 6.25 -20.47 -20.92
C3 NAG C . 7.42 -20.57 -19.94
C4 NAG C . 8.77 -20.38 -20.63
C5 NAG C . 8.70 -19.09 -21.48
C6 NAG C . 9.99 -18.73 -22.18
C7 NAG C . 3.88 -21.02 -20.47
C8 NAG C . 2.72 -20.72 -19.56
N2 NAG C . 5.01 -20.35 -20.19
O3 NAG C . 7.33 -21.83 -19.32
O4 NAG C . 9.72 -20.30 -19.59
O5 NAG C . 7.67 -19.25 -22.44
O6 NAG C . 10.61 -19.91 -22.62
O7 NAG C . 3.79 -21.83 -21.38
C1 NAG C . 10.83 -21.20 -19.79
C2 NAG C . 11.84 -20.94 -18.67
C3 NAG C . 12.79 -22.12 -18.43
C4 NAG C . 12.80 -23.20 -19.52
C5 NAG C . 11.48 -23.35 -20.30
C6 NAG C . 11.04 -24.80 -20.38
C7 NAG C . 12.29 -18.50 -18.87
C8 NAG C . 13.35 -17.49 -19.25
N2 NAG C . 12.66 -19.79 -18.97
O3 NAG C . 12.50 -22.66 -17.16
O4 NAG C . 13.89 -22.91 -20.37
O5 NAG C . 10.47 -22.57 -19.72
O6 NAG C . 11.80 -25.58 -19.49
O7 NAG C . 11.17 -18.15 -18.53
C1 FUC C . 10.96 -19.83 -24.01
C2 FUC C . 11.81 -21.06 -24.36
C3 FUC C . 10.96 -22.32 -24.21
C4 FUC C . 9.72 -22.22 -25.12
C5 FUC C . 8.96 -20.93 -24.78
C6 FUC C . 7.79 -20.65 -25.70
O2 FUC C . 12.94 -21.07 -23.52
O3 FUC C . 11.77 -23.43 -24.49
O4 FUC C . 10.15 -22.27 -26.46
O5 FUC C . 9.81 -19.79 -24.83
C1 NAG D . -13.47 19.77 16.83
C2 NAG D . -12.33 20.73 16.40
C3 NAG D . -11.54 21.30 17.58
C4 NAG D . -11.43 20.39 18.80
C5 NAG D . -12.58 19.41 18.95
C6 NAG D . -12.95 19.25 20.41
C7 NAG D . -11.27 19.92 14.25
C8 NAG D . -12.47 20.36 13.45
N2 NAG D . -11.32 20.12 15.58
O3 NAG D . -12.06 22.57 17.89
O4 NAG D . -10.23 19.66 18.68
O5 NAG D . -13.69 19.87 18.22
O6 NAG D . -12.81 20.50 21.03
O7 NAG D . -10.31 19.39 13.71
C1 NAG D . -9.05 20.31 19.21
C2 NAG D . -9.38 21.18 20.43
C3 NAG D . -8.34 21.05 21.56
C4 NAG D . -6.92 20.73 21.11
C5 NAG D . -6.88 19.92 19.81
C6 NAG D . -5.78 18.88 19.76
C7 NAG D . -9.57 23.70 20.69
C8 NAG D . -9.69 24.93 19.83
N2 NAG D . -9.50 22.55 19.99
O3 NAG D . -8.82 20.11 22.50
O4 NAG D . -6.28 21.98 20.88
O5 NAG D . -8.13 19.32 19.62
O6 NAG D . -5.03 19.03 18.58
O7 NAG D . -9.55 23.80 21.91
C1 BMA D . -5.50 22.51 21.98
C2 BMA D . -5.48 24.01 21.71
C3 BMA D . -4.92 24.81 22.89
C4 BMA D . -5.51 24.43 24.26
C5 BMA D . -6.07 23.00 24.40
C6 BMA D . -7.45 22.95 25.04
O2 BMA D . -6.77 24.43 21.33
O3 BMA D . -5.12 26.17 22.56
O4 BMA D . -4.46 24.64 25.19
O5 BMA D . -6.08 22.17 23.24
O6 BMA D . -8.32 23.80 24.31
C1 FUC D . -13.87 20.74 22.00
C2 FUC D . -13.71 22.18 22.53
C3 FUC D . -14.05 23.20 21.44
C4 FUC D . -15.48 22.94 20.94
C5 FUC D . -15.55 21.51 20.42
C6 FUC D . -16.93 21.08 19.95
O2 FUC D . -12.39 22.33 23.01
O3 FUC D . -13.86 24.48 21.98
O4 FUC D . -16.37 23.18 22.00
O5 FUC D . -15.14 20.58 21.43
C1 GIV E . -9.37 -26.88 38.82
C2 GIV E . -8.90 -25.40 39.09
C3 GIV E . -8.38 -24.85 37.74
C4 GIV E . -9.46 -25.01 36.65
C5 GIV E . -9.81 -26.48 36.53
C6 GIV E . -10.87 -26.59 35.40
O3 GIV E . -8.04 -23.49 37.65
O4 GIV E . -10.59 -24.26 37.01
O5 GIV E . -10.30 -26.98 37.74
O6 GIV E . -12.01 -25.90 35.82
O2 GIV E . -7.77 -25.54 39.91
C1 SIA E . -6.56 -23.38 35.73
C2 SIA E . -6.71 -23.17 37.29
C3 SIA E . -5.62 -23.96 38.02
C4 SIA E . -4.41 -23.07 38.34
C5 SIA E . -4.79 -21.79 39.19
C6 SIA E . -6.22 -21.26 38.75
C7 SIA E . -7.33 -21.49 39.87
C8 SIA E . -8.57 -20.58 39.81
C9 SIA E . -9.19 -20.46 41.23
C10 SIA E . -4.10 -19.46 39.72
C11 SIA E . -3.13 -18.30 39.38
N5 SIA E . -3.77 -20.73 39.02
O1A SIA E . -5.96 -24.62 35.50
O1B SIA E . -5.62 -22.40 35.34
O4 SIA E . -3.49 -23.81 39.09
O6 SIA E . -6.63 -21.77 37.48
O7 SIA E . -6.68 -21.36 41.09
O8 SIA E . -9.47 -21.31 39.03
O9 SIA E . -10.36 -19.73 41.03
O10 SIA E . -3.99 -19.81 41.09
S SO4 F . 3.70 -15.24 -0.46
O1 SO4 F . 3.55 -14.03 -1.34
O2 SO4 F . 3.42 -16.48 -1.25
O3 SO4 F . 5.10 -15.29 0.07
O4 SO4 F . 2.73 -15.16 0.68
S SO4 G . 9.74 13.24 -3.50
O1 SO4 G . 10.31 13.95 -4.69
O2 SO4 G . 8.43 12.61 -3.87
O3 SO4 G . 10.70 12.17 -3.06
O4 SO4 G . 9.54 14.21 -2.37
S SO4 H . -1.78 22.53 -6.91
O1 SO4 H . -1.47 23.98 -6.68
O2 SO4 H . -2.43 22.37 -8.25
O3 SO4 H . -0.50 21.76 -6.85
O4 SO4 H . -2.70 22.04 -5.83
S SO4 I . -7.54 3.81 -28.03
O1 SO4 I . -8.29 5.10 -28.02
O2 SO4 I . -8.15 2.88 -29.04
O3 SO4 I . -6.11 4.07 -28.41
O4 SO4 I . -7.61 3.18 -26.66
S SO4 J . -9.10 9.93 -13.26
O1 SO4 J . -9.61 11.01 -14.15
O2 SO4 J . -10.22 9.46 -12.37
O3 SO4 J . -8.59 8.78 -14.07
O4 SO4 J . -7.99 10.48 -12.40
S SO4 K . 13.46 8.49 -49.39
O1 SO4 K . 13.09 9.78 -50.05
O2 SO4 K . 12.48 8.19 -48.29
O3 SO4 K . 13.43 7.39 -50.39
O4 SO4 K . 14.84 8.59 -48.81
S SO4 L . 18.98 -8.75 3.35
O1 SO4 L . 19.51 -7.63 2.49
O2 SO4 L . 17.49 -8.81 3.24
O3 SO4 L . 19.56 -10.05 2.89
O4 SO4 L . 19.36 -8.50 4.77
S SO4 M . 38.22 24.49 -49.93
O1 SO4 M . 38.34 25.85 -50.57
O2 SO4 M . 38.14 23.44 -50.99
O3 SO4 M . 39.44 24.25 -49.08
O4 SO4 M . 37.00 24.45 -49.08
S SO4 N . 14.02 17.79 0.69
O1 SO4 N . 13.82 18.21 -0.74
O2 SO4 N . 12.88 16.91 1.10
O3 SO4 N . 15.30 17.02 0.79
O4 SO4 N . 14.08 19.00 1.56
S SO4 O . 35.54 -12.45 -28.11
O1 SO4 O . 35.87 -12.79 -29.53
O2 SO4 O . 34.62 -13.48 -27.54
O3 SO4 O . 36.81 -12.41 -27.30
O4 SO4 O . 34.87 -11.11 -28.06
S SO4 P . 17.97 3.06 -45.36
O1 SO4 P . 19.00 2.29 -46.14
O2 SO4 P . 16.67 3.07 -46.10
O3 SO4 P . 17.78 2.40 -44.02
O4 SO4 P . 18.44 4.47 -45.17
S SO4 Q . 5.64 11.87 -5.93
O1 SO4 Q . 6.41 12.74 -6.87
O2 SO4 Q . 4.62 11.09 -6.70
O3 SO4 Q . 6.58 10.90 -5.26
O4 SO4 Q . 4.98 12.72 -4.90
S SO4 R . -8.30 3.34 -43.02
O1 SO4 R . -7.89 4.16 -44.22
O2 SO4 R . -9.48 2.50 -43.37
O3 SO4 R . -7.16 2.46 -42.61
O4 SO4 R . -8.67 4.26 -41.90
C1 GOL S . 9.91 31.61 -20.91
O1 GOL S . 11.23 31.82 -20.48
C2 GOL S . 9.90 31.31 -22.41
O2 GOL S . 8.63 30.84 -22.76
C3 GOL S . 10.27 32.55 -23.21
O3 GOL S . 10.45 32.18 -24.55
C1 GOL T . 32.17 23.80 -32.99
O1 GOL T . 31.03 23.91 -33.81
C2 GOL T . 31.74 23.65 -31.54
O2 GOL T . 31.08 22.42 -31.39
C3 GOL T . 32.94 23.78 -30.62
O3 GOL T . 32.48 23.85 -29.29
C1 GOL U . 29.62 6.69 -3.98
O1 GOL U . 30.61 7.67 -4.23
C2 GOL U . 29.88 5.50 -4.88
O2 GOL U . 31.20 5.05 -4.64
C3 GOL U . 28.87 4.40 -4.62
O3 GOL U . 29.18 3.30 -5.46
C1 GOL V . 18.88 8.78 -46.53
O1 GOL V . 19.60 7.75 -47.17
C2 GOL V . 17.48 8.28 -46.22
O2 GOL V . 17.57 7.02 -45.59
C3 GOL V . 16.75 9.30 -45.35
O3 GOL V . 15.53 8.72 -44.94
C1 GOL W . -5.55 23.00 -37.42
O1 GOL W . -5.18 22.31 -38.59
C2 GOL W . -5.55 22.04 -36.25
O2 GOL W . -5.69 22.79 -35.06
C3 GOL W . -6.68 21.03 -36.39
O3 GOL W . -6.41 20.23 -37.52
C1 GOL X . 45.85 6.55 -12.56
O1 GOL X . 46.78 5.60 -12.11
C2 GOL X . 46.54 7.85 -12.87
O2 GOL X . 47.84 7.57 -13.33
C3 GOL X . 45.75 8.63 -13.91
O3 GOL X . 45.47 9.92 -13.39
C1 GOL Y . 31.85 30.54 -47.74
O1 GOL Y . 30.46 30.65 -47.56
C2 GOL Y . 32.16 29.26 -48.49
O2 GOL Y . 31.39 29.23 -49.67
C3 GOL Y . 33.64 29.18 -48.79
O3 GOL Y . 33.85 28.07 -49.63
C1 GOL Z . -7.25 19.13 -30.59
O1 GOL Z . -6.50 20.23 -30.13
C2 GOL Z . -7.48 19.28 -32.08
O2 GOL Z . -6.23 19.37 -32.73
C3 GOL Z . -8.28 18.09 -32.61
O3 GOL Z . -8.28 18.17 -34.02
C1 GOL AA . -8.41 -18.05 -6.67
O1 GOL AA . -8.27 -16.99 -5.74
C2 GOL AA . -7.40 -17.90 -7.78
O2 GOL AA . -7.58 -16.63 -8.39
C3 GOL AA . -6.00 -18.03 -7.21
O3 GOL AA . -5.88 -17.09 -6.17
N1 EPE BA . -10.64 -15.53 -9.20
C2 EPE BA . -11.95 -15.00 -8.86
C3 EPE BA . -12.61 -15.86 -7.80
N4 EPE BA . -12.75 -17.23 -8.25
C5 EPE BA . -11.45 -17.77 -8.64
C6 EPE BA . -10.78 -16.90 -9.69
C7 EPE BA . -13.42 -18.09 -7.28
C8 EPE BA . -12.52 -18.85 -6.32
O8 EPE BA . -11.99 -17.97 -5.36
C9 EPE BA . -9.93 -14.71 -10.16
C10 EPE BA . -10.53 -14.78 -11.56
S EPE BA . -11.09 -13.19 -12.18
O1S EPE BA . -12.13 -12.73 -11.23
O2S EPE BA . -11.59 -13.45 -13.53
O3S EPE BA . -9.88 -12.32 -12.17
C03 A1IAS CA . 5.11 -2.84 -32.80
C04 A1IAS CA . 5.92 -1.73 -32.12
C05 A1IAS CA . 6.22 -0.50 -32.77
C07 A1IAS CA . 6.96 0.49 -32.11
C08 A1IAS CA . 7.41 0.28 -30.80
C09 A1IAS CA . 7.09 -0.96 -30.16
C10 A1IAS CA . 7.56 -1.26 -28.69
C11 A1IAS CA . 8.40 -2.57 -28.48
C12 A1IAS CA . 9.92 -2.40 -28.14
C13 A1IAS CA . 10.19 -1.84 -26.67
C15 A1IAS CA . 12.52 -0.73 -26.98
C16 A1IAS CA . 13.28 -1.89 -27.05
C17 A1IAS CA . 14.65 -1.81 -27.48
C19 A1IAS CA . 14.53 0.53 -27.78
C20 A1IAS CA . 13.16 0.53 -27.37
C21 A1IAS CA . 12.49 1.79 -27.35
C22 A1IAS CA . 13.10 2.97 -27.71
C23 A1IAS CA . 14.45 2.97 -28.13
C24 A1IAS CA . 15.14 1.77 -28.16
N02 A1IAS CA . 5.57 -3.46 -33.87
N14 A1IAS CA . 11.14 -0.71 -26.56
N18 A1IAS CA . 15.25 -0.68 -27.83
N25 A1IAS CA . 6.37 -1.91 -30.83
O01 A1IAS CA . 6.77 -3.03 -34.32
O06 A1IAS CA . 5.78 -0.31 -34.06
CL CL DA . -2.05 4.01 -8.09
CL CL EA . -3.52 7.09 -8.85
CL CL FA . -0.57 4.37 -16.41
CL CL GA . 7.69 -13.63 -35.08
CL CL HA . 25.81 2.32 -7.42
CL CL IA . -6.36 24.86 -25.91
CL CL JA . -12.98 31.56 -24.85
CL CL KA . -11.00 29.09 -22.63
CL CL LA . -8.84 27.23 -20.87
CL CL MA . 24.08 -10.76 -15.44
CL CL NA . 4.97 30.11 -14.46
CL CL OA . -3.00 6.22 -11.90
CL CL PA . -3.88 2.09 -10.12
CL CL QA . 30.42 1.61 -3.30
CL CL RA . 17.07 -4.81 -21.11
CL CL SA . 30.48 -5.73 -11.11
CL CL TA . 16.32 -1.19 -24.17
CL CL UA . 11.98 7.12 -8.51
CL CL VA . 10.17 0.65 -38.10
NA NA WA . 18.31 -6.10 -19.26
NA NA XA . -1.82 0.37 -7.51
NA NA YA . -4.96 4.31 -11.25
NA NA ZA . -11.48 -5.09 -2.91
NA NA AB . -6.05 27.59 -20.25
NA NA BB . 22.70 -13.48 -14.69
NA NA CB . 3.15 10.13 -8.49
NA NA DB . 37.54 -2.40 -33.79
NA NA EB . 8.91 29.44 -15.01
NA NA FB . 22.59 -0.49 -12.76
NA NA GB . 22.25 1.45 -11.35
NA NA HB . 22.56 -3.30 -9.89
NA NA IB . -1.44 -3.83 0.34
NA NA JB . -2.28 -2.17 -2.22
NA NA KB . 23.38 0.47 -8.95
NA NA LB . 20.15 -1.59 -8.93
NA NA MB . 22.18 -9.95 -19.29
NA NA NB . 26.62 -10.81 -22.71
NA NA OB . 3.70 14.94 -5.45
NA NA PB . 3.48 23.28 -13.64
NA NA QB . -1.44 3.81 -1.03
NA NA RB . 4.31 -10.62 3.90
NA NA SB . 15.21 -6.84 -18.83
NA NA TB . -2.77 -3.61 -5.78
NA NA UB . 16.64 -9.99 -19.20
NA NA VB . 8.35 -12.73 -37.79
NA NA WB . 31.21 -4.68 -8.99
NA NA XB . 15.66 -4.50 -28.22
NA NA YB . 7.74 -9.71 -37.81
NA NA ZB . 20.68 3.55 -8.14
NA NA AC . 14.66 0.53 -24.58
NA NA BC . 18.27 4.59 -6.28
NA NA CC . 19.44 -2.98 1.55
NA NA DC . 15.36 3.74 -3.61
NA NA EC . -1.59 6.07 -14.93
NA NA FC . 7.58 4.39 -31.85
NA NA GC . -1.29 25.93 -19.66
NA NA HC . 12.19 28.27 -20.46
NA NA IC . 14.81 3.79 -6.90
NA NA JC . -3.38 23.82 -39.79
NA NA KC . -4.62 22.64 -32.37
NA NA LC . 11.82 3.90 -8.69
NA NA MC . 3.09 -11.97 -31.37
NA NA NC . 3.99 -3.15 -37.26
NA NA OC . 7.27 0.37 -36.54
NA NA PC . -6.89 23.46 -30.92
MG MG QC . 28.53 23.71 -50.76
MG MG RC . 10.12 12.48 3.38
MG MG SC . 17.86 -7.26 -22.81
MG MG TC . 16.40 -4.15 -23.82
MG MG UC . 1.06 -5.33 -19.34
MG MG VC . -9.21 -6.94 -2.42
MG MG WC . 18.94 -9.24 -6.76
MG MG XC . 18.26 -0.71 -6.02
MG MG YC . 20.00 6.26 -8.10
MG MG ZC . 15.89 28.77 -19.89
MG MG AD . 32.53 -13.89 -20.26
MG MG BD . 15.09 8.39 -6.64
MG MG CD . 6.80 22.75 -44.53
S SO4 DD . -10.89 -22.62 0.66
O1 SO4 DD . -10.01 -23.24 -0.39
O2 SO4 DD . -11.69 -21.52 0.04
O3 SO4 DD . -11.81 -23.67 1.22
O4 SO4 DD . -10.01 -22.07 1.75
S SO4 ED . 3.54 13.83 4.49
O1 SO4 ED . 4.17 13.79 3.13
O2 SO4 ED . 2.68 12.62 4.68
O3 SO4 ED . 4.61 13.84 5.54
O4 SO4 ED . 2.70 15.06 4.61
S SO4 FD . -40.08 -27.39 25.69
O1 SO4 FD . -39.69 -26.40 24.64
O2 SO4 FD . -41.16 -28.29 25.17
O3 SO4 FD . -38.90 -28.24 26.07
O4 SO4 FD . -40.58 -26.67 26.90
S SO4 GD . -16.90 -7.82 -2.34
O1 SO4 GD . -15.75 -7.39 -3.20
O2 SO4 GD . -18.02 -6.83 -2.48
O3 SO4 GD . -17.37 -9.18 -2.77
O4 SO4 GD . -16.45 -7.87 -0.91
S SO4 HD . -29.22 -0.33 5.65
O1 SO4 HD . -30.12 0.73 5.11
O2 SO4 HD . -29.71 -1.68 5.23
O3 SO4 HD . -27.83 -0.13 5.11
O4 SO4 HD . -29.21 -0.24 7.14
S SO4 ID . -1.74 -14.78 9.07
O1 SO4 ID . -0.42 -14.08 9.16
O2 SO4 ID . -1.86 -15.42 7.71
O3 SO4 ID . -1.82 -15.84 10.13
O4 SO4 ID . -2.87 -13.81 9.24
S SO4 JD . -23.35 -31.46 18.54
O1 SO4 JD . -22.21 -30.96 17.71
O2 SO4 JD . -24.14 -32.47 17.76
O3 SO4 JD . -22.82 -32.11 19.78
O4 SO4 JD . -24.24 -30.32 18.91
S SO4 KD . -40.77 -18.88 11.87
O1 SO4 KD . -39.82 -18.23 10.91
O2 SO4 KD . -42.16 -18.88 11.28
O3 SO4 KD . -40.35 -20.31 12.10
O4 SO4 KD . -40.79 -18.14 13.17
S SO4 LD . -32.24 -24.10 55.44
O1 SO4 LD . -31.39 -23.31 54.50
O2 SO4 LD . -32.79 -25.30 54.73
O3 SO4 LD . -31.41 -24.55 56.60
O4 SO4 LD . -33.37 -23.25 55.93
S SO4 MD . -12.58 7.97 -3.22
O1 SO4 MD . -12.69 8.98 -4.31
O2 SO4 MD . -12.06 6.68 -3.79
O3 SO4 MD . -11.62 8.47 -2.18
O4 SO4 MD . -13.92 7.73 -2.60
S SO4 ND . -9.15 -3.65 1.59
O1 SO4 ND . -8.59 -2.33 1.15
O2 SO4 ND . -9.15 -4.62 0.44
O3 SO4 ND . -8.30 -4.19 2.71
O4 SO4 ND . -10.55 -3.46 2.08
S SO4 OD . -6.98 17.77 -1.76
O1 SO4 OD . -5.99 17.62 -2.88
O2 SO4 OD . -8.31 17.23 -2.19
O3 SO4 OD . -6.47 17.01 -0.57
O4 SO4 OD . -7.11 19.22 -1.39
C10 A1AAJ PD . -13.61 -28.56 41.70
C01 A1AAJ PD . -16.53 -26.11 43.50
C02 A1AAJ PD . -15.19 -26.79 43.23
C05 A1AAJ PD . -13.74 -27.10 41.16
C06 A1AAJ PD . -12.34 -26.55 40.74
C07 A1AAJ PD . -11.45 -27.52 39.84
C08 A1AAJ PD . -11.86 -29.02 40.06
C12 A1AAJ PD . -12.68 -29.55 38.86
N04 A1AAJ PD . -14.41 -26.15 42.13
O03 A1AAJ PD . -14.39 -26.71 44.40
O09 A1AAJ PD . -12.44 -29.25 41.33
O11 A1AAJ PD . -14.69 -29.32 41.18
O13 A1AAJ PD . -12.92 -30.90 39.13
O14 A1AAJ PD . -10.05 -27.35 39.98
O15 A1AAJ PD . -11.65 -26.53 41.97
C1 GOL QD . -41.18 -5.82 34.06
O1 GOL QD . -41.29 -7.16 34.51
C2 GOL QD . -39.75 -5.36 34.16
O2 GOL QD . -39.68 -4.00 33.78
C3 GOL QD . -39.22 -5.57 35.57
O3 GOL QD . -37.85 -5.25 35.57
C1 GOL RD . -19.03 -1.35 49.46
O1 GOL RD . -19.38 -2.71 49.53
C2 GOL RD . -17.82 -1.20 48.56
O2 GOL RD . -17.38 0.14 48.61
C3 GOL RD . -16.72 -2.16 48.97
O3 GOL RD . -15.59 -1.92 48.17
C1 GOL SD . -5.58 -25.31 22.60
O1 GOL SD . -6.79 -24.98 23.23
C2 GOL SD . -4.66 -24.09 22.59
O2 GOL SD . -4.48 -23.65 23.92
C3 GOL SD . -3.32 -24.46 21.99
O3 GOL SD . -2.61 -23.25 21.76
N1 EPE TD . 8.30 -7.23 27.49
C2 EPE TD . 8.71 -6.34 26.43
C3 EPE TD . 7.66 -5.26 26.17
N4 EPE TD . 6.37 -5.86 25.87
C5 EPE TD . 5.96 -6.71 26.97
C6 EPE TD . 6.99 -7.80 27.20
C7 EPE TD . 5.35 -4.87 25.57
C8 EPE TD . 4.06 -5.43 24.99
O8 EPE TD . 3.13 -5.69 26.01
C9 EPE TD . 9.27 -8.27 27.74
C10 EPE TD . 9.01 -9.03 29.04
S EPE TD . 8.31 -10.68 28.80
O1S EPE TD . 6.85 -10.49 28.83
O2S EPE TD . 8.81 -11.50 29.92
O3S EPE TD . 8.79 -11.14 27.48
C1 GOL UD . 8.56 3.23 26.96
O1 GOL UD . 9.97 3.24 27.11
C2 GOL UD . 8.22 3.44 25.50
O2 GOL UD . 8.69 4.72 25.11
C3 GOL UD . 8.83 2.35 24.65
O3 GOL UD . 8.61 2.68 23.29
C1 GOL VD . -24.95 14.17 12.69
O1 GOL VD . -26.31 14.20 12.35
C2 GOL VD . -24.75 14.70 14.09
O2 GOL VD . -24.98 16.09 14.09
C3 GOL VD . -25.69 13.99 15.06
O3 GOL VD . -25.40 14.46 16.36
C ACT WD . -18.56 -0.90 24.84
O ACT WD . -18.43 0.28 24.46
OXT ACT WD . -18.58 -1.92 24.12
CH3 ACT WD . -18.69 -1.11 26.36
CL CL XD . -15.65 -3.62 5.88
CL CL YD . -7.46 -0.41 32.98
CL CL ZD . -1.50 0.01 -0.97
CL CL AE . -36.08 -15.31 11.19
CL CL BE . -14.42 -28.62 21.13
CL CL CE . -6.86 7.71 27.33
CL CL DE . -19.29 -29.32 25.54
CL CL EE . -14.47 -26.72 23.50
CL CL FE . 0.69 -6.05 17.60
CL CL GE . -1.88 -24.72 9.17
CL CL HE . 0.92 -1.28 18.71
CL CL IE . 0.67 2.63 25.28
CL CL JE . -10.35 13.43 21.73
CL CL KE . -12.83 0.68 49.37
CL CL LE . -9.91 -0.49 51.48
CL CL ME . -2.07 -8.25 52.56
CL CL NE . 1.73 -7.75 23.15
CL CL OE . -18.10 -31.65 15.81
CL CL PE . -28.78 3.37 20.98
CL CL QE . -20.60 -30.93 29.56
CL CL RE . -11.18 -6.79 0.55
CL CL SE . -15.17 0.14 24.80
CL CL TE . -15.25 11.57 25.33
CL CL UE . -27.50 -0.44 43.75
NA NA VE . -16.32 -1.14 5.67
NA NA WE . 8.00 -19.22 25.42
NA NA XE . -5.99 -12.71 6.96
NA NA YE . -2.67 -22.07 10.49
NA NA ZE . -1.52 -8.40 17.46
NA NA AF . -13.48 -6.46 42.98
NA NA BF . -14.37 -29.75 18.41
NA NA CF . -28.54 -23.30 16.99
NA NA DF . -7.76 -27.83 24.91
NA NA EF . -16.19 -29.37 23.07
NA NA FF . -16.59 -32.00 12.69
NA NA GF . -1.45 10.58 28.29
NA NA HF . -35.45 -24.32 15.41
NA NA IF . -4.79 9.54 26.15
NA NA JF . -13.19 3.23 48.10
NA NA KF . -13.24 -14.89 46.17
NA NA LF . -21.29 3.13 7.53
NA NA MF . -10.88 -1.34 3.34
NA NA NF . -9.82 4.59 23.15
NA NA OF . -3.93 -0.64 19.75
NA NA PF . -7.26 9.63 43.46
NA NA QF . 6.19 0.47 31.38
NA NA RF . -4.85 12.91 25.20
NA NA SF . -8.17 10.12 26.28
NA NA TF . -27.18 5.84 21.52
NA NA UF . -33.58 -8.37 32.75
NA NA VF . -43.40 -8.06 15.37
NA NA WF . -33.75 -12.72 26.21
NA NA XF . -42.59 -17.06 36.22
NA NA YF . -5.27 -17.17 3.96
NA NA ZF . -17.76 -4.68 29.29
NA NA AG . -10.25 12.15 27.42
NA NA BG . -14.07 5.02 7.86
NA NA CG . -31.78 -24.63 14.75
NA NA DG . -19.71 3.70 21.44
NA NA EG . -1.72 -28.00 21.03
MG MG FG . 12.41 4.53 16.26
MG MG GG . -15.02 5.62 39.26
MG MG HG . -2.81 -12.00 4.30
#